data_4PHT
#
_entry.id   4PHT
#
_cell.length_a   226.430
_cell.length_b   133.900
_cell.length_c   93.490
_cell.angle_alpha   90.00
_cell.angle_beta   91.41
_cell.angle_gamma   90.00
#
_symmetry.space_group_name_H-M   'C 1 2 1'
#
loop_
_entity.id
_entity.type
_entity.pdbx_description
1 polymer 'Type II secretion system protein L'
2 polymer 'General secretory pathway protein E'
3 non-polymer 'ZINC ION'
4 non-polymer 'PHOSPHOAMINOPHOSPHONIC ACID-ADENYLATE ESTER'
5 non-polymer 'MAGNESIUM ION'
6 water water
#
loop_
_entity_poly.entity_id
_entity_poly.type
_entity_poly.pdbx_seq_one_letter_code
_entity_poly.pdbx_strand_id
1 'polypeptide(L)'
;MVSEFLTVRLSSEQYSPIPWLVWSSSQQEVIASGELSDWQQLDDLKNYAEQRPIVVLVAASDVVLTEVDIPPGASRQFES
MLPYLLEDEIAQDVDDLHFSVLAKENGKAQVCGVDRRWLQHMLDAFRAQGLDVKRVLPDSLALPLDDEGISAAQLGEQWL
FRHSACQGSAVDDSWMPVYLNALAGEQPLSVACFSSLPEQQGQAHWLSRPVEMTMALLSQGVADGKFSLLTGEFKPKSLE
HHHHHH
;
X,Y,Z
2 'polypeptide(L)'
;MMVDILDTAPSYRRLPFSFANRFKMVLEVEHPERPPVLYYVEPLNAQALVEVRRVLKQTFVPQAIAAEAFEKKLTEAYQR
DSSEARQLMEDIGSDDDFFSLAEELPQDEDLLETEDDAPIIKLINAMLGEAIKEGASDIHIETFEKILSIRFRVDGVLRD
VLSPSRKLAPLLVSRVKVMAKLDIAEKRVPQDGRISLRIGGRAVDVRVSTMPSSHGERVVMRLLDKNATRLDLHSLGMTP
VNHDNFRHLISRPHGIILVTGPTGSGKSTTLYAGLQELNSNERNILTVEDPIEFDIDGIGQTQVNPKVDMTFARGLRAIL
RQDPDVVMVGEIRDLETAQIAVQASLTGHLVMSTLHTNTAVGAITRLRDMGIEPFLISSSLLGVLAQRLVRTLCQDCKEP
YEADKEQRKLFGAKKKDALTLYRAKGCEKCNHKGYRGRTGIHELLMVDDKVQELIHAEAGEQAMDKYIREHTPSIRSDGL
DKVLQGVTSLEEVMRVTKES
;
A,B,C
#
# COMPACT_ATOMS: atom_id res chain seq x y z
N SER A 3 -4.14 -0.95 15.63
CA SER A 3 -5.41 -1.71 15.43
C SER A 3 -5.22 -3.20 15.72
N GLU A 4 -4.22 -3.80 15.10
CA GLU A 4 -3.85 -5.19 15.33
C GLU A 4 -2.40 -5.31 15.79
N PHE A 5 -2.13 -6.26 16.66
CA PHE A 5 -0.75 -6.53 17.12
C PHE A 5 -0.54 -7.97 17.58
N LEU A 6 0.68 -8.46 17.39
CA LEU A 6 1.04 -9.82 17.80
C LEU A 6 1.63 -9.82 19.21
N THR A 7 1.05 -10.62 20.09
CA THR A 7 1.54 -10.79 21.46
C THR A 7 2.22 -12.15 21.58
N VAL A 8 3.43 -12.16 22.11
CA VAL A 8 4.22 -13.40 22.24
C VAL A 8 4.64 -13.59 23.68
N ARG A 9 4.41 -14.79 24.21
CA ARG A 9 4.71 -15.11 25.60
C ARG A 9 5.94 -15.97 25.69
N LEU A 10 7.02 -15.43 26.22
CA LEU A 10 8.31 -16.13 26.34
C LEU A 10 8.67 -16.40 27.79
N SER A 11 9.66 -17.26 27.97
CA SER A 11 10.20 -17.57 29.29
C SER A 11 11.68 -17.96 29.18
N SER A 12 12.31 -18.19 30.32
CA SER A 12 13.71 -18.61 30.36
C SER A 12 13.94 -20.03 29.81
N GLU A 13 12.96 -20.89 29.98
CA GLU A 13 13.00 -22.27 29.50
C GLU A 13 12.88 -22.33 27.99
N GLN A 14 13.98 -22.59 27.31
CA GLN A 14 14.02 -22.65 25.83
C GLN A 14 13.31 -23.87 25.25
N TYR A 15 13.21 -24.91 26.06
CA TYR A 15 12.44 -26.11 25.68
C TYR A 15 10.92 -25.92 25.81
N SER A 16 10.50 -24.95 26.62
CA SER A 16 9.05 -24.73 26.85
C SER A 16 8.34 -24.07 25.68
N PRO A 17 7.00 -24.29 25.60
CA PRO A 17 6.19 -23.66 24.54
C PRO A 17 6.14 -22.15 24.59
N ILE A 18 5.89 -21.54 23.44
CA ILE A 18 5.81 -20.08 23.30
C ILE A 18 4.43 -19.75 22.76
N PRO A 19 3.47 -19.43 23.63
CA PRO A 19 2.15 -19.02 23.17
C PRO A 19 2.16 -17.65 22.49
N TRP A 20 1.44 -17.53 21.39
CA TRP A 20 1.27 -16.27 20.70
C TRP A 20 -0.19 -16.03 20.27
N LEU A 21 -0.50 -14.79 20.05
CA LEU A 21 -1.87 -14.40 19.69
C LEU A 21 -1.92 -13.05 19.01
N VAL A 22 -2.64 -13.00 17.89
CA VAL A 22 -2.87 -11.75 17.17
C VAL A 22 -4.23 -11.17 17.59
N TRP A 23 -4.19 -10.13 18.42
CA TRP A 23 -5.42 -9.47 18.90
C TRP A 23 -5.73 -8.24 18.09
N SER A 24 -7.03 -7.98 17.89
CA SER A 24 -7.50 -6.78 17.21
C SER A 24 -8.30 -5.90 18.15
N SER A 25 -7.75 -4.74 18.50
CA SER A 25 -8.45 -3.77 19.34
C SER A 25 -9.59 -3.10 18.59
N SER A 26 -9.47 -3.03 17.27
CA SER A 26 -10.50 -2.43 16.42
C SER A 26 -11.77 -3.26 16.39
N GLN A 27 -11.61 -4.57 16.28
CA GLN A 27 -12.75 -5.50 16.23
C GLN A 27 -13.09 -6.13 17.59
N GLN A 28 -12.16 -6.06 18.53
CA GLN A 28 -12.29 -6.74 19.84
C GLN A 28 -12.44 -8.23 19.68
N GLU A 29 -11.55 -8.82 18.88
CA GLU A 29 -11.58 -10.25 18.56
C GLU A 29 -10.18 -10.85 18.38
N VAL A 30 -10.11 -12.17 18.51
CA VAL A 30 -8.87 -12.92 18.26
C VAL A 30 -8.80 -13.26 16.78
N ILE A 31 -7.84 -12.66 16.09
CA ILE A 31 -7.66 -12.90 14.66
C ILE A 31 -6.92 -14.19 14.38
N ALA A 32 -5.84 -14.41 15.12
CA ALA A 32 -5.02 -15.61 14.98
C ALA A 32 -4.47 -16.03 16.32
N SER A 33 -4.20 -17.32 16.44
CA SER A 33 -3.71 -17.91 17.67
C SER A 33 -2.93 -19.20 17.40
N GLY A 34 -1.90 -19.42 18.20
CA GLY A 34 -1.11 -20.65 18.10
C GLY A 34 -0.12 -20.80 19.24
N GLU A 35 0.83 -21.71 19.06
CA GLU A 35 1.85 -21.99 20.06
C GLU A 35 3.10 -22.61 19.41
N LEU A 36 4.26 -21.99 19.60
CA LEU A 36 5.52 -22.61 19.22
C LEU A 36 5.91 -23.61 20.30
N SER A 37 6.51 -24.72 19.90
CA SER A 37 6.95 -25.73 20.86
C SER A 37 8.25 -25.34 21.58
N ASP A 38 9.19 -24.77 20.84
CA ASP A 38 10.53 -24.42 21.33
C ASP A 38 10.88 -23.02 20.85
N TRP A 39 12.05 -22.54 21.23
CA TRP A 39 12.61 -21.31 20.68
C TRP A 39 13.21 -21.53 19.29
N GLN A 40 13.25 -22.78 18.83
CA GLN A 40 13.73 -23.10 17.50
C GLN A 40 12.76 -22.65 16.40
N GLN A 41 11.50 -22.39 16.76
CA GLN A 41 10.47 -21.97 15.79
C GLN A 41 10.25 -20.46 15.69
N LEU A 42 11.23 -19.67 16.10
CA LEU A 42 11.07 -18.21 16.05
C LEU A 42 10.90 -17.69 14.61
N ASP A 43 11.40 -18.46 13.65
CA ASP A 43 11.18 -18.15 12.23
C ASP A 43 9.71 -18.19 11.80
N ASP A 44 8.89 -18.96 12.52
CA ASP A 44 7.47 -19.10 12.19
C ASP A 44 6.63 -17.88 12.54
N LEU A 45 7.16 -17.03 13.40
CA LEU A 45 6.47 -15.79 13.78
C LEU A 45 6.47 -14.70 12.69
N LYS A 46 7.28 -14.88 11.65
CA LYS A 46 7.36 -13.95 10.53
C LYS A 46 6.00 -13.80 9.85
N ASN A 47 5.34 -14.93 9.61
CA ASN A 47 4.07 -14.95 8.90
C ASN A 47 2.93 -14.29 9.65
N TYR A 48 2.97 -14.38 10.96
CA TYR A 48 1.91 -13.83 11.81
C TYR A 48 2.18 -12.36 12.19
N ALA A 49 3.40 -11.92 11.98
CA ALA A 49 3.79 -10.54 12.31
C ALA A 49 3.55 -9.62 11.11
N GLU A 50 4.08 -10.00 9.94
CA GLU A 50 3.89 -9.24 8.70
C GLU A 50 4.11 -7.76 8.95
N GLN A 51 3.02 -7.03 9.20
CA GLN A 51 3.07 -5.59 9.39
C GLN A 51 2.30 -5.23 10.67
N ARG A 52 2.73 -5.81 11.77
CA ARG A 52 2.05 -5.61 13.04
C ARG A 52 3.07 -5.50 14.16
N PRO A 53 2.82 -4.59 15.11
CA PRO A 53 3.71 -4.46 16.26
C PRO A 53 3.77 -5.73 17.09
N ILE A 54 4.97 -6.10 17.51
CA ILE A 54 5.19 -7.28 18.34
C ILE A 54 5.40 -6.85 19.78
N VAL A 55 4.57 -7.41 20.66
CA VAL A 55 4.71 -7.20 22.11
C VAL A 55 5.12 -8.48 22.76
N VAL A 56 6.26 -8.47 23.45
CA VAL A 56 6.76 -9.64 24.14
C VAL A 56 6.29 -9.65 25.58
N LEU A 57 5.61 -10.71 25.98
CA LEU A 57 5.25 -10.95 27.37
C LEU A 57 6.25 -11.91 28.02
N VAL A 58 7.22 -11.35 28.73
CA VAL A 58 8.11 -12.19 29.53
C VAL A 58 7.35 -12.80 30.72
N ALA A 59 7.68 -14.03 31.06
CA ALA A 59 7.07 -14.72 32.19
C ALA A 59 7.46 -14.02 33.47
N ALA A 60 6.46 -13.80 34.33
CA ALA A 60 6.70 -13.12 35.62
C ALA A 60 7.55 -13.95 36.56
N SER A 61 7.63 -15.24 36.29
CA SER A 61 8.53 -16.16 37.00
C SER A 61 9.99 -15.83 36.71
N ASP A 62 10.28 -15.28 35.53
CA ASP A 62 11.65 -14.89 35.12
C ASP A 62 11.93 -13.40 35.33
N VAL A 63 11.25 -12.82 36.31
CA VAL A 63 11.31 -11.39 36.56
C VAL A 63 11.11 -11.15 38.06
N VAL A 64 11.82 -10.16 38.62
CA VAL A 64 11.61 -9.72 40.00
C VAL A 64 10.74 -8.45 40.01
N LEU A 65 9.53 -8.57 40.55
CA LEU A 65 8.64 -7.43 40.75
C LEU A 65 8.49 -7.17 42.25
N THR A 66 9.03 -6.05 42.72
CA THR A 66 9.09 -5.74 44.16
C THR A 66 8.96 -4.24 44.43
N GLU A 67 8.83 -3.91 45.70
CA GLU A 67 8.69 -2.51 46.15
C GLU A 67 9.87 -2.12 47.05
N VAL A 68 10.37 -0.90 46.87
CA VAL A 68 11.48 -0.38 47.67
C VAL A 68 11.23 1.05 48.13
N ASP A 69 11.77 1.37 49.31
CA ASP A 69 11.63 2.70 49.89
C ASP A 69 12.65 3.63 49.27
N ILE A 70 12.17 4.78 48.80
CA ILE A 70 13.05 5.83 48.29
C ILE A 70 13.62 6.60 49.49
N PRO A 71 14.97 6.69 49.60
CA PRO A 71 15.56 7.51 50.65
C PRO A 71 15.13 8.98 50.54
N PRO A 72 14.75 9.61 51.66
CA PRO A 72 14.19 10.98 51.63
C PRO A 72 15.03 11.98 50.84
N GLY A 73 14.39 12.64 49.88
CA GLY A 73 15.01 13.69 49.08
C GLY A 73 16.04 13.19 48.08
N ALA A 74 15.94 11.92 47.73
CA ALA A 74 16.86 11.29 46.76
C ALA A 74 16.07 10.59 45.65
N SER A 75 15.08 11.29 45.12
CA SER A 75 14.23 10.76 44.07
C SER A 75 14.91 10.88 42.70
N ARG A 76 15.63 11.97 42.49
CA ARG A 76 16.32 12.26 41.24
C ARG A 76 17.52 11.32 40.98
N GLN A 77 18.17 10.86 42.05
CA GLN A 77 19.32 9.93 41.96
C GLN A 77 18.93 8.50 42.34
N PHE A 78 17.62 8.24 42.42
CA PHE A 78 17.14 6.98 42.97
C PHE A 78 17.54 5.76 42.13
N GLU A 79 17.45 5.91 40.81
CA GLU A 79 17.65 4.79 39.90
C GLU A 79 19.10 4.26 39.92
N SER A 80 20.04 5.15 40.21
CA SER A 80 21.45 4.78 40.37
C SER A 80 21.69 3.97 41.65
N MET A 81 20.89 4.26 42.67
CA MET A 81 21.00 3.57 43.96
C MET A 81 20.17 2.28 44.02
N LEU A 82 19.46 1.96 42.93
CA LEU A 82 18.45 0.88 42.93
C LEU A 82 19.04 -0.53 43.12
N PRO A 83 20.13 -0.87 42.41
CA PRO A 83 20.71 -2.20 42.57
C PRO A 83 21.25 -2.50 43.97
N TYR A 84 21.79 -1.48 44.61
CA TYR A 84 22.41 -1.63 45.92
C TYR A 84 21.36 -1.83 47.02
N LEU A 85 20.22 -1.16 46.88
CA LEU A 85 19.11 -1.31 47.82
C LEU A 85 18.48 -2.72 47.77
N LEU A 86 18.44 -3.31 46.58
CA LEU A 86 17.90 -4.65 46.36
C LEU A 86 18.94 -5.77 46.42
N GLU A 87 20.20 -5.42 46.68
CA GLU A 87 21.30 -6.39 46.59
C GLU A 87 21.12 -7.62 47.50
N ASP A 88 20.62 -7.39 48.71
CA ASP A 88 20.36 -8.46 49.68
C ASP A 88 19.13 -9.30 49.36
N GLU A 89 18.19 -8.73 48.62
CA GLU A 89 16.87 -9.35 48.36
C GLU A 89 16.79 -10.21 47.08
N ILE A 90 17.85 -10.19 46.26
CA ILE A 90 17.90 -11.07 45.09
C ILE A 90 18.97 -12.16 45.28
N ALA A 91 18.78 -13.26 44.55
CA ALA A 91 19.57 -14.48 44.72
C ALA A 91 20.59 -14.67 43.59
N GLN A 92 21.17 -13.55 43.16
CA GLN A 92 22.32 -13.56 42.26
C GLN A 92 23.03 -12.20 42.30
N ASP A 93 24.08 -12.02 41.50
CA ASP A 93 24.76 -10.73 41.40
C ASP A 93 23.79 -9.70 40.79
N VAL A 94 23.60 -8.59 41.47
CA VAL A 94 22.63 -7.58 41.06
C VAL A 94 23.10 -6.78 39.83
N ASP A 95 24.38 -6.86 39.52
CA ASP A 95 24.91 -6.28 38.28
C ASP A 95 24.38 -6.99 37.03
N ASP A 96 23.96 -8.24 37.18
CA ASP A 96 23.41 -9.01 36.06
C ASP A 96 22.03 -8.54 35.63
N LEU A 97 21.30 -7.92 36.54
CA LEU A 97 19.93 -7.51 36.29
C LEU A 97 19.83 -6.13 35.65
N HIS A 98 18.83 -5.98 34.79
CA HIS A 98 18.42 -4.69 34.26
C HIS A 98 17.11 -4.26 34.93
N PHE A 99 17.13 -3.09 35.57
CA PHE A 99 15.99 -2.59 36.33
C PHE A 99 15.23 -1.49 35.60
N SER A 100 13.91 -1.50 35.78
CA SER A 100 13.03 -0.49 35.20
C SER A 100 12.02 -0.02 36.22
N VAL A 101 12.02 1.27 36.50
CA VAL A 101 11.05 1.84 37.44
C VAL A 101 9.68 2.01 36.77
N LEU A 102 8.70 1.25 37.27
CA LEU A 102 7.33 1.30 36.76
C LEU A 102 6.54 2.50 37.29
N ALA A 103 6.75 2.81 38.57
CA ALA A 103 6.03 3.90 39.22
C ALA A 103 6.76 4.47 40.44
N LYS A 104 6.54 5.76 40.70
CA LYS A 104 7.06 6.43 41.91
C LYS A 104 5.91 7.15 42.60
N GLU A 105 5.55 6.68 43.79
CA GLU A 105 4.43 7.24 44.54
C GLU A 105 4.76 7.34 46.02
N ASN A 106 4.55 8.52 46.58
CA ASN A 106 4.90 8.81 47.98
C ASN A 106 6.39 8.53 48.27
N GLY A 107 6.67 7.70 49.27
CA GLY A 107 8.04 7.33 49.64
C GLY A 107 8.46 5.94 49.19
N LYS A 108 7.83 5.47 48.12
CA LYS A 108 8.09 4.15 47.59
C LYS A 108 8.12 4.16 46.05
N ALA A 109 8.84 3.19 45.49
CA ALA A 109 8.97 3.05 44.03
C ALA A 109 8.70 1.60 43.62
N GLN A 110 7.99 1.45 42.50
CA GLN A 110 7.66 0.14 41.95
C GLN A 110 8.71 -0.26 40.93
N VAL A 111 9.36 -1.39 41.15
CA VAL A 111 10.51 -1.81 40.37
C VAL A 111 10.23 -3.11 39.62
N CYS A 112 10.82 -3.23 38.44
CA CYS A 112 10.83 -4.50 37.71
C CYS A 112 12.25 -4.83 37.25
N GLY A 113 12.81 -5.92 37.79
CA GLY A 113 14.11 -6.40 37.36
C GLY A 113 14.06 -7.61 36.46
N VAL A 114 14.99 -7.70 35.52
CA VAL A 114 15.13 -8.87 34.64
C VAL A 114 16.59 -9.05 34.25
N ASP A 115 16.99 -10.30 33.99
CA ASP A 115 18.35 -10.63 33.60
C ASP A 115 18.69 -9.90 32.30
N ARG A 116 19.77 -9.12 32.32
CA ARG A 116 20.15 -8.28 31.19
C ARG A 116 20.54 -9.11 29.98
N ARG A 117 21.31 -10.15 30.22
CA ARG A 117 21.81 -10.99 29.14
C ARG A 117 20.68 -11.75 28.46
N TRP A 118 19.68 -12.17 29.24
CA TRP A 118 18.52 -12.87 28.70
C TRP A 118 17.67 -11.94 27.82
N LEU A 119 17.42 -10.74 28.31
CA LEU A 119 16.65 -9.74 27.60
C LEU A 119 17.36 -9.34 26.30
N GLN A 120 18.66 -9.14 26.38
CA GLN A 120 19.46 -8.83 25.20
C GLN A 120 19.45 -10.01 24.21
N HIS A 121 19.57 -11.22 24.74
CA HIS A 121 19.57 -12.43 23.91
C HIS A 121 18.24 -12.66 23.22
N MET A 122 17.15 -12.39 23.92
CA MET A 122 15.80 -12.45 23.36
C MET A 122 15.63 -11.46 22.21
N LEU A 123 16.08 -10.23 22.41
CA LEU A 123 16.04 -9.19 21.36
C LEU A 123 16.93 -9.53 20.17
N ASP A 124 18.09 -10.13 20.43
CA ASP A 124 19.00 -10.59 19.35
C ASP A 124 18.39 -11.75 18.56
N ALA A 125 17.62 -12.59 19.23
CA ALA A 125 16.94 -13.72 18.59
C ALA A 125 15.85 -13.24 17.62
N PHE A 126 15.10 -12.24 18.05
CA PHE A 126 14.06 -11.63 17.22
C PHE A 126 14.65 -10.77 16.11
N ARG A 127 15.78 -10.12 16.39
CA ARG A 127 16.48 -9.29 15.38
C ARG A 127 17.09 -10.16 14.27
N ALA A 128 17.56 -11.35 14.62
CA ALA A 128 18.09 -12.30 13.63
C ALA A 128 17.00 -12.80 12.70
N GLN A 129 15.75 -12.72 13.14
CA GLN A 129 14.59 -13.18 12.38
C GLN A 129 13.85 -12.03 11.70
N GLY A 130 14.41 -10.83 11.78
CA GLY A 130 13.83 -9.64 11.17
C GLY A 130 12.59 -9.13 11.88
N LEU A 131 12.41 -9.54 13.13
CA LEU A 131 11.24 -9.16 13.92
C LEU A 131 11.61 -8.04 14.88
N ASP A 132 10.86 -6.94 14.83
CA ASP A 132 11.14 -5.78 15.64
C ASP A 132 10.22 -5.75 16.87
N VAL A 133 10.79 -5.98 18.05
CA VAL A 133 10.04 -5.99 19.30
C VAL A 133 9.81 -4.57 19.77
N LYS A 134 8.55 -4.19 19.91
CA LYS A 134 8.18 -2.81 20.27
C LYS A 134 8.13 -2.61 21.79
N ARG A 135 7.64 -3.62 22.48
CA ARG A 135 7.51 -3.58 23.93
C ARG A 135 7.85 -4.92 24.57
N VAL A 136 8.30 -4.84 25.82
CA VAL A 136 8.52 -6.01 26.66
C VAL A 136 7.95 -5.70 28.04
N LEU A 137 7.04 -6.55 28.51
CA LEU A 137 6.55 -6.43 29.89
C LEU A 137 6.23 -7.80 30.53
N PRO A 138 6.16 -7.86 31.87
CA PRO A 138 5.75 -9.08 32.55
C PRO A 138 4.31 -9.51 32.24
N ASP A 139 4.14 -10.78 31.93
CA ASP A 139 2.85 -11.31 31.52
C ASP A 139 1.75 -11.10 32.55
N SER A 140 2.12 -11.16 33.81
CA SER A 140 1.15 -11.03 34.90
C SER A 140 0.56 -9.62 34.96
N LEU A 141 1.37 -8.62 34.64
CA LEU A 141 0.89 -7.22 34.67
C LEU A 141 -0.06 -6.86 33.53
N ALA A 142 -0.24 -7.77 32.59
CA ALA A 142 -1.19 -7.62 31.50
C ALA A 142 -2.60 -8.12 31.88
N LEU A 143 -2.73 -8.74 33.04
CA LEU A 143 -4.05 -9.15 33.56
C LEU A 143 -4.83 -7.94 34.05
N PRO A 144 -6.17 -8.01 34.03
CA PRO A 144 -6.97 -6.85 34.39
C PRO A 144 -7.09 -6.67 35.90
N LEU A 145 -7.12 -5.43 36.35
CA LEU A 145 -7.32 -5.15 37.78
C LEU A 145 -8.79 -5.37 38.15
N ASP A 146 -9.01 -6.02 39.28
CA ASP A 146 -10.36 -6.19 39.82
C ASP A 146 -10.46 -5.52 41.18
N ASP A 147 -11.62 -4.92 41.47
CA ASP A 147 -11.85 -4.17 42.71
C ASP A 147 -12.08 -5.07 43.92
N GLU A 148 -12.43 -6.32 43.68
CA GLU A 148 -12.79 -7.25 44.73
C GLU A 148 -11.68 -8.23 45.15
N GLY A 149 -10.57 -8.25 44.42
CA GLY A 149 -9.45 -9.13 44.80
C GLY A 149 -8.29 -9.18 43.82
N ILE A 150 -7.35 -10.08 44.11
CA ILE A 150 -6.20 -10.32 43.24
C ILE A 150 -6.66 -11.04 41.96
N SER A 151 -6.33 -10.46 40.82
CA SER A 151 -6.69 -11.09 39.54
C SER A 151 -5.76 -12.26 39.22
N ALA A 152 -6.33 -13.35 38.75
CA ALA A 152 -5.57 -14.56 38.44
C ALA A 152 -6.01 -15.19 37.11
N ALA A 153 -5.09 -15.92 36.49
CA ALA A 153 -5.37 -16.67 35.27
C ALA A 153 -4.32 -17.78 35.07
N GLN A 154 -4.77 -18.91 34.55
CA GLN A 154 -3.87 -20.05 34.32
C GLN A 154 -3.35 -20.03 32.87
N LEU A 155 -2.03 -20.15 32.73
CA LEU A 155 -1.41 -20.22 31.41
C LEU A 155 -0.40 -21.36 31.39
N GLY A 156 -0.72 -22.41 30.64
CA GLY A 156 0.08 -23.62 30.59
C GLY A 156 -0.05 -24.38 31.89
N GLU A 157 1.08 -24.52 32.59
CA GLU A 157 1.09 -25.16 33.91
C GLU A 157 1.60 -24.17 34.95
N GLN A 158 1.08 -22.95 34.86
CA GLN A 158 1.43 -21.86 35.74
C GLN A 158 0.21 -21.01 36.03
N TRP A 159 0.22 -20.36 37.19
CA TRP A 159 -0.83 -19.44 37.59
C TRP A 159 -0.28 -18.03 37.64
N LEU A 160 -0.75 -17.18 36.75
CA LEU A 160 -0.38 -15.77 36.76
C LEU A 160 -1.20 -15.00 37.80
N PHE A 161 -0.53 -14.14 38.56
CA PHE A 161 -1.18 -13.33 39.59
C PHE A 161 -0.76 -11.86 39.47
N ARG A 162 -1.75 -10.97 39.42
CA ARG A 162 -1.49 -9.53 39.48
C ARG A 162 -2.05 -8.96 40.79
N HIS A 163 -1.13 -8.62 41.71
CA HIS A 163 -1.50 -8.17 43.07
C HIS A 163 -1.98 -6.75 43.08
N SER A 164 -1.32 -5.89 42.32
CA SER A 164 -1.69 -4.48 42.19
C SER A 164 -1.27 -3.94 40.82
N ALA A 165 -1.28 -2.62 40.65
CA ALA A 165 -0.95 -2.01 39.37
C ALA A 165 0.42 -2.43 38.85
N CYS A 166 1.41 -2.48 39.74
CA CYS A 166 2.81 -2.74 39.36
C CYS A 166 3.36 -4.05 39.90
N GLN A 167 2.66 -4.65 40.85
CA GLN A 167 3.11 -5.89 41.48
C GLN A 167 2.45 -7.10 40.81
N GLY A 168 3.23 -8.16 40.64
CA GLY A 168 2.73 -9.37 40.02
C GLY A 168 3.65 -10.57 40.17
N SER A 169 3.15 -11.73 39.76
CA SER A 169 3.85 -12.99 39.95
C SER A 169 3.31 -14.09 39.06
N ALA A 170 4.14 -15.11 38.83
CA ALA A 170 3.74 -16.33 38.13
C ALA A 170 4.35 -17.55 38.81
N VAL A 171 3.50 -18.50 39.18
CA VAL A 171 3.91 -19.66 39.97
C VAL A 171 3.38 -20.96 39.35
N ASP A 172 4.11 -22.04 39.58
CA ASP A 172 3.72 -23.34 39.06
C ASP A 172 2.51 -23.92 39.81
N ASP A 173 1.74 -24.79 39.15
CA ASP A 173 0.56 -25.41 39.74
C ASP A 173 0.89 -26.25 40.97
N SER A 174 2.05 -26.92 40.95
CA SER A 174 2.40 -27.85 42.01
C SER A 174 2.51 -27.19 43.39
N TRP A 175 3.08 -25.99 43.44
CA TRP A 175 3.25 -25.26 44.72
C TRP A 175 2.48 -23.92 44.78
N MET A 176 1.45 -23.79 43.94
CA MET A 176 0.61 -22.59 43.91
C MET A 176 -0.15 -22.35 45.22
N PRO A 177 -0.70 -23.41 45.84
CA PRO A 177 -1.45 -23.22 47.09
C PRO A 177 -0.58 -22.77 48.25
N VAL A 178 0.65 -23.29 48.31
CA VAL A 178 1.59 -22.95 49.36
C VAL A 178 2.08 -21.51 49.21
N TYR A 179 2.20 -21.06 47.97
CA TYR A 179 2.63 -19.68 47.65
C TYR A 179 1.65 -18.64 48.16
N LEU A 180 0.36 -18.87 47.99
CA LEU A 180 -0.67 -17.90 48.40
C LEU A 180 -0.73 -17.64 49.90
N ASN A 181 -0.25 -18.59 50.69
CA ASN A 181 -0.14 -18.41 52.15
C ASN A 181 1.21 -17.77 52.55
N SER A 190 -8.73 -12.68 48.78
CA SER A 190 -9.58 -13.17 47.70
C SER A 190 -8.90 -13.07 46.33
N VAL A 191 -9.24 -14.03 45.47
CA VAL A 191 -8.65 -14.16 44.13
C VAL A 191 -9.74 -14.15 43.06
N ALA A 192 -9.82 -13.07 42.30
CA ALA A 192 -10.67 -13.00 41.10
C ALA A 192 -10.05 -13.79 39.96
N CYS A 193 -10.68 -14.89 39.57
CA CYS A 193 -10.10 -15.82 38.58
C CYS A 193 -10.80 -15.69 37.23
N PHE A 194 -10.01 -15.52 36.19
CA PHE A 194 -10.53 -15.38 34.82
C PHE A 194 -10.35 -16.64 34.00
N SER A 195 -10.25 -17.78 34.67
CA SER A 195 -10.21 -19.08 34.01
C SER A 195 -10.90 -20.13 34.88
N SER A 196 -10.90 -21.38 34.45
CA SER A 196 -11.51 -22.44 35.25
C SER A 196 -10.79 -22.55 36.59
N LEU A 197 -11.57 -22.64 37.67
CA LEU A 197 -11.03 -22.66 39.02
C LEU A 197 -10.29 -23.97 39.29
N PRO A 198 -9.18 -23.91 40.05
CA PRO A 198 -8.38 -25.11 40.32
C PRO A 198 -8.94 -25.97 41.47
N GLU A 199 -8.32 -27.12 41.70
CA GLU A 199 -8.63 -27.99 42.82
C GLU A 199 -7.68 -27.73 44.00
N GLN A 200 -7.47 -26.48 44.35
CA GLN A 200 -6.43 -26.05 45.26
C GLN A 200 -6.92 -24.90 46.16
N GLN A 201 -6.02 -24.44 47.03
CA GLN A 201 -6.21 -23.26 47.90
C GLN A 201 -6.95 -23.62 49.17
N ALA A 204 -7.49 -17.20 49.39
CA ALA A 204 -8.14 -18.51 49.40
C ALA A 204 -9.63 -18.43 49.02
N HIS A 205 -10.17 -17.22 48.85
CA HIS A 205 -11.54 -17.04 48.38
C HIS A 205 -11.48 -16.77 46.89
N TRP A 206 -11.86 -17.76 46.09
CA TRP A 206 -11.75 -17.65 44.63
C TRP A 206 -13.08 -17.24 44.01
N LEU A 207 -13.11 -16.02 43.51
CA LEU A 207 -14.30 -15.47 42.85
C LEU A 207 -14.25 -15.77 41.36
N SER A 208 -15.22 -16.51 40.85
CA SER A 208 -15.25 -16.87 39.42
C SER A 208 -15.75 -15.72 38.56
N ARG A 209 -14.91 -15.30 37.62
CA ARG A 209 -15.26 -14.29 36.63
C ARG A 209 -15.52 -14.97 35.29
N PRO A 210 -16.10 -14.25 34.31
CA PRO A 210 -16.29 -14.84 32.99
C PRO A 210 -14.97 -15.34 32.40
N VAL A 211 -14.95 -16.59 31.96
CA VAL A 211 -13.75 -17.24 31.47
C VAL A 211 -13.40 -16.76 30.05
N GLU A 212 -12.10 -16.49 29.85
CA GLU A 212 -11.56 -16.16 28.55
C GLU A 212 -10.26 -16.91 28.30
N MET A 213 -9.85 -16.93 27.03
CA MET A 213 -8.55 -17.45 26.65
C MET A 213 -7.50 -16.51 27.22
N THR A 214 -6.57 -17.07 27.98
CA THR A 214 -5.60 -16.26 28.75
C THR A 214 -4.81 -15.31 27.87
N MET A 215 -4.29 -15.82 26.77
CA MET A 215 -3.50 -14.98 25.85
C MET A 215 -4.34 -13.87 25.23
N ALA A 216 -5.62 -14.14 25.01
CA ALA A 216 -6.56 -13.12 24.55
C ALA A 216 -6.84 -12.10 25.64
N LEU A 217 -6.96 -12.58 26.87
CA LEU A 217 -7.15 -11.70 28.04
C LEU A 217 -5.93 -10.80 28.26
N LEU A 218 -4.74 -11.39 28.16
CA LEU A 218 -3.49 -10.65 28.31
C LEU A 218 -3.34 -9.59 27.23
N SER A 219 -3.71 -9.95 26.01
CA SER A 219 -3.61 -9.04 24.87
C SER A 219 -4.48 -7.79 25.06
N GLN A 220 -5.65 -7.94 25.65
CA GLN A 220 -6.52 -6.79 25.94
C GLN A 220 -5.88 -5.84 26.94
N GLY A 221 -5.16 -6.40 27.90
CA GLY A 221 -4.39 -5.62 28.88
C GLY A 221 -3.16 -4.93 28.29
N VAL A 222 -2.56 -5.57 27.30
CA VAL A 222 -1.44 -5.00 26.55
C VAL A 222 -1.88 -3.74 25.83
N ALA A 223 -3.07 -3.77 25.25
CA ALA A 223 -3.63 -2.60 24.52
C ALA A 223 -3.96 -1.43 25.44
N ASP A 224 -4.33 -1.73 26.68
CA ASP A 224 -4.65 -0.71 27.67
C ASP A 224 -3.41 -0.04 28.27
N GLY A 225 -2.46 -0.85 28.69
CA GLY A 225 -1.27 -0.37 29.42
C GLY A 225 -0.16 0.20 28.56
N LYS A 226 0.77 0.88 29.22
CA LYS A 226 1.95 1.47 28.57
C LYS A 226 3.27 0.93 29.13
N PHE A 227 3.22 0.00 30.09
CA PHE A 227 4.46 -0.52 30.72
C PHE A 227 5.40 -1.16 29.70
N SER A 228 6.69 -0.95 29.90
CA SER A 228 7.71 -1.55 29.04
C SER A 228 9.05 -1.63 29.76
N LEU A 229 9.71 -2.79 29.67
CA LEU A 229 11.05 -2.98 30.21
C LEU A 229 12.15 -2.47 29.27
N LEU A 230 11.78 -2.05 28.07
CA LEU A 230 12.69 -1.43 27.13
C LEU A 230 12.97 0.03 27.56
N THR A 231 13.79 0.17 28.59
CA THR A 231 14.16 1.44 29.17
C THR A 231 15.66 1.52 29.45
N GLY A 232 16.14 2.76 29.50
CA GLY A 232 17.53 3.05 29.76
C GLY A 232 18.42 2.62 28.60
N GLU A 233 19.14 1.53 28.82
CA GLU A 233 20.05 0.96 27.82
C GLU A 233 19.27 0.25 26.69
N PHE A 234 18.08 -0.23 27.02
CA PHE A 234 17.24 -1.01 26.10
C PHE A 234 16.16 -0.16 25.39
N LYS A 235 16.21 1.15 25.53
CA LYS A 235 15.28 2.03 24.81
C LYS A 235 15.56 1.96 23.30
N PRO A 236 14.49 1.92 22.48
CA PRO A 236 14.69 1.91 21.01
C PRO A 236 15.09 3.27 20.44
N ARG B 14 22.54 -24.19 43.06
CA ARG B 14 22.62 -23.80 44.51
C ARG B 14 22.47 -22.30 44.68
N LEU B 15 21.64 -21.90 45.63
CA LEU B 15 21.47 -20.49 45.88
C LEU B 15 22.77 -19.94 46.41
N PRO B 16 22.91 -18.60 46.48
CA PRO B 16 24.01 -18.01 47.23
C PRO B 16 23.82 -18.19 48.75
N PHE B 17 24.92 -18.36 49.47
CA PHE B 17 24.88 -18.55 50.91
C PHE B 17 24.26 -17.33 51.62
N SER B 18 24.53 -16.14 51.08
CA SER B 18 23.99 -14.90 51.63
C SER B 18 22.45 -14.88 51.61
N PHE B 19 21.88 -15.36 50.49
CA PHE B 19 20.43 -15.39 50.31
C PHE B 19 19.79 -16.50 51.14
N ALA B 20 20.43 -17.66 51.16
CA ALA B 20 19.93 -18.83 51.91
C ALA B 20 19.91 -18.60 53.42
N ASN B 21 20.97 -17.95 53.92
CA ASN B 21 21.09 -17.64 55.35
C ASN B 21 20.09 -16.60 55.82
N ARG B 22 19.76 -15.65 54.94
CA ARG B 22 18.87 -14.55 55.29
C ARG B 22 17.41 -15.00 55.38
N PHE B 23 16.89 -15.56 54.29
CA PHE B 23 15.48 -15.93 54.19
C PHE B 23 15.15 -17.35 54.67
N LYS B 24 16.18 -18.06 55.09
CA LYS B 24 16.04 -19.43 55.61
C LYS B 24 15.46 -20.37 54.55
N MET B 25 16.20 -20.54 53.46
CA MET B 25 15.79 -21.41 52.35
C MET B 25 17.01 -22.10 51.72
N VAL B 26 16.99 -23.43 51.65
CA VAL B 26 18.09 -24.21 51.07
C VAL B 26 17.58 -25.13 49.97
N LEU B 27 18.38 -25.28 48.93
CA LEU B 27 18.04 -26.13 47.79
C LEU B 27 18.95 -27.36 47.74
N GLU B 28 18.36 -28.54 47.86
CA GLU B 28 19.12 -29.80 47.80
C GLU B 28 18.40 -30.85 46.96
N VAL B 29 18.98 -31.20 45.82
CA VAL B 29 18.32 -32.14 44.88
C VAL B 29 18.49 -33.62 45.26
N PRO B 35 13.47 -33.09 39.91
CA PRO B 35 12.91 -33.38 41.19
C PRO B 35 13.78 -32.70 42.26
N PRO B 36 13.72 -31.39 42.31
CA PRO B 36 14.46 -30.50 43.23
C PRO B 36 13.64 -30.10 44.45
N VAL B 37 14.23 -30.27 45.64
CA VAL B 37 13.54 -29.97 46.90
C VAL B 37 14.03 -28.64 47.47
N LEU B 38 13.07 -27.85 47.95
CA LEU B 38 13.36 -26.54 48.54
C LEU B 38 12.91 -26.53 50.00
N TYR B 39 13.86 -26.74 50.90
CA TYR B 39 13.59 -26.73 52.34
C TYR B 39 13.48 -25.30 52.83
N TYR B 40 12.50 -25.04 53.70
CA TYR B 40 12.30 -23.70 54.25
C TYR B 40 11.82 -23.72 55.71
N VAL B 41 11.97 -22.58 56.38
CA VAL B 41 11.52 -22.41 57.76
C VAL B 41 10.38 -21.41 57.78
N GLU B 42 9.35 -21.72 58.56
CA GLU B 42 8.16 -20.87 58.67
C GLU B 42 8.45 -19.63 59.51
N PRO B 43 7.78 -18.51 59.24
CA PRO B 43 6.78 -18.31 58.17
C PRO B 43 7.44 -18.13 56.80
N LEU B 44 6.83 -18.73 55.78
CA LEU B 44 7.34 -18.68 54.42
C LEU B 44 7.17 -17.29 53.83
N ASN B 45 8.20 -16.81 53.15
CA ASN B 45 8.15 -15.53 52.44
C ASN B 45 7.78 -15.75 50.97
N ALA B 46 6.69 -15.16 50.52
CA ALA B 46 6.19 -15.37 49.15
C ALA B 46 7.09 -14.69 48.10
N GLN B 47 7.61 -13.51 48.44
CA GLN B 47 8.52 -12.78 47.56
C GLN B 47 9.84 -13.55 47.35
N ALA B 48 10.38 -14.10 48.44
CA ALA B 48 11.63 -14.87 48.37
C ALA B 48 11.45 -16.22 47.66
N LEU B 49 10.26 -16.79 47.79
CA LEU B 49 9.94 -18.05 47.11
C LEU B 49 9.93 -17.89 45.59
N VAL B 50 9.42 -16.76 45.12
CA VAL B 50 9.41 -16.41 43.69
C VAL B 50 10.84 -16.16 43.20
N GLU B 51 11.67 -15.58 44.07
CA GLU B 51 13.06 -15.28 43.72
C GLU B 51 13.89 -16.55 43.50
N VAL B 52 13.60 -17.59 44.27
CA VAL B 52 14.27 -18.88 44.09
C VAL B 52 13.88 -19.51 42.75
N ARG B 53 12.59 -19.42 42.43
CA ARG B 53 12.05 -19.92 41.16
C ARG B 53 12.67 -19.21 39.95
N ARG B 54 12.94 -17.92 40.09
CA ARG B 54 13.56 -17.12 39.02
C ARG B 54 14.99 -17.56 38.72
N VAL B 55 15.76 -17.82 39.76
CA VAL B 55 17.18 -18.14 39.65
C VAL B 55 17.42 -19.54 39.10
N LEU B 56 16.62 -20.51 39.55
CA LEU B 56 16.79 -21.91 39.13
C LEU B 56 16.29 -22.20 37.71
N LYS B 57 15.25 -21.48 37.29
CA LYS B 57 14.61 -21.70 35.99
C LYS B 57 14.01 -23.12 35.92
N GLN B 58 13.56 -23.61 37.07
CA GLN B 58 13.00 -24.95 37.22
C GLN B 58 12.06 -24.98 38.41
N THR B 59 11.04 -25.83 38.33
CA THR B 59 10.10 -26.02 39.41
C THR B 59 10.77 -26.80 40.55
N PHE B 60 10.20 -26.66 41.75
CA PHE B 60 10.72 -27.34 42.93
C PHE B 60 9.58 -27.80 43.85
N VAL B 61 9.95 -28.54 44.88
CA VAL B 61 9.01 -29.05 45.87
C VAL B 61 9.31 -28.43 47.24
N PRO B 62 8.51 -27.44 47.67
CA PRO B 62 8.69 -26.86 49.00
C PRO B 62 8.38 -27.86 50.13
N GLN B 63 9.26 -27.88 51.13
CA GLN B 63 9.08 -28.72 52.30
C GLN B 63 9.41 -27.93 53.56
N ALA B 64 8.46 -27.86 54.48
CA ALA B 64 8.63 -27.10 55.73
C ALA B 64 9.56 -27.84 56.70
N ILE B 65 10.35 -27.08 57.44
CA ILE B 65 11.35 -27.63 58.37
C ILE B 65 11.55 -26.71 59.57
N ALA B 66 11.83 -27.31 60.73
CA ALA B 66 12.10 -26.55 61.96
C ALA B 66 13.51 -25.94 61.94
N ALA B 67 13.69 -24.88 62.71
CA ALA B 67 14.95 -24.09 62.71
C ALA B 67 16.22 -24.91 62.95
N GLU B 68 16.15 -25.87 63.87
CA GLU B 68 17.32 -26.66 64.28
C GLU B 68 17.81 -27.62 63.18
N ALA B 69 16.88 -28.29 62.51
CA ALA B 69 17.21 -29.22 61.41
C ALA B 69 17.66 -28.49 60.14
N PHE B 70 17.23 -27.24 60.00
CA PHE B 70 17.59 -26.40 58.86
C PHE B 70 19.08 -26.03 58.85
N GLU B 71 19.60 -25.65 60.02
CA GLU B 71 20.99 -25.19 60.14
C GLU B 71 22.00 -26.28 59.80
N LYS B 72 21.68 -27.52 60.13
CA LYS B 72 22.54 -28.67 59.80
C LYS B 72 22.55 -28.93 58.30
N LYS B 73 21.39 -28.77 57.66
CA LYS B 73 21.24 -28.93 56.21
C LYS B 73 22.00 -27.84 55.45
N LEU B 74 22.04 -26.64 56.04
CA LEU B 74 22.74 -25.50 55.47
C LEU B 74 24.26 -25.68 55.50
N THR B 75 24.77 -26.14 56.63
CA THR B 75 26.22 -26.28 56.83
C THR B 75 26.82 -27.37 55.95
N GLU B 76 26.13 -28.49 55.83
CA GLU B 76 26.60 -29.61 55.00
C GLU B 76 26.52 -29.28 53.50
N ALA B 77 25.63 -28.36 53.16
CA ALA B 77 25.43 -27.96 51.78
C ALA B 77 26.56 -27.06 51.29
N TYR B 78 26.75 -25.91 51.95
CA TYR B 78 27.84 -24.98 51.59
C TYR B 78 29.15 -25.44 52.23
N ASP B 97 51.56 -45.47 25.60
CA ASP B 97 50.51 -45.93 24.65
C ASP B 97 50.22 -47.42 24.80
N PHE B 98 48.94 -47.74 24.95
CA PHE B 98 48.48 -49.11 25.15
C PHE B 98 48.87 -50.08 24.02
N PHE B 99 48.70 -49.65 22.79
CA PHE B 99 48.96 -50.51 21.62
C PHE B 99 50.46 -50.81 21.43
N SER B 100 51.28 -49.79 21.60
CA SER B 100 52.74 -49.94 21.50
C SER B 100 53.31 -50.76 22.67
N LEU B 101 52.68 -50.65 23.82
CA LEU B 101 53.14 -51.34 25.05
C LEU B 101 52.78 -52.83 25.04
N ALA B 102 51.80 -53.19 24.21
CA ALA B 102 51.36 -54.59 24.06
C ALA B 102 52.36 -55.43 23.28
N GLU B 103 52.98 -54.83 22.27
CA GLU B 103 53.98 -55.53 21.45
C GLU B 103 55.25 -55.93 22.23
N GLU B 104 55.61 -55.12 23.23
CA GLU B 104 56.74 -55.40 24.11
C GLU B 104 56.37 -56.45 25.17
N ALA B 118 55.57 -54.93 37.69
CA ALA B 118 55.64 -55.83 36.55
C ALA B 118 55.16 -55.14 35.26
N PRO B 119 55.51 -55.71 34.09
CA PRO B 119 55.00 -55.20 32.81
C PRO B 119 53.47 -55.25 32.67
N ILE B 120 52.84 -56.20 33.34
CA ILE B 120 51.38 -56.36 33.32
C ILE B 120 50.68 -55.17 33.98
N ILE B 121 51.28 -54.65 35.04
CA ILE B 121 50.72 -53.51 35.77
C ILE B 121 50.58 -52.28 34.86
N LYS B 122 51.60 -52.05 34.04
CA LYS B 122 51.59 -50.94 33.08
C LYS B 122 50.58 -51.17 31.96
N LEU B 123 50.46 -52.42 31.52
CA LEU B 123 49.53 -52.76 30.42
C LEU B 123 48.08 -52.51 30.79
N ILE B 124 47.70 -52.94 32.00
CA ILE B 124 46.33 -52.77 32.48
C ILE B 124 46.02 -51.29 32.73
N ASN B 125 47.01 -50.54 33.21
CA ASN B 125 46.85 -49.09 33.43
C ASN B 125 46.75 -48.33 32.11
N ALA B 126 47.52 -48.76 31.12
CA ALA B 126 47.45 -48.18 29.78
C ALA B 126 46.12 -48.50 29.08
N MET B 127 45.64 -49.71 29.31
CA MET B 127 44.37 -50.17 28.75
C MET B 127 43.21 -49.33 29.28
N LEU B 128 43.24 -49.04 30.58
CA LEU B 128 42.24 -48.18 31.19
C LEU B 128 42.30 -46.75 30.66
N GLY B 129 43.52 -46.25 30.45
CA GLY B 129 43.73 -44.96 29.83
C GLY B 129 43.25 -44.92 28.39
N GLU B 130 43.42 -46.02 27.68
CA GLU B 130 42.95 -46.16 26.31
C GLU B 130 41.42 -46.27 26.26
N ALA B 131 40.83 -46.85 27.29
CA ALA B 131 39.37 -47.00 27.39
C ALA B 131 38.70 -45.66 27.56
N ILE B 132 39.29 -44.82 28.41
CA ILE B 132 38.79 -43.48 28.68
C ILE B 132 39.02 -42.57 27.46
N LYS B 133 40.14 -42.79 26.76
CA LYS B 133 40.44 -42.08 25.51
C LYS B 133 39.32 -42.33 24.50
N GLU B 134 39.04 -43.60 24.21
CA GLU B 134 38.03 -43.98 23.21
C GLU B 134 36.59 -43.77 23.69
N GLY B 135 36.43 -43.59 25.00
CA GLY B 135 35.12 -43.33 25.58
C GLY B 135 34.34 -44.59 25.81
N ALA B 136 35.03 -45.60 26.32
CA ALA B 136 34.41 -46.91 26.57
C ALA B 136 33.68 -46.91 27.90
N SER B 137 32.54 -47.58 27.92
CA SER B 137 31.75 -47.76 29.14
C SER B 137 32.22 -49.03 29.86
N ASP B 138 32.39 -50.12 29.11
CA ASP B 138 32.80 -51.39 29.68
C ASP B 138 34.03 -51.96 28.96
N ILE B 139 34.97 -52.50 29.74
CA ILE B 139 36.12 -53.23 29.20
C ILE B 139 35.92 -54.73 29.39
N HIS B 140 35.88 -55.47 28.29
CA HIS B 140 35.69 -56.93 28.31
C HIS B 140 36.98 -57.67 28.06
N ILE B 141 37.41 -58.47 29.03
CA ILE B 141 38.55 -59.37 28.85
C ILE B 141 38.02 -60.79 28.91
N GLU B 142 38.16 -61.51 27.80
CA GLU B 142 37.54 -62.80 27.62
C GLU B 142 38.55 -63.83 27.11
N THR B 143 38.53 -65.00 27.73
CA THR B 143 39.48 -66.07 27.41
C THR B 143 38.77 -67.22 26.72
N PHE B 144 39.23 -67.53 25.51
CA PHE B 144 38.73 -68.68 24.76
C PHE B 144 39.79 -69.79 24.75
N GLU B 145 39.58 -70.85 23.98
CA GLU B 145 40.51 -71.98 23.95
C GLU B 145 41.89 -71.57 23.38
N LYS B 146 41.89 -71.06 22.17
CA LYS B 146 43.14 -70.69 21.48
C LYS B 146 43.54 -69.21 21.63
N ILE B 147 42.54 -68.34 21.79
CA ILE B 147 42.74 -66.89 21.73
C ILE B 147 42.29 -66.17 23.01
N LEU B 148 43.12 -65.22 23.44
CA LEU B 148 42.73 -64.23 24.44
C LEU B 148 42.27 -62.99 23.68
N SER B 149 41.13 -62.44 24.09
CA SER B 149 40.54 -61.28 23.41
C SER B 149 40.12 -60.20 24.38
N ILE B 150 40.28 -58.95 23.97
CA ILE B 150 39.82 -57.79 24.75
C ILE B 150 38.92 -56.93 23.86
N ARG B 151 37.85 -56.42 24.46
CA ARG B 151 36.88 -55.61 23.73
C ARG B 151 36.33 -54.48 24.58
N PHE B 152 36.12 -53.33 23.95
CA PHE B 152 35.41 -52.22 24.58
C PHE B 152 34.00 -52.13 24.02
N ARG B 153 33.07 -51.70 24.86
CA ARG B 153 31.75 -51.27 24.39
C ARG B 153 31.65 -49.74 24.42
N VAL B 154 31.82 -49.11 23.27
CA VAL B 154 31.73 -47.65 23.14
C VAL B 154 30.33 -47.23 22.67
N ASP B 155 29.56 -46.57 23.55
CA ASP B 155 28.19 -46.12 23.24
C ASP B 155 27.25 -47.25 22.80
N GLY B 156 27.39 -48.40 23.47
CA GLY B 156 26.56 -49.58 23.21
C GLY B 156 27.14 -50.55 22.20
N VAL B 157 28.01 -50.07 21.33
CA VAL B 157 28.59 -50.88 20.25
C VAL B 157 29.89 -51.55 20.69
N LEU B 158 29.97 -52.87 20.57
CA LEU B 158 31.20 -53.61 20.91
C LEU B 158 32.24 -53.40 19.84
N ARG B 159 33.50 -53.64 20.20
CA ARG B 159 34.63 -53.32 19.35
C ARG B 159 35.86 -54.15 19.70
N ASP B 160 36.52 -54.73 18.71
CA ASP B 160 37.78 -55.45 18.93
C ASP B 160 38.92 -54.46 19.03
N VAL B 161 39.63 -54.52 20.15
CA VAL B 161 40.77 -53.61 20.40
C VAL B 161 42.12 -54.33 20.29
N LEU B 162 42.21 -55.52 20.86
CA LEU B 162 43.45 -56.30 20.88
C LEU B 162 43.18 -57.77 21.18
N SER B 163 43.97 -58.64 20.56
CA SER B 163 43.91 -60.08 20.85
C SER B 163 45.32 -60.58 21.15
N PRO B 164 45.79 -60.37 22.39
CA PRO B 164 47.14 -60.78 22.76
C PRO B 164 47.29 -62.29 22.88
N SER B 165 48.48 -62.72 23.27
CA SER B 165 48.78 -64.14 23.43
C SER B 165 47.91 -64.75 24.52
N ARG B 166 47.48 -66.00 24.33
CA ARG B 166 46.59 -66.67 25.26
C ARG B 166 47.28 -66.96 26.60
N LYS B 167 48.59 -67.12 26.56
CA LYS B 167 49.40 -67.40 27.77
C LYS B 167 49.28 -66.33 28.86
N LEU B 168 48.99 -65.09 28.45
CA LEU B 168 48.84 -63.96 29.39
C LEU B 168 47.53 -63.97 30.18
N ALA B 169 46.59 -64.82 29.78
CA ALA B 169 45.23 -64.84 30.35
C ALA B 169 45.19 -64.83 31.89
N PRO B 170 45.93 -65.74 32.55
CA PRO B 170 45.83 -65.78 34.03
C PRO B 170 46.46 -64.58 34.72
N LEU B 171 47.44 -63.94 34.07
CA LEU B 171 48.15 -62.79 34.62
C LEU B 171 47.27 -61.54 34.61
N LEU B 172 46.52 -61.35 33.53
CA LEU B 172 45.58 -60.23 33.43
C LEU B 172 44.44 -60.36 34.44
N VAL B 173 43.99 -61.58 34.66
CA VAL B 173 42.94 -61.86 35.64
C VAL B 173 43.46 -61.61 37.06
N SER B 174 44.72 -61.97 37.29
CA SER B 174 45.36 -61.80 38.60
C SER B 174 45.57 -60.33 38.94
N ARG B 175 46.10 -59.57 37.99
CA ARG B 175 46.37 -58.15 38.20
C ARG B 175 45.11 -57.35 38.49
N VAL B 176 44.07 -57.59 37.70
CA VAL B 176 42.81 -56.85 37.82
C VAL B 176 42.12 -57.18 39.15
N LYS B 177 42.33 -58.41 39.64
CA LYS B 177 41.77 -58.82 40.93
C LYS B 177 42.43 -58.09 42.09
N VAL B 178 43.75 -57.96 42.04
CA VAL B 178 44.52 -57.32 43.10
C VAL B 178 44.17 -55.84 43.24
N MET B 179 43.91 -55.20 42.11
CA MET B 179 43.52 -53.79 42.10
C MET B 179 42.18 -53.55 42.78
N ALA B 180 41.31 -54.55 42.71
CA ALA B 180 39.97 -54.47 43.29
C ALA B 180 39.81 -55.22 44.62
N LYS B 181 40.93 -55.61 45.21
CA LYS B 181 40.96 -56.32 46.51
C LYS B 181 40.19 -57.63 46.45
N LEU B 182 40.40 -58.38 45.37
CA LEU B 182 39.72 -59.67 45.17
C LEU B 182 40.67 -60.85 45.38
N ASP B 183 40.08 -62.03 45.56
CA ASP B 183 40.83 -63.25 45.86
C ASP B 183 41.56 -63.76 44.61
N ILE B 184 42.87 -63.90 44.71
CA ILE B 184 43.72 -64.29 43.57
C ILE B 184 43.62 -65.79 43.33
N ALA B 185 43.61 -66.56 44.41
CA ALA B 185 43.63 -68.03 44.34
C ALA B 185 42.28 -68.62 43.93
N GLU B 186 41.18 -67.98 44.36
CA GLU B 186 39.82 -68.46 44.06
C GLU B 186 39.44 -68.17 42.62
N LYS B 187 39.09 -69.22 41.86
CA LYS B 187 38.71 -69.07 40.45
C LYS B 187 37.39 -69.76 40.07
N ARG B 188 36.64 -70.22 41.08
CA ARG B 188 35.46 -71.06 40.85
C ARG B 188 34.14 -70.34 41.10
N VAL B 189 34.23 -69.12 41.64
CA VAL B 189 33.02 -68.33 41.97
C VAL B 189 33.14 -66.92 41.41
N PRO B 190 32.00 -66.21 41.28
CA PRO B 190 32.05 -64.82 40.89
C PRO B 190 32.58 -63.91 42.00
N GLN B 191 33.43 -62.96 41.63
CA GLN B 191 33.97 -61.98 42.58
C GLN B 191 33.76 -60.57 42.03
N ASP B 192 33.24 -59.69 42.87
CA ASP B 192 32.95 -58.29 42.48
C ASP B 192 33.66 -57.32 43.40
N GLY B 193 34.27 -56.29 42.82
CA GLY B 193 35.03 -55.29 43.56
C GLY B 193 34.96 -53.91 42.93
N ARG B 194 35.65 -52.95 43.54
CA ARG B 194 35.65 -51.56 43.06
C ARG B 194 37.04 -50.94 43.13
N ILE B 195 37.27 -49.93 42.30
CA ILE B 195 38.51 -49.14 42.31
C ILE B 195 38.19 -47.68 42.05
N SER B 196 39.01 -46.78 42.61
CA SER B 196 38.97 -45.36 42.30
C SER B 196 40.27 -44.91 41.67
N LEU B 197 40.18 -44.35 40.47
CA LEU B 197 41.34 -43.86 39.73
C LEU B 197 41.15 -42.42 39.21
N ALA B 203 38.78 -38.80 37.46
CA ALA B 203 38.00 -39.23 38.63
C ALA B 203 37.11 -40.45 38.30
N VAL B 204 37.75 -41.55 37.93
CA VAL B 204 37.06 -42.72 37.40
C VAL B 204 36.81 -43.74 38.50
N ASP B 205 35.56 -44.20 38.58
CA ASP B 205 35.17 -45.26 39.50
C ASP B 205 34.84 -46.51 38.69
N VAL B 206 35.75 -47.48 38.71
CA VAL B 206 35.56 -48.71 37.92
C VAL B 206 34.93 -49.80 38.78
N ARG B 207 33.90 -50.45 38.24
CA ARG B 207 33.30 -51.63 38.87
C ARG B 207 33.75 -52.84 38.10
N VAL B 208 34.36 -53.79 38.80
CA VAL B 208 34.94 -54.97 38.17
C VAL B 208 34.23 -56.23 38.65
N SER B 209 33.94 -57.12 37.71
CA SER B 209 33.27 -58.40 37.98
C SER B 209 33.98 -59.54 37.27
N THR B 210 34.46 -60.51 38.03
CA THR B 210 34.99 -61.75 37.45
C THR B 210 33.93 -62.83 37.51
N MET B 211 34.07 -63.81 36.63
CA MET B 211 33.16 -64.94 36.57
C MET B 211 33.85 -66.18 36.00
N PRO B 212 33.57 -67.38 36.57
CA PRO B 212 34.21 -68.58 36.03
C PRO B 212 33.68 -68.95 34.65
N SER B 213 34.58 -69.41 33.79
CA SER B 213 34.22 -69.87 32.45
C SER B 213 34.97 -71.17 32.15
N SER B 214 34.66 -71.75 31.00
CA SER B 214 35.25 -73.02 30.59
C SER B 214 36.77 -72.93 30.34
N HIS B 215 37.26 -71.75 29.98
CA HIS B 215 38.69 -71.52 29.72
C HIS B 215 39.31 -70.49 30.68
N GLY B 216 38.96 -70.61 31.97
CA GLY B 216 39.47 -69.73 33.03
C GLY B 216 38.45 -68.81 33.67
N GLU B 217 38.69 -67.51 33.63
CA GLU B 217 37.74 -66.51 34.14
C GLU B 217 37.58 -65.39 33.15
N ARG B 218 36.41 -64.75 33.20
CA ARG B 218 36.06 -63.66 32.30
C ARG B 218 35.92 -62.38 33.11
N VAL B 219 36.65 -61.35 32.70
CA VAL B 219 36.67 -60.07 33.42
C VAL B 219 35.92 -58.98 32.64
N VAL B 220 35.15 -58.18 33.37
CA VAL B 220 34.52 -56.99 32.84
C VAL B 220 34.73 -55.81 33.80
N MET B 221 35.16 -54.68 33.26
CA MET B 221 35.36 -53.47 34.05
C MET B 221 34.43 -52.35 33.58
N ARG B 222 33.39 -52.08 34.35
CA ARG B 222 32.44 -51.00 34.04
C ARG B 222 33.02 -49.66 34.49
N LEU B 223 33.33 -48.80 33.54
CA LEU B 223 33.90 -47.46 33.84
C LEU B 223 32.79 -46.42 34.04
N LEU B 224 32.71 -45.88 35.25
CA LEU B 224 31.74 -44.84 35.59
C LEU B 224 32.43 -43.63 36.19
N ASP B 225 32.06 -42.44 35.73
CA ASP B 225 32.55 -41.19 36.30
C ASP B 225 31.73 -40.83 37.55
N LYS B 226 32.42 -40.51 38.64
CA LYS B 226 31.76 -40.11 39.90
C LYS B 226 31.06 -38.77 39.80
N ASN B 227 31.54 -37.91 38.90
CA ASN B 227 30.90 -36.61 38.64
C ASN B 227 29.49 -36.81 38.10
N ALA B 228 28.51 -36.44 38.90
CA ALA B 228 27.08 -36.63 38.56
C ALA B 228 26.59 -35.65 37.49
N THR B 229 27.34 -34.57 37.26
CA THR B 229 26.96 -33.54 36.27
C THR B 229 27.64 -33.77 34.92
N ARG B 230 28.15 -34.98 34.69
CA ARG B 230 28.74 -35.34 33.40
C ARG B 230 27.65 -35.56 32.35
N LEU B 231 27.79 -34.83 31.23
CA LEU B 231 26.88 -34.95 30.11
C LEU B 231 27.45 -35.93 29.09
N ASP B 232 26.82 -37.10 28.97
CA ASP B 232 27.20 -38.08 27.98
C ASP B 232 26.64 -37.66 26.62
N LEU B 233 27.54 -37.50 25.66
CA LEU B 233 27.19 -36.99 24.34
C LEU B 233 26.29 -37.95 23.55
N HIS B 234 26.45 -39.25 23.76
CA HIS B 234 25.59 -40.26 23.15
C HIS B 234 24.20 -40.26 23.78
N SER B 235 24.14 -40.09 25.10
CA SER B 235 22.84 -40.03 25.81
C SER B 235 22.04 -38.80 25.39
N LEU B 236 22.74 -37.72 25.06
CA LEU B 236 22.11 -36.49 24.56
C LEU B 236 21.49 -36.67 23.18
N GLY B 237 22.03 -37.61 22.39
CA GLY B 237 21.40 -38.01 21.12
C GLY B 237 22.32 -38.38 19.96
N MET B 238 23.60 -38.09 20.08
CA MET B 238 24.56 -38.41 19.01
C MET B 238 24.66 -39.91 18.77
N THR B 239 24.77 -40.28 17.51
CA THR B 239 24.99 -41.67 17.15
C THR B 239 26.45 -42.05 17.41
N PRO B 240 26.73 -43.37 17.56
CA PRO B 240 28.11 -43.84 17.74
C PRO B 240 29.10 -43.31 16.70
N VAL B 241 28.65 -43.22 15.45
CA VAL B 241 29.48 -42.71 14.36
C VAL B 241 29.69 -41.20 14.47
N ASN B 242 28.61 -40.47 14.73
CA ASN B 242 28.71 -39.00 14.96
C ASN B 242 29.54 -38.64 16.18
N HIS B 243 29.40 -39.41 17.26
CA HIS B 243 30.16 -39.16 18.47
C HIS B 243 31.65 -39.43 18.26
N ASP B 244 31.99 -40.55 17.64
CA ASP B 244 33.39 -40.86 17.30
C ASP B 244 34.02 -39.77 16.43
N ASN B 245 33.32 -39.38 15.39
CA ASN B 245 33.82 -38.34 14.50
C ASN B 245 33.98 -36.99 15.20
N PHE B 246 33.06 -36.66 16.10
CA PHE B 246 33.16 -35.45 16.91
C PHE B 246 34.21 -35.61 18.01
N ARG B 247 34.33 -36.81 18.55
CA ARG B 247 35.35 -37.12 19.57
C ARG B 247 36.75 -36.95 18.98
N HIS B 248 36.92 -37.35 17.71
CA HIS B 248 38.21 -37.24 17.01
C HIS B 248 38.52 -35.79 16.65
N LEU B 249 37.49 -35.02 16.36
CA LEU B 249 37.64 -33.66 15.88
C LEU B 249 38.08 -32.72 16.99
N ILE B 250 37.42 -32.81 18.14
CA ILE B 250 37.77 -32.01 19.32
C ILE B 250 39.08 -32.44 19.98
N SER B 251 39.55 -33.63 19.65
CA SER B 251 40.81 -34.17 20.18
C SER B 251 42.02 -33.72 19.38
N ARG B 252 41.80 -32.99 18.30
CA ARG B 252 42.88 -32.49 17.44
C ARG B 252 43.69 -31.41 18.16
N PRO B 253 44.96 -31.21 17.77
CA PRO B 253 45.80 -30.20 18.40
C PRO B 253 45.35 -28.75 18.13
N HIS B 254 44.94 -28.47 16.90
CA HIS B 254 44.55 -27.12 16.50
C HIS B 254 43.49 -27.12 15.41
N GLY B 255 42.75 -26.02 15.31
CA GLY B 255 41.68 -25.85 14.36
C GLY B 255 40.38 -25.38 15.02
N ILE B 256 39.49 -24.78 14.25
CA ILE B 256 38.19 -24.30 14.76
C ILE B 256 37.12 -25.35 14.56
N ILE B 257 36.27 -25.50 15.57
CA ILE B 257 35.06 -26.36 15.48
C ILE B 257 33.86 -25.52 15.88
N LEU B 258 32.85 -25.48 15.01
CA LEU B 258 31.64 -24.69 15.26
C LEU B 258 30.39 -25.57 15.40
N VAL B 259 29.66 -25.37 16.48
CA VAL B 259 28.34 -25.98 16.66
C VAL B 259 27.29 -24.93 16.33
N THR B 260 26.51 -25.17 15.28
CA THR B 260 25.55 -24.17 14.80
C THR B 260 24.10 -24.67 14.90
N GLY B 261 23.17 -23.71 14.85
CA GLY B 261 21.72 -23.98 14.94
C GLY B 261 20.98 -22.79 15.55
N PRO B 262 19.64 -22.75 15.48
CA PRO B 262 18.88 -21.65 16.03
C PRO B 262 18.83 -21.65 17.56
N THR B 263 18.14 -20.70 18.14
CA THR B 263 17.96 -20.63 19.57
C THR B 263 17.26 -21.89 20.10
N GLY B 264 17.85 -22.48 21.13
CA GLY B 264 17.32 -23.64 21.81
C GLY B 264 17.61 -24.93 21.08
N SER B 265 18.73 -24.98 20.36
CA SER B 265 19.13 -26.15 19.58
C SER B 265 20.08 -27.08 20.34
N GLY B 266 20.45 -26.69 21.56
CA GLY B 266 21.34 -27.49 22.40
C GLY B 266 22.80 -27.39 22.03
N LYS B 267 23.19 -26.23 21.51
CA LYS B 267 24.56 -26.01 21.07
C LYS B 267 25.51 -25.80 22.28
N SER B 268 25.06 -25.08 23.30
CA SER B 268 25.82 -24.92 24.54
C SER B 268 25.99 -26.25 25.29
N THR B 269 24.93 -27.03 25.39
CA THR B 269 24.96 -28.34 26.05
C THR B 269 25.92 -29.31 25.35
N THR B 270 25.98 -29.24 24.03
CA THR B 270 26.88 -30.12 23.27
C THR B 270 28.34 -29.72 23.47
N LEU B 271 28.62 -28.41 23.46
CA LEU B 271 29.99 -27.90 23.73
C LEU B 271 30.47 -28.27 25.13
N TYR B 272 29.62 -28.09 26.10
CA TYR B 272 29.92 -28.47 27.48
C TYR B 272 30.27 -29.95 27.63
N ALA B 273 29.51 -30.80 26.97
CA ALA B 273 29.77 -32.24 26.97
C ALA B 273 31.08 -32.56 26.26
N GLY B 274 31.39 -31.81 25.22
CA GLY B 274 32.67 -31.95 24.52
C GLY B 274 33.86 -31.55 25.36
N LEU B 275 33.70 -30.46 26.12
CA LEU B 275 34.76 -29.98 27.01
C LEU B 275 34.98 -30.94 28.18
N GLN B 276 33.90 -31.48 28.71
CA GLN B 276 33.96 -32.47 29.78
C GLN B 276 34.67 -33.78 29.37
N GLU B 277 34.53 -34.15 28.11
CA GLU B 277 35.21 -35.31 27.56
C GLU B 277 36.72 -35.07 27.43
N LEU B 278 37.09 -33.87 27.04
CA LEU B 278 38.50 -33.47 26.95
C LEU B 278 39.09 -33.14 28.33
N ASN B 279 38.23 -32.80 29.28
CA ASN B 279 38.65 -32.35 30.62
C ASN B 279 39.68 -33.28 31.26
N SER B 280 40.95 -32.94 31.06
CA SER B 280 42.07 -33.74 31.57
C SER B 280 43.17 -32.82 32.10
N ASN B 281 44.03 -33.36 32.95
CA ASN B 281 45.14 -32.56 33.50
C ASN B 281 46.29 -32.35 32.48
N GLU B 282 46.29 -33.13 31.40
CA GLU B 282 47.27 -32.98 30.34
C GLU B 282 46.95 -31.81 29.40
N ARG B 283 45.72 -31.33 29.43
CA ARG B 283 45.32 -30.15 28.63
C ARG B 283 44.89 -28.97 29.51
N ASN B 284 45.17 -27.76 29.05
CA ASN B 284 44.70 -26.55 29.70
C ASN B 284 43.53 -25.98 28.90
N ILE B 285 42.34 -26.14 29.45
CA ILE B 285 41.11 -25.75 28.79
C ILE B 285 40.53 -24.50 29.45
N LEU B 286 40.25 -23.50 28.64
CA LEU B 286 39.73 -22.23 29.12
C LEU B 286 38.58 -21.77 28.24
N THR B 287 37.76 -20.87 28.75
CA THR B 287 36.61 -20.41 27.98
C THR B 287 36.11 -19.01 28.32
N VAL B 288 35.59 -18.32 27.32
CA VAL B 288 34.93 -17.02 27.48
C VAL B 288 33.43 -17.24 27.20
N GLU B 289 32.59 -16.85 28.15
CA GLU B 289 31.16 -17.09 28.05
C GLU B 289 30.34 -15.86 28.45
N ASP B 290 29.10 -15.81 27.96
CA ASP B 290 28.20 -14.67 28.19
C ASP B 290 26.76 -15.13 28.29
N PRO B 291 26.32 -15.62 29.45
CA PRO B 291 27.08 -15.86 30.66
C PRO B 291 27.61 -17.29 30.75
N ILE B 292 28.21 -17.64 31.88
CA ILE B 292 28.60 -19.02 32.16
C ILE B 292 27.33 -19.77 32.51
N GLU B 293 27.00 -20.78 31.71
CA GLU B 293 25.75 -21.54 31.86
C GLU B 293 25.79 -22.36 33.14
N PHE B 294 26.84 -23.15 33.32
CA PHE B 294 27.10 -23.82 34.60
C PHE B 294 28.58 -24.14 34.75
N ASP B 295 29.01 -24.36 35.98
CA ASP B 295 30.43 -24.53 36.30
C ASP B 295 30.91 -25.97 36.09
N ILE B 296 31.92 -26.12 35.23
CA ILE B 296 32.62 -27.39 35.02
C ILE B 296 33.88 -27.33 35.85
N ASP B 297 34.05 -28.28 36.75
CA ASP B 297 35.21 -28.29 37.66
C ASP B 297 36.43 -28.77 36.89
N GLY B 298 37.51 -28.00 36.95
CA GLY B 298 38.73 -28.31 36.20
C GLY B 298 39.00 -27.41 35.01
N ILE B 299 37.93 -26.83 34.46
CA ILE B 299 38.01 -25.89 33.33
C ILE B 299 37.84 -24.47 33.84
N GLY B 300 38.77 -23.60 33.43
CA GLY B 300 38.77 -22.19 33.82
C GLY B 300 37.82 -21.38 32.95
N GLN B 301 36.73 -20.89 33.56
CA GLN B 301 35.65 -20.25 32.83
C GLN B 301 35.58 -18.77 33.17
N THR B 302 35.87 -17.94 32.19
CA THR B 302 35.78 -16.48 32.32
C THR B 302 34.42 -16.02 31.83
N GLN B 303 33.84 -15.03 32.52
CA GLN B 303 32.54 -14.47 32.13
C GLN B 303 32.69 -13.07 31.51
N VAL B 304 31.94 -12.82 30.46
CA VAL B 304 31.89 -11.51 29.80
C VAL B 304 31.24 -10.49 30.72
N ASN B 305 31.88 -9.34 30.89
CA ASN B 305 31.48 -8.33 31.88
C ASN B 305 31.50 -6.94 31.26
N PRO B 306 30.32 -6.32 31.06
CA PRO B 306 30.27 -4.99 30.44
C PRO B 306 30.54 -3.84 31.42
N LYS B 307 30.63 -4.13 32.72
CA LYS B 307 30.92 -3.12 33.73
C LYS B 307 32.38 -2.66 33.69
N VAL B 308 33.26 -3.53 33.19
CA VAL B 308 34.68 -3.20 32.99
C VAL B 308 35.12 -3.31 31.51
N ASP B 309 34.14 -3.27 30.62
CA ASP B 309 34.34 -3.38 29.18
C ASP B 309 35.09 -4.64 28.77
N MET B 310 34.78 -5.74 29.46
CA MET B 310 35.35 -7.05 29.19
C MET B 310 34.46 -7.74 28.16
N THR B 311 34.85 -7.65 26.90
CA THR B 311 34.08 -8.25 25.80
C THR B 311 34.55 -9.65 25.45
N PHE B 312 33.88 -10.30 24.51
CA PHE B 312 34.33 -11.60 23.97
C PHE B 312 35.72 -11.49 23.38
N ALA B 313 35.94 -10.47 22.56
CA ALA B 313 37.24 -10.26 21.91
C ALA B 313 38.34 -9.98 22.90
N ARG B 314 38.07 -9.07 23.84
CA ARG B 314 39.05 -8.71 24.88
C ARG B 314 39.30 -9.87 25.85
N GLY B 315 38.26 -10.62 26.14
CA GLY B 315 38.39 -11.83 26.97
C GLY B 315 39.13 -12.98 26.28
N LEU B 316 38.95 -13.09 24.97
CA LEU B 316 39.62 -14.11 24.17
C LEU B 316 41.12 -13.84 24.05
N ARG B 317 41.48 -12.57 23.90
CA ARG B 317 42.89 -12.17 23.84
C ARG B 317 43.61 -12.50 25.14
N ALA B 318 42.94 -12.22 26.26
CA ALA B 318 43.50 -12.50 27.58
C ALA B 318 43.68 -14.00 27.82
N ILE B 319 42.74 -14.78 27.30
CA ILE B 319 42.81 -16.25 27.40
C ILE B 319 44.01 -16.80 26.63
N LEU B 320 44.34 -16.20 25.48
CA LEU B 320 45.41 -16.68 24.64
C LEU B 320 46.80 -16.42 25.24
N ARG B 321 46.88 -15.49 26.18
CA ARG B 321 48.13 -15.24 26.93
C ARG B 321 48.27 -16.14 28.18
N GLN B 322 47.28 -16.98 28.42
CA GLN B 322 47.32 -17.94 29.52
C GLN B 322 47.83 -19.31 29.09
N ASP B 323 48.42 -19.38 27.89
CA ASP B 323 48.98 -20.63 27.37
C ASP B 323 47.94 -21.79 27.44
N PRO B 324 46.83 -21.64 26.71
CA PRO B 324 45.86 -22.71 26.67
C PRO B 324 46.13 -23.72 25.56
N ASP B 325 45.47 -24.86 25.65
CA ASP B 325 45.49 -25.89 24.59
C ASP B 325 44.20 -25.84 23.80
N VAL B 326 43.09 -25.85 24.54
CA VAL B 326 41.75 -25.73 23.97
C VAL B 326 41.08 -24.45 24.48
N VAL B 327 40.43 -23.75 23.56
CA VAL B 327 39.71 -22.52 23.87
C VAL B 327 38.26 -22.65 23.43
N MET B 328 37.36 -22.15 24.24
CA MET B 328 35.93 -22.12 23.88
C MET B 328 35.37 -20.71 24.01
N VAL B 329 34.91 -20.17 22.89
CA VAL B 329 34.27 -18.85 22.86
C VAL B 329 32.76 -19.03 22.74
N GLY B 330 32.01 -18.41 23.64
CA GLY B 330 30.54 -18.54 23.67
C GLY B 330 29.91 -18.50 22.29
N GLU B 331 30.20 -17.43 21.54
CA GLU B 331 29.84 -17.33 20.13
C GLU B 331 30.64 -16.23 19.44
N ILE B 332 30.74 -16.34 18.14
CA ILE B 332 31.45 -15.39 17.31
C ILE B 332 30.43 -14.48 16.63
N ARG B 333 30.10 -13.38 17.29
CA ARG B 333 29.09 -12.44 16.78
C ARG B 333 29.63 -11.47 15.73
N ASP B 334 30.84 -10.96 15.95
CA ASP B 334 31.46 -9.94 15.08
C ASP B 334 32.77 -10.43 14.44
N LEU B 335 33.29 -9.63 13.53
CA LEU B 335 34.52 -9.96 12.82
C LEU B 335 35.76 -9.94 13.74
N GLU B 336 35.78 -8.98 14.67
CA GLU B 336 36.89 -8.82 15.61
C GLU B 336 37.17 -10.12 16.39
N THR B 337 36.11 -10.73 16.89
CA THR B 337 36.20 -11.98 17.64
C THR B 337 36.54 -13.15 16.70
N ALA B 338 36.04 -13.08 15.48
CA ALA B 338 36.31 -14.12 14.47
C ALA B 338 37.77 -14.14 14.04
N GLN B 339 38.34 -12.96 13.83
CA GLN B 339 39.74 -12.80 13.45
C GLN B 339 40.68 -13.41 14.49
N ILE B 340 40.38 -13.18 15.76
CA ILE B 340 41.21 -13.67 16.87
C ILE B 340 41.11 -15.19 16.98
N ALA B 341 39.91 -15.71 16.78
CA ALA B 341 39.67 -17.15 16.84
C ALA B 341 40.38 -17.89 15.70
N VAL B 342 40.43 -17.26 14.53
CA VAL B 342 41.12 -17.82 13.37
C VAL B 342 42.63 -17.80 13.58
N GLN B 343 43.14 -16.70 14.13
CA GLN B 343 44.58 -16.60 14.42
C GLN B 343 45.00 -17.55 15.54
N ALA B 344 44.08 -17.85 16.44
CA ALA B 344 44.32 -18.81 17.51
C ALA B 344 44.49 -20.22 16.94
N SER B 345 43.62 -20.57 16.01
CA SER B 345 43.63 -21.88 15.37
C SER B 345 44.89 -22.13 14.52
N LEU B 346 45.42 -21.06 13.93
CA LEU B 346 46.64 -21.16 13.12
C LEU B 346 47.92 -21.08 13.96
N THR B 347 47.78 -20.73 15.23
CA THR B 347 48.94 -20.66 16.15
C THR B 347 48.88 -21.75 17.24
N GLY B 348 48.35 -22.91 16.88
CA GLY B 348 48.40 -24.09 17.73
C GLY B 348 47.42 -24.08 18.89
N HIS B 349 46.17 -23.72 18.62
CA HIS B 349 45.09 -23.78 19.62
C HIS B 349 43.84 -24.40 18.99
N LEU B 350 43.21 -25.33 19.69
CA LEU B 350 41.90 -25.83 19.28
C LEU B 350 40.82 -24.86 19.79
N VAL B 351 40.08 -24.28 18.85
CA VAL B 351 39.05 -23.31 19.17
C VAL B 351 37.69 -23.94 18.98
N MET B 352 36.79 -23.72 19.93
CA MET B 352 35.40 -24.17 19.84
C MET B 352 34.46 -23.00 20.07
N SER B 353 33.48 -22.87 19.19
CA SER B 353 32.51 -21.79 19.30
C SER B 353 31.17 -22.16 18.66
N THR B 354 30.30 -21.17 18.51
CA THR B 354 28.97 -21.37 17.92
C THR B 354 28.54 -20.23 17.00
N LEU B 355 27.54 -20.53 16.17
CA LEU B 355 26.87 -19.56 15.31
C LEU B 355 25.40 -19.91 15.20
N HIS B 356 24.59 -18.95 14.79
CA HIS B 356 23.13 -19.15 14.68
C HIS B 356 22.70 -19.27 13.23
N THR B 357 23.31 -20.20 12.51
CA THR B 357 22.95 -20.47 11.11
C THR B 357 22.06 -21.71 11.07
N ASN B 358 21.19 -21.78 10.07
CA ASN B 358 20.27 -22.89 9.92
C ASN B 358 20.91 -24.19 9.45
N THR B 359 22.02 -24.08 8.72
CA THR B 359 22.71 -25.26 8.18
C THR B 359 24.19 -25.26 8.54
N ALA B 360 24.82 -26.41 8.36
CA ALA B 360 26.26 -26.57 8.58
C ALA B 360 27.08 -25.78 7.56
N VAL B 361 26.58 -25.75 6.32
CA VAL B 361 27.24 -25.02 5.24
C VAL B 361 27.05 -23.52 5.41
N GLY B 362 25.92 -23.12 6.00
CA GLY B 362 25.64 -21.71 6.29
C GLY B 362 26.65 -21.06 7.23
N ALA B 363 27.24 -21.86 8.09
CA ALA B 363 28.30 -21.41 9.01
C ALA B 363 29.55 -20.94 8.25
N ILE B 364 29.87 -21.65 7.17
CA ILE B 364 31.02 -21.28 6.33
C ILE B 364 30.70 -19.99 5.58
N THR B 365 29.47 -19.90 5.08
CA THR B 365 28.99 -18.71 4.40
C THR B 365 28.94 -17.52 5.36
N ARG B 366 28.63 -17.80 6.62
CA ARG B 366 28.54 -16.76 7.64
C ARG B 366 29.92 -16.15 7.92
N LEU B 367 30.93 -17.00 8.01
CA LEU B 367 32.32 -16.54 8.18
C LEU B 367 32.78 -15.72 6.97
N ARG B 368 32.37 -16.17 5.79
CA ARG B 368 32.58 -15.42 4.54
C ARG B 368 31.98 -14.02 4.61
N ASP B 369 30.73 -13.94 5.07
CA ASP B 369 29.98 -12.68 5.13
C ASP B 369 30.50 -11.71 6.19
N MET B 370 30.97 -12.23 7.32
CA MET B 370 31.53 -11.40 8.41
C MET B 370 32.80 -10.68 7.97
N GLY B 371 33.57 -11.32 7.10
CA GLY B 371 34.79 -10.71 6.53
C GLY B 371 36.07 -11.52 6.63
N ILE B 372 35.98 -12.78 7.04
CA ILE B 372 37.15 -13.65 7.14
C ILE B 372 37.49 -14.14 5.74
N GLU B 373 38.77 -14.07 5.40
CA GLU B 373 39.23 -14.45 4.06
C GLU B 373 39.11 -15.95 3.82
N PRO B 374 38.63 -16.35 2.63
CA PRO B 374 38.43 -17.76 2.29
C PRO B 374 39.63 -18.67 2.59
N PHE B 375 40.82 -18.20 2.28
CA PHE B 375 42.05 -18.96 2.53
C PHE B 375 42.23 -19.30 4.02
N LEU B 376 41.89 -18.34 4.87
CA LEU B 376 42.02 -18.52 6.32
C LEU B 376 40.95 -19.46 6.90
N ILE B 377 39.79 -19.53 6.24
CA ILE B 377 38.70 -20.42 6.66
C ILE B 377 39.06 -21.88 6.34
N SER B 378 39.57 -22.10 5.15
CA SER B 378 39.92 -23.44 4.67
C SER B 378 41.01 -24.08 5.52
N SER B 379 42.03 -23.31 5.86
CA SER B 379 43.16 -23.81 6.65
C SER B 379 42.81 -24.03 8.14
N SER B 380 41.87 -23.25 8.65
CA SER B 380 41.52 -23.29 10.09
C SER B 380 40.38 -24.25 10.45
N LEU B 381 39.32 -24.24 9.65
CA LEU B 381 38.09 -24.97 9.99
C LEU B 381 38.26 -26.49 9.91
N LEU B 382 37.95 -27.15 11.01
CA LEU B 382 37.99 -28.63 11.09
C LEU B 382 36.64 -29.25 10.77
N GLY B 383 35.58 -28.60 11.24
CA GLY B 383 34.21 -29.08 10.98
C GLY B 383 33.13 -28.23 11.60
N VAL B 384 31.91 -28.44 11.14
CA VAL B 384 30.73 -27.74 11.64
C VAL B 384 29.65 -28.75 12.03
N LEU B 385 29.14 -28.61 13.24
CA LEU B 385 28.08 -29.49 13.75
C LEU B 385 26.74 -28.77 13.78
N ALA B 386 25.93 -28.99 12.77
CA ALA B 386 24.56 -28.49 12.75
C ALA B 386 23.73 -29.36 13.66
N GLN B 387 22.91 -28.74 14.48
CA GLN B 387 22.16 -29.45 15.51
C GLN B 387 20.75 -28.91 15.74
N ARG B 388 19.82 -29.80 16.02
CA ARG B 388 18.44 -29.47 16.42
C ARG B 388 18.03 -30.39 17.55
N LEU B 389 17.04 -29.95 18.32
CA LEU B 389 16.44 -30.79 19.35
C LEU B 389 15.05 -31.19 18.93
N VAL B 390 14.71 -32.46 19.15
CA VAL B 390 13.40 -33.00 18.85
C VAL B 390 12.85 -33.66 20.09
N ARG B 391 11.59 -33.40 20.38
CA ARG B 391 10.95 -33.96 21.55
C ARG B 391 10.75 -35.46 21.41
N THR B 392 11.13 -36.20 22.43
CA THR B 392 11.02 -37.64 22.42
C THR B 392 9.59 -38.06 22.74
N LEU B 393 9.06 -39.01 22.00
CA LEU B 393 7.71 -39.52 22.20
C LEU B 393 7.57 -40.22 23.55
N CYS B 394 6.40 -40.06 24.15
CA CYS B 394 6.05 -40.75 25.38
C CYS B 394 5.90 -42.23 25.09
N GLN B 395 6.68 -43.05 25.78
CA GLN B 395 6.73 -44.49 25.50
C GLN B 395 5.43 -45.21 25.87
N ASP B 396 4.69 -44.64 26.81
CA ASP B 396 3.47 -45.28 27.32
C ASP B 396 2.27 -45.13 26.40
N CYS B 397 2.16 -44.00 25.72
CA CYS B 397 0.97 -43.68 24.92
C CYS B 397 1.22 -43.48 23.42
N LYS B 398 2.44 -43.69 22.96
CA LYS B 398 2.75 -43.52 21.52
C LYS B 398 2.00 -44.57 20.67
N GLU B 399 1.26 -44.09 19.68
CA GLU B 399 0.42 -44.93 18.84
C GLU B 399 1.12 -45.26 17.51
N PRO B 400 1.24 -46.56 17.18
CA PRO B 400 1.88 -46.95 15.93
C PRO B 400 0.94 -46.82 14.74
N TYR B 401 1.51 -46.52 13.58
CA TYR B 401 0.73 -46.43 12.35
C TYR B 401 1.62 -46.65 11.13
N GLU B 402 1.08 -47.27 10.10
CA GLU B 402 1.82 -47.52 8.87
C GLU B 402 1.86 -46.27 7.99
N ALA B 403 3.04 -45.99 7.45
CA ALA B 403 3.26 -44.77 6.66
C ALA B 403 2.69 -44.88 5.26
N ASP B 404 2.09 -43.81 4.79
CA ASP B 404 1.53 -43.74 3.43
C ASP B 404 2.61 -43.49 2.39
N LYS B 405 2.21 -43.41 1.12
CA LYS B 405 3.16 -43.25 0.00
C LYS B 405 3.96 -41.94 0.05
N GLU B 406 3.30 -40.86 0.42
CA GLU B 406 3.97 -39.56 0.55
C GLU B 406 5.00 -39.55 1.70
N GLN B 407 4.68 -40.26 2.78
CA GLN B 407 5.58 -40.40 3.93
C GLN B 407 6.73 -41.36 3.64
N ARG B 408 6.46 -42.42 2.88
CA ARG B 408 7.49 -43.40 2.52
C ARG B 408 8.56 -42.84 1.58
N LYS B 409 8.24 -41.77 0.86
CA LYS B 409 9.20 -41.10 -0.03
C LYS B 409 10.40 -40.49 0.73
N LEU B 410 10.16 -40.05 1.96
CA LEU B 410 11.22 -39.46 2.80
C LEU B 410 12.29 -40.49 3.17
N PHE B 411 11.85 -41.72 3.41
CA PHE B 411 12.76 -42.82 3.78
C PHE B 411 13.28 -43.50 2.50
N ALA B 418 6.08 -53.20 5.22
CA ALA B 418 5.26 -52.26 5.97
C ALA B 418 6.12 -51.44 6.91
N LEU B 419 6.28 -50.16 6.59
CA LEU B 419 7.08 -49.24 7.42
C LEU B 419 6.22 -48.70 8.55
N THR B 420 6.54 -49.13 9.78
CA THR B 420 5.80 -48.71 10.97
C THR B 420 6.46 -47.48 11.64
N LEU B 421 5.71 -46.39 11.73
CA LEU B 421 6.13 -45.18 12.45
C LEU B 421 5.24 -44.98 13.68
N TYR B 422 5.56 -43.96 14.48
CA TYR B 422 4.79 -43.68 15.71
C TYR B 422 4.27 -42.25 15.78
N ARG B 423 3.11 -42.09 16.42
CA ARG B 423 2.40 -40.79 16.52
C ARG B 423 2.37 -40.33 17.98
N ALA B 424 1.98 -39.08 18.20
CA ALA B 424 2.01 -38.46 19.53
C ALA B 424 0.90 -38.97 20.50
N LYS B 425 -0.34 -38.67 20.16
CA LYS B 425 -1.52 -38.98 21.01
C LYS B 425 -1.49 -38.23 22.35
N GLY B 426 -1.15 -38.91 23.45
CA GLY B 426 -1.04 -38.27 24.75
C GLY B 426 -1.74 -39.01 25.88
N CYS B 427 -1.26 -38.80 27.11
CA CYS B 427 -1.80 -39.44 28.31
C CYS B 427 -1.40 -38.68 29.59
N GLU B 428 -1.74 -39.23 30.75
CA GLU B 428 -1.41 -38.58 32.04
C GLU B 428 0.07 -38.63 32.43
N LYS B 429 0.82 -39.54 31.83
CA LYS B 429 2.26 -39.64 32.07
C LYS B 429 3.00 -38.44 31.43
N CYS B 430 2.65 -38.11 30.19
CA CYS B 430 3.20 -36.92 29.52
C CYS B 430 2.49 -35.66 29.96
N ASN B 431 1.19 -35.77 30.19
CA ASN B 431 0.40 -34.70 30.83
C ASN B 431 0.35 -33.36 30.09
N HIS B 432 -0.42 -33.24 29.00
CA HIS B 432 -1.11 -34.37 28.34
C HIS B 432 -0.68 -34.39 26.86
N LYS B 433 0.61 -34.16 26.66
CA LYS B 433 1.17 -33.79 25.35
C LYS B 433 1.43 -34.88 24.34
N GLY B 434 1.96 -36.00 24.79
CA GLY B 434 2.41 -37.08 23.90
C GLY B 434 3.91 -37.25 23.83
N TYR B 435 4.61 -36.19 24.23
CA TYR B 435 6.07 -36.18 24.30
C TYR B 435 6.48 -35.97 25.75
N ARG B 436 7.67 -36.46 26.08
CA ARG B 436 8.28 -36.25 27.38
C ARG B 436 9.80 -36.27 27.22
N GLY B 437 10.41 -35.12 27.37
CA GLY B 437 11.84 -34.96 27.20
C GLY B 437 12.23 -34.62 25.78
N ARG B 438 13.54 -34.47 25.56
CA ARG B 438 14.09 -34.12 24.27
C ARG B 438 15.34 -34.92 23.97
N THR B 439 15.71 -34.92 22.68
CA THR B 439 16.96 -35.52 22.25
C THR B 439 17.49 -34.81 21.01
N GLY B 440 18.80 -34.90 20.80
CA GLY B 440 19.43 -34.14 19.73
C GLY B 440 19.56 -34.90 18.44
N ILE B 441 19.37 -34.19 17.33
CA ILE B 441 19.64 -34.72 15.99
C ILE B 441 20.73 -33.86 15.35
N HIS B 442 21.63 -34.48 14.58
CA HIS B 442 22.88 -33.85 14.20
C HIS B 442 23.26 -34.06 12.75
N GLU B 443 24.06 -33.12 12.25
CA GLU B 443 24.70 -33.18 10.94
C GLU B 443 26.13 -32.68 11.08
N LEU B 444 27.10 -33.58 11.03
CA LEU B 444 28.49 -33.22 11.26
C LEU B 444 29.26 -33.03 9.94
N LEU B 445 29.47 -31.78 9.56
CA LEU B 445 30.28 -31.47 8.39
C LEU B 445 31.76 -31.64 8.74
N MET B 446 32.46 -32.50 8.00
CA MET B 446 33.87 -32.76 8.24
C MET B 446 34.72 -32.13 7.14
N VAL B 447 35.57 -31.19 7.52
CA VAL B 447 36.43 -30.50 6.56
C VAL B 447 37.61 -31.37 6.16
N ASP B 448 37.50 -31.97 4.97
CA ASP B 448 38.56 -32.82 4.41
C ASP B 448 39.25 -32.09 3.25
N ASP B 449 40.10 -32.81 2.51
CA ASP B 449 40.91 -32.22 1.44
C ASP B 449 40.07 -31.48 0.40
N LYS B 450 38.96 -32.09 -0.01
CA LYS B 450 38.14 -31.52 -1.08
C LYS B 450 37.30 -30.33 -0.60
N VAL B 451 36.92 -30.32 0.67
CA VAL B 451 36.19 -29.18 1.28
C VAL B 451 37.09 -27.94 1.36
N GLN B 452 38.36 -28.15 1.71
CA GLN B 452 39.34 -27.07 1.76
C GLN B 452 39.51 -26.36 0.41
N GLU B 453 39.47 -27.14 -0.66
CA GLU B 453 39.58 -26.59 -2.02
C GLU B 453 38.37 -25.74 -2.40
N LEU B 454 37.18 -26.22 -2.04
CA LEU B 454 35.92 -25.54 -2.38
C LEU B 454 35.76 -24.21 -1.64
N ILE B 455 36.27 -24.14 -0.42
CA ILE B 455 36.25 -22.90 0.36
C ILE B 455 37.20 -21.87 -0.25
N HIS B 456 38.39 -22.32 -0.65
CA HIS B 456 39.39 -21.44 -1.27
C HIS B 456 38.86 -20.86 -2.59
N ALA B 457 38.31 -21.72 -3.43
CA ALA B 457 37.82 -21.33 -4.76
C ALA B 457 36.49 -20.57 -4.72
N GLU B 458 35.84 -20.54 -3.56
CA GLU B 458 34.52 -19.91 -3.39
C GLU B 458 33.50 -20.53 -4.34
N ALA B 459 33.22 -21.81 -4.12
CA ALA B 459 32.32 -22.58 -5.00
C ALA B 459 30.84 -22.26 -4.76
N GLY B 460 30.54 -21.67 -3.61
CA GLY B 460 29.16 -21.31 -3.27
C GLY B 460 28.47 -22.41 -2.51
N GLU B 461 27.26 -22.14 -2.03
CA GLU B 461 26.50 -23.11 -1.22
C GLU B 461 25.95 -24.27 -2.06
N GLN B 462 25.57 -23.97 -3.29
CA GLN B 462 24.94 -24.96 -4.18
C GLN B 462 25.91 -26.09 -4.57
N ALA B 463 27.09 -25.72 -5.03
CA ALA B 463 28.12 -26.69 -5.45
C ALA B 463 28.69 -27.44 -4.24
N MET B 464 28.78 -26.75 -3.10
CA MET B 464 29.32 -27.33 -1.88
C MET B 464 28.34 -28.32 -1.23
N ASP B 465 27.05 -28.04 -1.34
CA ASP B 465 26.02 -28.95 -0.84
C ASP B 465 26.01 -30.29 -1.59
N LYS B 466 26.41 -30.25 -2.86
CA LYS B 466 26.47 -31.45 -3.69
C LYS B 466 27.46 -32.47 -3.11
N TYR B 467 28.69 -32.01 -2.87
CA TYR B 467 29.75 -32.88 -2.34
C TYR B 467 29.49 -33.35 -0.92
N ILE B 468 28.91 -32.46 -0.12
CA ILE B 468 28.63 -32.74 1.29
C ILE B 468 27.60 -33.87 1.46
N ARG B 469 26.64 -33.94 0.55
CA ARG B 469 25.63 -35.00 0.59
C ARG B 469 26.16 -36.38 0.20
N GLU B 470 27.30 -36.42 -0.49
CA GLU B 470 27.93 -37.69 -0.88
C GLU B 470 28.57 -38.41 0.31
N HIS B 471 29.07 -37.63 1.26
CA HIS B 471 29.87 -38.18 2.37
C HIS B 471 29.16 -38.12 3.73
N THR B 472 28.56 -36.98 4.06
CA THR B 472 27.95 -36.81 5.42
C THR B 472 26.42 -36.81 5.32
N PRO B 473 25.74 -37.61 6.18
CA PRO B 473 24.27 -37.58 6.24
C PRO B 473 23.70 -36.23 6.64
N SER B 474 22.48 -35.96 6.20
CA SER B 474 21.78 -34.70 6.52
C SER B 474 21.26 -34.70 7.94
N ILE B 475 20.79 -33.54 8.38
CA ILE B 475 20.20 -33.42 9.69
C ILE B 475 18.83 -34.10 9.71
N ARG B 476 18.13 -34.08 8.57
CA ARG B 476 16.83 -34.77 8.42
C ARG B 476 17.02 -36.29 8.44
N SER B 477 18.02 -36.78 7.72
CA SER B 477 18.31 -38.21 7.67
C SER B 477 18.61 -38.80 9.05
N ASP B 478 19.35 -38.06 9.87
CA ASP B 478 19.65 -38.46 11.25
C ASP B 478 18.37 -38.45 12.08
N GLY B 479 17.52 -37.46 11.81
CA GLY B 479 16.22 -37.36 12.47
C GLY B 479 15.27 -38.48 12.09
N LEU B 480 15.25 -38.82 10.81
CA LEU B 480 14.39 -39.90 10.28
C LEU B 480 14.76 -41.27 10.83
N ASP B 481 16.05 -41.48 11.11
CA ASP B 481 16.51 -42.72 11.73
C ASP B 481 15.91 -42.89 13.12
N LYS B 482 15.75 -41.79 13.83
CA LYS B 482 15.13 -41.81 15.17
C LYS B 482 13.62 -42.03 15.11
N VAL B 483 13.00 -41.65 13.98
CA VAL B 483 11.59 -41.93 13.74
C VAL B 483 11.38 -43.43 13.51
N LEU B 484 12.32 -44.05 12.83
CA LEU B 484 12.29 -45.50 12.59
C LEU B 484 12.49 -46.26 13.90
N GLN B 485 13.36 -45.74 14.76
CA GLN B 485 13.64 -46.35 16.07
C GLN B 485 12.46 -46.19 17.04
N GLY B 486 11.60 -45.20 16.78
CA GLY B 486 10.44 -44.95 17.61
C GLY B 486 10.74 -44.00 18.77
N VAL B 487 11.71 -43.10 18.56
CA VAL B 487 12.13 -42.15 19.59
C VAL B 487 11.33 -40.87 19.47
N THR B 488 11.21 -40.36 18.25
CA THR B 488 10.45 -39.14 17.97
C THR B 488 9.53 -39.32 16.76
N SER B 489 8.58 -38.41 16.64
CA SER B 489 7.63 -38.42 15.53
C SER B 489 8.21 -37.80 14.27
N LEU B 490 7.56 -38.06 13.14
CA LEU B 490 7.94 -37.42 11.86
C LEU B 490 7.56 -35.94 11.87
N GLU B 491 6.48 -35.61 12.59
CA GLU B 491 6.00 -34.23 12.72
C GLU B 491 7.06 -33.33 13.38
N GLU B 492 7.78 -33.90 14.34
CA GLU B 492 8.78 -33.16 15.12
C GLU B 492 10.08 -32.96 14.34
N VAL B 493 10.42 -33.92 13.49
CA VAL B 493 11.57 -33.81 12.61
C VAL B 493 11.32 -32.76 11.53
N MET B 494 10.12 -32.79 10.95
CA MET B 494 9.75 -31.85 9.88
C MET B 494 9.53 -30.43 10.42
N ARG B 495 9.22 -30.33 11.72
CA ARG B 495 9.08 -29.02 12.39
C ARG B 495 10.40 -28.26 12.43
N VAL B 496 11.42 -28.93 12.92
CA VAL B 496 12.74 -28.31 13.16
C VAL B 496 13.64 -28.33 11.92
N THR B 497 13.30 -29.12 10.93
CA THR B 497 14.08 -29.22 9.68
C THR B 497 13.34 -28.58 8.50
N LYS B 498 14.04 -27.72 7.76
CA LYS B 498 13.47 -27.02 6.60
C LYS B 498 14.32 -27.26 5.35
N SER C 3 -7.17 -37.51 18.53
CA SER C 3 -6.71 -36.61 19.64
C SER C 3 -6.81 -35.13 19.24
N GLU C 4 -6.21 -34.79 18.10
CA GLU C 4 -6.29 -33.45 17.54
C GLU C 4 -6.91 -33.47 16.14
N PHE C 5 -7.67 -32.44 15.80
CA PHE C 5 -8.25 -32.31 14.47
C PHE C 5 -8.50 -30.87 14.08
N LEU C 6 -8.42 -30.59 12.78
CA LEU C 6 -8.68 -29.25 12.23
C LEU C 6 -10.15 -29.11 11.81
N THR C 7 -10.82 -28.10 12.34
CA THR C 7 -12.20 -27.79 11.96
C THR C 7 -12.20 -26.55 11.08
N VAL C 8 -12.88 -26.64 9.94
CA VAL C 8 -12.92 -25.51 8.98
C VAL C 8 -14.37 -25.15 8.65
N ARG C 9 -14.69 -23.86 8.74
CA ARG C 9 -16.06 -23.37 8.55
C ARG C 9 -16.18 -22.68 7.20
N LEU C 10 -16.91 -23.29 6.28
CA LEU C 10 -17.07 -22.78 4.93
C LEU C 10 -18.51 -22.33 4.67
N SER C 11 -18.69 -21.61 3.56
CA SER C 11 -20.00 -21.17 3.14
C SER C 11 -20.02 -21.01 1.63
N SER C 12 -21.18 -20.66 1.09
CA SER C 12 -21.35 -20.47 -0.36
C SER C 12 -20.63 -19.23 -0.87
N GLU C 13 -20.55 -18.21 -0.03
CA GLU C 13 -19.86 -16.96 -0.35
C GLU C 13 -18.34 -17.15 -0.39
N GLN C 14 -17.77 -17.17 -1.58
CA GLN C 14 -16.32 -17.36 -1.78
C GLN C 14 -15.48 -16.15 -1.37
N TYR C 15 -16.09 -14.98 -1.35
CA TYR C 15 -15.45 -13.75 -0.84
C TYR C 15 -15.43 -13.68 0.70
N SER C 16 -16.30 -14.43 1.37
CA SER C 16 -16.39 -14.38 2.85
C SER C 16 -15.24 -15.10 3.54
N PRO C 17 -14.95 -14.74 4.79
CA PRO C 17 -13.94 -15.41 5.60
C PRO C 17 -14.22 -16.88 5.89
N ILE C 18 -13.16 -17.64 6.14
CA ILE C 18 -13.24 -19.09 6.44
C ILE C 18 -12.58 -19.32 7.79
N PRO C 19 -13.37 -19.35 8.87
CA PRO C 19 -12.81 -19.59 10.20
C PRO C 19 -12.35 -21.02 10.35
N TRP C 20 -11.19 -21.21 10.98
CA TRP C 20 -10.65 -22.53 11.26
C TRP C 20 -10.07 -22.60 12.68
N LEU C 21 -9.99 -23.82 13.18
CA LEU C 21 -9.52 -24.04 14.54
C LEU C 21 -9.04 -25.46 14.74
N VAL C 22 -7.86 -25.59 15.34
CA VAL C 22 -7.31 -26.91 15.69
C VAL C 22 -7.64 -27.19 17.15
N TRP C 23 -8.60 -28.09 17.37
CA TRP C 23 -9.01 -28.47 18.73
C TRP C 23 -8.34 -29.76 19.15
N SER C 24 -8.02 -29.85 20.44
CA SER C 24 -7.46 -31.06 21.04
C SER C 24 -8.44 -31.65 22.07
N SER C 25 -9.01 -32.80 21.73
CA SER C 25 -9.91 -33.49 22.63
C SER C 25 -9.16 -34.15 23.78
N SER C 26 -7.88 -34.46 23.56
CA SER C 26 -7.01 -35.05 24.60
C SER C 26 -6.70 -34.04 25.71
N GLN C 27 -6.41 -32.80 25.34
CA GLN C 27 -6.09 -31.73 26.29
C GLN C 27 -7.28 -30.85 26.67
N GLN C 28 -8.34 -30.91 25.87
CA GLN C 28 -9.51 -30.00 25.99
C GLN C 28 -9.11 -28.54 25.89
N GLU C 29 -8.34 -28.22 24.84
CA GLU C 29 -7.82 -26.89 24.62
C GLU C 29 -7.75 -26.52 23.12
N VAL C 30 -7.69 -25.22 22.86
CA VAL C 30 -7.48 -24.70 21.52
C VAL C 30 -5.98 -24.62 21.25
N ILE C 31 -5.52 -25.45 20.34
CA ILE C 31 -4.11 -25.48 19.96
C ILE C 31 -3.74 -24.38 19.01
N ALA C 32 -4.55 -24.21 17.98
CA ALA C 32 -4.33 -23.18 16.96
C ALA C 32 -5.65 -22.64 16.44
N SER C 33 -5.61 -21.40 16.00
CA SER C 33 -6.80 -20.69 15.56
C SER C 33 -6.46 -19.60 14.56
N GLY C 34 -7.34 -19.40 13.60
CA GLY C 34 -7.17 -18.36 12.59
C GLY C 34 -8.39 -18.16 11.71
N GLU C 35 -8.20 -17.46 10.61
CA GLU C 35 -9.27 -17.17 9.68
C GLU C 35 -8.70 -16.86 8.32
N LEU C 36 -9.11 -17.59 7.29
CA LEU C 36 -8.80 -17.23 5.91
C LEU C 36 -9.76 -16.13 5.48
N SER C 37 -9.27 -15.19 4.68
CA SER C 37 -10.12 -14.12 4.16
C SER C 37 -11.04 -14.57 3.02
N ASP C 38 -10.51 -15.38 2.12
CA ASP C 38 -11.23 -15.84 0.92
C ASP C 38 -11.01 -17.33 0.75
N TRP C 39 -11.59 -17.90 -0.29
CA TRP C 39 -11.31 -19.28 -0.68
C TRP C 39 -9.99 -19.38 -1.45
N GLN C 40 -9.37 -18.23 -1.74
CA GLN C 40 -8.05 -18.20 -2.37
C GLN C 40 -6.93 -18.70 -1.46
N GLN C 41 -7.15 -18.71 -0.15
CA GLN C 41 -6.14 -19.13 0.83
C GLN C 41 -6.24 -20.58 1.27
N LEU C 42 -6.87 -21.42 0.49
CA LEU C 42 -7.01 -22.83 0.88
C LEU C 42 -5.66 -23.54 0.99
N ASP C 43 -4.66 -23.03 0.28
CA ASP C 43 -3.29 -23.53 0.39
C ASP C 43 -2.67 -23.34 1.79
N ASP C 44 -3.15 -22.35 2.54
CA ASP C 44 -2.64 -22.07 3.89
C ASP C 44 -3.05 -23.09 4.94
N LEU C 45 -4.10 -23.86 4.65
CA LEU C 45 -4.56 -24.92 5.55
C LEU C 45 -3.63 -26.14 5.61
N LYS C 46 -2.69 -26.24 4.69
CA LYS C 46 -1.73 -27.34 4.66
C LYS C 46 -0.92 -27.43 5.95
N ASN C 47 -0.35 -26.30 6.36
CA ASN C 47 0.54 -26.26 7.51
C ASN C 47 -0.18 -26.41 8.86
N TYR C 48 -1.49 -26.23 8.89
CA TYR C 48 -2.30 -26.48 10.11
C TYR C 48 -2.93 -27.88 10.12
N ALA C 49 -2.92 -28.55 8.98
CA ALA C 49 -3.51 -29.88 8.85
C ALA C 49 -2.49 -31.02 8.97
N GLU C 50 -1.22 -30.72 9.18
CA GLU C 50 -0.22 -31.78 9.14
C GLU C 50 -0.70 -32.94 10.00
N GLN C 51 -0.92 -34.09 9.38
CA GLN C 51 -1.32 -35.31 10.07
C GLN C 51 -2.52 -35.14 11.04
N ARG C 52 -3.55 -34.44 10.60
CA ARG C 52 -4.73 -34.28 11.44
C ARG C 52 -5.99 -34.36 10.59
N PRO C 53 -7.03 -35.09 11.07
CA PRO C 53 -8.29 -35.16 10.32
C PRO C 53 -8.92 -33.78 10.14
N ILE C 54 -9.41 -33.53 8.93
CA ILE C 54 -10.09 -32.27 8.62
C ILE C 54 -11.60 -32.47 8.63
N VAL C 55 -12.28 -31.67 9.45
CA VAL C 55 -13.74 -31.67 9.50
C VAL C 55 -14.26 -30.35 8.93
N VAL C 56 -15.07 -30.43 7.89
CA VAL C 56 -15.65 -29.24 7.28
C VAL C 56 -17.03 -28.95 7.87
N LEU C 57 -17.18 -27.74 8.40
CA LEU C 57 -18.48 -27.23 8.86
C LEU C 57 -19.08 -26.36 7.79
N VAL C 58 -19.97 -26.92 6.99
CA VAL C 58 -20.76 -26.11 6.05
C VAL C 58 -21.74 -25.21 6.83
N ALA C 59 -21.94 -24.00 6.34
CA ALA C 59 -22.88 -23.07 6.94
C ALA C 59 -24.29 -23.60 6.82
N ALA C 60 -25.04 -23.53 7.91
CA ALA C 60 -26.43 -24.03 7.93
C ALA C 60 -27.35 -23.17 7.05
N SER C 61 -26.90 -21.97 6.75
CA SER C 61 -27.57 -21.11 5.77
C SER C 61 -27.52 -21.68 4.34
N ASP C 62 -26.46 -22.43 4.03
CA ASP C 62 -26.29 -23.09 2.72
C ASP C 62 -26.75 -24.56 2.72
N VAL C 63 -27.71 -24.88 3.56
CA VAL C 63 -28.17 -26.24 3.77
C VAL C 63 -29.65 -26.21 4.16
N VAL C 64 -30.41 -27.18 3.68
CA VAL C 64 -31.81 -27.34 4.09
C VAL C 64 -31.91 -28.44 5.15
N LEU C 65 -32.25 -28.05 6.37
CA LEU C 65 -32.50 -28.98 7.47
C LEU C 65 -33.98 -28.93 7.81
N THR C 66 -34.70 -30.01 7.51
CA THR C 66 -36.15 -30.04 7.65
C THR C 66 -36.65 -31.43 8.06
N GLU C 67 -37.94 -31.49 8.39
CA GLU C 67 -38.57 -32.73 8.85
C GLU C 67 -39.66 -33.12 7.85
N VAL C 68 -39.73 -34.42 7.56
CA VAL C 68 -40.76 -34.94 6.64
C VAL C 68 -41.41 -36.19 7.22
N ASP C 69 -42.69 -36.35 6.90
CA ASP C 69 -43.48 -37.50 7.35
C ASP C 69 -43.17 -38.68 6.47
N ILE C 70 -42.85 -39.81 7.11
CA ILE C 70 -42.65 -41.06 6.40
C ILE C 70 -44.02 -41.66 6.12
N PRO C 71 -44.33 -41.94 4.83
CA PRO C 71 -45.61 -42.62 4.53
C PRO C 71 -45.69 -43.99 5.22
N PRO C 72 -46.84 -44.31 5.86
CA PRO C 72 -46.97 -45.53 6.66
C PRO C 72 -46.49 -46.80 5.95
N GLY C 73 -45.58 -47.52 6.61
CA GLY C 73 -45.05 -48.79 6.11
C GLY C 73 -44.12 -48.69 4.90
N ALA C 74 -43.55 -47.51 4.70
CA ALA C 74 -42.64 -47.27 3.58
C ALA C 74 -41.31 -46.70 4.09
N SER C 75 -40.79 -47.31 5.14
CA SER C 75 -39.53 -46.88 5.76
C SER C 75 -38.30 -47.40 5.02
N ARG C 76 -38.38 -48.62 4.50
CA ARG C 76 -37.27 -49.24 3.77
C ARG C 76 -37.04 -48.58 2.39
N GLN C 77 -38.09 -48.03 1.81
CA GLN C 77 -38.02 -47.38 0.49
C GLN C 77 -38.28 -45.86 0.60
N PHE C 78 -37.95 -45.30 1.76
CA PHE C 78 -38.20 -43.88 2.04
C PHE C 78 -37.23 -42.93 1.33
N GLU C 79 -35.95 -43.28 1.33
CA GLU C 79 -34.90 -42.42 0.77
C GLU C 79 -35.05 -42.17 -0.73
N SER C 80 -35.63 -43.12 -1.44
CA SER C 80 -35.93 -42.99 -2.87
C SER C 80 -37.07 -42.01 -3.12
N MET C 81 -38.00 -41.95 -2.17
CA MET C 81 -39.16 -41.05 -2.25
C MET C 81 -38.88 -39.64 -1.70
N LEU C 82 -37.67 -39.42 -1.21
CA LEU C 82 -37.37 -38.21 -0.44
C LEU C 82 -37.43 -36.94 -1.28
N PRO C 83 -36.79 -36.93 -2.46
CA PRO C 83 -36.75 -35.69 -3.24
C PRO C 83 -38.13 -35.23 -3.69
N TYR C 84 -39.01 -36.19 -3.96
CA TYR C 84 -40.35 -35.89 -4.45
C TYR C 84 -41.23 -35.30 -3.35
N LEU C 85 -41.06 -35.78 -2.13
CA LEU C 85 -41.79 -35.26 -0.98
C LEU C 85 -41.42 -33.80 -0.64
N LEU C 86 -40.15 -33.44 -0.82
CA LEU C 86 -39.65 -32.10 -0.54
C LEU C 86 -39.67 -31.18 -1.77
N GLU C 87 -40.14 -31.66 -2.90
CA GLU C 87 -40.02 -30.93 -4.18
C GLU C 87 -40.70 -29.57 -4.13
N ASP C 88 -41.86 -29.49 -3.49
CA ASP C 88 -42.61 -28.23 -3.34
C ASP C 88 -42.02 -27.27 -2.30
N GLU C 89 -41.27 -27.81 -1.35
CA GLU C 89 -40.74 -27.02 -0.22
C GLU C 89 -39.35 -26.41 -0.42
N ILE C 90 -38.68 -26.75 -1.53
CA ILE C 90 -37.40 -26.12 -1.85
C ILE C 90 -37.55 -25.21 -3.06
N ALA C 91 -36.63 -24.26 -3.16
CA ALA C 91 -36.70 -23.18 -4.14
C ALA C 91 -35.75 -23.36 -5.30
N GLN C 92 -35.57 -24.62 -5.71
CA GLN C 92 -34.84 -24.96 -6.93
C GLN C 92 -35.18 -26.40 -7.37
N ASP C 93 -34.55 -26.87 -8.43
CA ASP C 93 -34.72 -28.27 -8.86
C ASP C 93 -34.15 -29.21 -7.79
N VAL C 94 -34.96 -30.15 -7.34
CA VAL C 94 -34.58 -31.03 -6.25
C VAL C 94 -33.56 -32.10 -6.67
N ASP C 95 -33.38 -32.29 -7.97
CA ASP C 95 -32.30 -33.14 -8.49
C ASP C 95 -30.90 -32.54 -8.22
N ASP C 96 -30.82 -31.24 -8.02
CA ASP C 96 -29.55 -30.56 -7.74
C ASP C 96 -29.03 -30.86 -6.35
N LEU C 97 -29.92 -31.22 -5.43
CA LEU C 97 -29.56 -31.43 -4.03
C LEU C 97 -29.15 -32.86 -3.75
N HIS C 98 -28.20 -32.99 -2.83
CA HIS C 98 -27.79 -34.26 -2.26
C HIS C 98 -28.36 -34.38 -0.84
N PHE C 99 -29.20 -35.38 -0.62
CA PHE C 99 -29.88 -35.59 0.66
C PHE C 99 -29.19 -36.65 1.51
N SER C 100 -29.21 -36.43 2.80
CA SER C 100 -28.68 -37.37 3.79
C SER C 100 -29.65 -37.49 4.96
N VAL C 101 -30.16 -38.69 5.21
CA VAL C 101 -31.05 -38.92 6.35
C VAL C 101 -30.24 -38.99 7.64
N LEU C 102 -30.48 -38.03 8.52
CA LEU C 102 -29.79 -37.99 9.82
C LEU C 102 -30.41 -38.95 10.85
N ALA C 103 -31.73 -39.05 10.84
CA ALA C 103 -32.45 -39.87 11.82
C ALA C 103 -33.84 -40.29 11.34
N LYS C 104 -34.30 -41.44 11.83
CA LYS C 104 -35.67 -41.94 11.59
C LYS C 104 -36.32 -42.31 12.93
N GLU C 105 -37.34 -41.55 13.34
CA GLU C 105 -37.95 -41.76 14.67
C GLU C 105 -39.03 -42.81 14.58
N ASN C 106 -40.27 -42.36 14.36
CA ASN C 106 -41.41 -43.25 14.25
C ASN C 106 -42.11 -43.06 12.90
N GLY C 107 -42.78 -41.93 12.76
CA GLY C 107 -43.46 -41.56 11.53
C GLY C 107 -42.82 -40.37 10.82
N LYS C 108 -41.66 -39.96 11.32
CA LYS C 108 -40.96 -38.80 10.80
C LYS C 108 -39.47 -39.08 10.60
N ALA C 109 -38.86 -38.39 9.65
CA ALA C 109 -37.44 -38.55 9.33
C ALA C 109 -36.75 -37.19 9.28
N GLN C 110 -35.53 -37.16 9.82
CA GLN C 110 -34.73 -35.94 9.84
C GLN C 110 -33.81 -35.90 8.64
N VAL C 111 -33.92 -34.86 7.84
CA VAL C 111 -33.25 -34.77 6.56
C VAL C 111 -32.28 -33.60 6.53
N CYS C 112 -31.19 -33.77 5.81
CA CYS C 112 -30.27 -32.68 5.51
C CYS C 112 -29.97 -32.66 4.02
N GLY C 113 -30.41 -31.60 3.33
CA GLY C 113 -30.07 -31.41 1.93
C GLY C 113 -29.00 -30.37 1.70
N VAL C 114 -28.17 -30.59 0.69
CA VAL C 114 -27.17 -29.60 0.26
C VAL C 114 -26.94 -29.70 -1.24
N ASP C 115 -26.59 -28.59 -1.86
CA ASP C 115 -26.32 -28.55 -3.28
C ASP C 115 -25.15 -29.50 -3.62
N ARG C 116 -25.42 -30.43 -4.52
CA ARG C 116 -24.46 -31.46 -4.88
C ARG C 116 -23.19 -30.86 -5.52
N ARG C 117 -23.39 -29.93 -6.43
CA ARG C 117 -22.28 -29.34 -7.16
C ARG C 117 -21.37 -28.53 -6.26
N TRP C 118 -21.96 -27.87 -5.27
CA TRP C 118 -21.18 -27.10 -4.28
C TRP C 118 -20.34 -28.02 -3.39
N LEU C 119 -20.96 -29.09 -2.92
CA LEU C 119 -20.28 -30.06 -2.06
C LEU C 119 -19.16 -30.74 -2.81
N GLN C 120 -19.43 -31.11 -4.06
CA GLN C 120 -18.40 -31.72 -4.92
C GLN C 120 -17.26 -30.72 -5.19
N HIS C 121 -17.63 -29.47 -5.46
CA HIS C 121 -16.64 -28.42 -5.74
C HIS C 121 -15.76 -28.11 -4.53
N MET C 122 -16.36 -28.12 -3.35
CA MET C 122 -15.63 -27.95 -2.10
C MET C 122 -14.62 -29.09 -1.89
N LEU C 123 -15.06 -30.33 -2.11
CA LEU C 123 -14.18 -31.49 -2.00
C LEU C 123 -13.06 -31.49 -3.05
N ASP C 124 -13.37 -31.03 -4.26
CA ASP C 124 -12.36 -30.88 -5.32
C ASP C 124 -11.34 -29.79 -4.99
N ALA C 125 -11.79 -28.73 -4.32
CA ALA C 125 -10.90 -27.64 -3.90
C ALA C 125 -9.89 -28.11 -2.85
N PHE C 126 -10.36 -28.91 -1.91
CA PHE C 126 -9.48 -29.49 -0.88
C PHE C 126 -8.58 -30.60 -1.44
N ARG C 127 -9.07 -31.34 -2.42
CA ARG C 127 -8.28 -32.41 -3.05
C ARG C 127 -7.14 -31.83 -3.90
N ALA C 128 -7.37 -30.68 -4.53
CA ALA C 128 -6.35 -29.99 -5.31
C ALA C 128 -5.22 -29.47 -4.42
N GLN C 129 -5.52 -29.34 -3.14
CA GLN C 129 -4.57 -28.83 -2.14
C GLN C 129 -3.97 -29.97 -1.29
N GLY C 130 -4.28 -31.20 -1.65
CA GLY C 130 -3.78 -32.37 -0.94
C GLY C 130 -4.40 -32.59 0.43
N LEU C 131 -5.56 -31.96 0.66
CA LEU C 131 -6.25 -32.03 1.95
C LEU C 131 -7.39 -33.02 1.85
N ASP C 132 -7.41 -33.99 2.74
CA ASP C 132 -8.44 -35.02 2.74
C ASP C 132 -9.52 -34.70 3.78
N VAL C 133 -10.72 -34.38 3.31
CA VAL C 133 -11.84 -34.06 4.20
C VAL C 133 -12.46 -35.34 4.72
N LYS C 134 -12.47 -35.49 6.04
CA LYS C 134 -12.98 -36.73 6.67
C LYS C 134 -14.49 -36.68 6.90
N ARG C 135 -15.00 -35.51 7.25
CA ARG C 135 -16.43 -35.31 7.53
C ARG C 135 -16.91 -33.96 7.05
N VAL C 136 -18.20 -33.90 6.76
CA VAL C 136 -18.88 -32.66 6.41
C VAL C 136 -20.20 -32.65 7.14
N LEU C 137 -20.42 -31.63 7.96
CA LEU C 137 -21.73 -31.45 8.60
C LEU C 137 -22.12 -29.98 8.76
N PRO C 138 -23.42 -29.70 8.92
CA PRO C 138 -23.84 -28.33 9.18
C PRO C 138 -23.25 -27.76 10.50
N ASP C 139 -22.84 -26.50 10.46
CA ASP C 139 -22.18 -25.86 11.61
C ASP C 139 -23.09 -25.73 12.83
N SER C 140 -24.37 -25.55 12.58
CA SER C 140 -25.36 -25.39 13.66
C SER C 140 -25.54 -26.67 14.49
N LEU C 141 -25.47 -27.82 13.82
CA LEU C 141 -25.62 -29.12 14.50
C LEU C 141 -24.41 -29.51 15.38
N ALA C 142 -23.33 -28.73 15.29
CA ALA C 142 -22.17 -28.90 16.15
C ALA C 142 -22.32 -28.16 17.50
N LEU C 143 -23.35 -27.34 17.64
CA LEU C 143 -23.65 -26.65 18.91
C LEU C 143 -24.19 -27.65 19.93
N PRO C 144 -23.99 -27.38 21.22
CA PRO C 144 -24.41 -28.35 22.23
C PRO C 144 -25.91 -28.30 22.50
N LEU C 145 -26.50 -29.45 22.81
CA LEU C 145 -27.91 -29.48 23.21
C LEU C 145 -28.07 -28.98 24.66
N ASP C 146 -29.06 -28.12 24.86
CA ASP C 146 -29.42 -27.67 26.21
C ASP C 146 -30.83 -28.13 26.54
N ASP C 147 -31.02 -28.51 27.80
CA ASP C 147 -32.31 -29.06 28.27
C ASP C 147 -33.38 -27.98 28.44
N GLU C 148 -32.96 -26.72 28.56
CA GLU C 148 -33.87 -25.61 28.86
C GLU C 148 -34.29 -24.77 27.66
N GLY C 149 -33.71 -25.01 26.50
CA GLY C 149 -34.10 -24.29 25.28
C GLY C 149 -33.26 -24.56 24.04
N ILE C 150 -33.54 -23.77 23.01
CA ILE C 150 -32.78 -23.81 21.77
C ILE C 150 -31.38 -23.21 21.98
N SER C 151 -30.34 -23.98 21.64
CA SER C 151 -28.97 -23.51 21.77
C SER C 151 -28.61 -22.55 20.64
N ALA C 152 -27.94 -21.46 20.98
CA ALA C 152 -27.58 -20.42 20.01
C ALA C 152 -26.15 -19.92 20.21
N ALA C 153 -25.56 -19.42 19.12
CA ALA C 153 -24.21 -18.85 19.13
C ALA C 153 -23.99 -17.97 17.90
N GLN C 154 -23.29 -16.88 18.07
CA GLN C 154 -23.02 -15.92 16.99
C GLN C 154 -21.67 -16.19 16.35
N LEU C 155 -21.66 -16.40 15.03
CA LEU C 155 -20.42 -16.59 14.27
C LEU C 155 -20.36 -15.61 13.14
N GLY C 156 -19.44 -14.66 13.23
CA GLY C 156 -19.34 -13.59 12.24
C GLY C 156 -20.50 -12.63 12.37
N GLU C 157 -21.29 -12.53 11.31
CA GLU C 157 -22.52 -11.70 11.31
C GLU C 157 -23.74 -12.59 11.06
N GLN C 158 -23.76 -13.71 11.77
CA GLN C 158 -24.81 -14.70 11.68
C GLN C 158 -25.06 -15.32 13.03
N TRP C 159 -26.30 -15.78 13.24
CA TRP C 159 -26.68 -16.48 14.46
C TRP C 159 -26.99 -17.94 14.18
N LEU C 160 -26.17 -18.83 14.70
CA LEU C 160 -26.38 -20.26 14.55
C LEU C 160 -27.39 -20.74 15.58
N PHE C 161 -28.36 -21.55 15.13
CA PHE C 161 -29.39 -22.10 16.01
C PHE C 161 -29.51 -23.61 15.84
N ARG C 162 -29.47 -24.34 16.94
CA ARG C 162 -29.73 -25.76 16.93
C ARG C 162 -31.04 -26.02 17.68
N HIS C 163 -32.07 -26.38 16.94
CA HIS C 163 -33.40 -26.55 17.50
C HIS C 163 -33.54 -27.86 18.27
N SER C 164 -32.99 -28.92 17.70
CA SER C 164 -33.03 -30.24 18.33
C SER C 164 -31.82 -31.04 17.86
N ALA C 165 -31.83 -32.35 18.06
CA ALA C 165 -30.71 -33.21 17.66
C ALA C 165 -30.32 -33.07 16.18
N CYS C 166 -31.32 -32.96 15.30
CA CYS C 166 -31.10 -32.96 13.85
C CYS C 166 -31.54 -31.72 13.09
N GLN C 167 -32.44 -30.93 13.66
CA GLN C 167 -32.85 -29.68 12.99
C GLN C 167 -32.03 -28.50 13.49
N GLY C 168 -31.67 -27.61 12.58
CA GLY C 168 -30.81 -26.46 12.88
C GLY C 168 -30.94 -25.38 11.82
N SER C 169 -30.29 -24.24 12.06
CA SER C 169 -30.39 -23.09 11.18
C SER C 169 -29.29 -22.07 11.44
N ALA C 170 -29.05 -21.24 10.42
CA ALA C 170 -28.15 -20.10 10.54
C ALA C 170 -28.73 -18.89 9.79
N VAL C 171 -28.88 -17.79 10.50
CA VAL C 171 -29.55 -16.59 9.98
C VAL C 171 -28.73 -15.35 10.23
N ASP C 172 -28.89 -14.36 9.38
CA ASP C 172 -28.16 -13.10 9.49
C ASP C 172 -28.69 -12.25 10.65
N ASP C 173 -27.84 -11.37 11.19
CA ASP C 173 -28.21 -10.50 12.32
C ASP C 173 -29.37 -9.58 12.00
N SER C 174 -29.42 -9.09 10.76
CA SER C 174 -30.40 -8.08 10.37
C SER C 174 -31.85 -8.55 10.52
N TRP C 175 -32.12 -9.81 10.14
CA TRP C 175 -33.47 -10.37 10.20
C TRP C 175 -33.58 -11.56 11.16
N MET C 176 -32.67 -11.65 12.12
CA MET C 176 -32.69 -12.71 13.13
C MET C 176 -33.93 -12.66 14.02
N PRO C 177 -34.34 -11.47 14.49
CA PRO C 177 -35.51 -11.39 15.38
C PRO C 177 -36.81 -11.79 14.70
N VAL C 178 -36.95 -11.43 13.44
CA VAL C 178 -38.15 -11.74 12.65
C VAL C 178 -38.24 -13.25 12.38
N TYR C 179 -37.08 -13.87 12.21
CA TYR C 179 -36.98 -15.33 11.96
C TYR C 179 -37.49 -16.15 13.15
N LEU C 180 -37.13 -15.78 14.37
CA LEU C 180 -37.57 -16.53 15.56
C LEU C 180 -39.08 -16.56 15.77
N ASN C 181 -39.78 -15.57 15.23
CA ASN C 181 -41.25 -15.57 15.23
C ASN C 181 -41.78 -16.26 13.95
N PRO C 188 -44.05 -19.60 22.19
CA PRO C 188 -43.13 -19.23 23.27
C PRO C 188 -41.86 -20.11 23.29
N LEU C 189 -40.73 -19.52 22.91
CA LEU C 189 -39.46 -20.25 22.81
C LEU C 189 -38.41 -19.63 23.70
N SER C 190 -37.59 -20.46 24.33
CA SER C 190 -36.41 -20.00 25.04
C SER C 190 -35.11 -20.37 24.29
N VAL C 191 -34.14 -19.45 24.35
CA VAL C 191 -32.88 -19.58 23.61
C VAL C 191 -31.70 -19.56 24.58
N ALA C 192 -31.08 -20.73 24.77
CA ALA C 192 -29.83 -20.82 25.51
C ALA C 192 -28.68 -20.29 24.64
N CYS C 193 -28.09 -19.16 25.05
CA CYS C 193 -27.06 -18.48 24.25
C CYS C 193 -25.66 -18.69 24.82
N PHE C 194 -24.74 -19.13 23.96
CA PHE C 194 -23.34 -19.40 24.36
C PHE C 194 -22.39 -18.31 23.88
N SER C 195 -22.94 -17.12 23.67
CA SER C 195 -22.14 -15.95 23.35
C SER C 195 -22.79 -14.71 23.96
N SER C 196 -22.22 -13.53 23.71
CA SER C 196 -22.81 -12.30 24.25
C SER C 196 -24.21 -12.09 23.65
N LEU C 197 -25.18 -11.74 24.50
CA LEU C 197 -26.56 -11.62 24.09
C LEU C 197 -26.77 -10.41 23.17
N PRO C 198 -27.66 -10.54 22.18
CA PRO C 198 -27.90 -9.46 21.23
C PRO C 198 -28.90 -8.42 21.74
N GLU C 199 -29.03 -7.33 21.02
CA GLU C 199 -29.94 -6.25 21.43
C GLU C 199 -31.37 -6.57 21.04
N GLN C 200 -31.58 -7.03 19.81
CA GLN C 200 -32.94 -7.35 19.36
C GLN C 200 -33.55 -8.49 20.14
N GLN C 201 -32.76 -9.52 20.41
CA GLN C 201 -33.25 -10.66 21.20
C GLN C 201 -34.66 -11.16 20.80
N ALA C 204 -39.02 -15.86 22.93
CA ALA C 204 -38.09 -14.73 22.97
C ALA C 204 -37.45 -14.59 24.37
N HIS C 205 -37.10 -15.72 24.96
CA HIS C 205 -36.45 -15.76 26.28
C HIS C 205 -35.01 -16.22 26.15
N TRP C 206 -34.07 -15.28 26.30
CA TRP C 206 -32.65 -15.59 26.11
C TRP C 206 -31.95 -15.88 27.44
N LEU C 207 -31.58 -17.15 27.63
CA LEU C 207 -30.85 -17.60 28.80
C LEU C 207 -29.35 -17.51 28.54
N SER C 208 -28.63 -16.71 29.33
CA SER C 208 -27.17 -16.57 29.17
C SER C 208 -26.40 -17.75 29.79
N ARG C 209 -25.61 -18.41 28.95
CA ARG C 209 -24.72 -19.49 29.37
C ARG C 209 -23.28 -18.97 29.36
N PRO C 210 -22.35 -19.74 29.96
CA PRO C 210 -20.93 -19.32 29.92
C PRO C 210 -20.43 -19.13 28.47
N VAL C 211 -19.85 -17.97 28.21
CA VAL C 211 -19.42 -17.60 26.86
C VAL C 211 -18.12 -18.32 26.45
N GLU C 212 -18.11 -18.80 25.21
CA GLU C 212 -16.92 -19.41 24.60
C GLU C 212 -16.70 -18.91 23.18
N MET C 213 -15.50 -19.15 22.65
CA MET C 213 -15.21 -18.92 21.25
C MET C 213 -16.02 -19.93 20.43
N THR C 214 -16.81 -19.43 19.50
CA THR C 214 -17.81 -20.28 18.79
C THR C 214 -17.18 -21.45 18.01
N MET C 215 -16.06 -21.21 17.35
CA MET C 215 -15.35 -22.27 16.64
C MET C 215 -14.77 -23.33 17.59
N ALA C 216 -14.37 -22.90 18.78
CA ALA C 216 -13.94 -23.83 19.81
C ALA C 216 -15.13 -24.63 20.36
N LEU C 217 -16.26 -23.94 20.53
CA LEU C 217 -17.49 -24.58 20.99
C LEU C 217 -17.99 -25.60 19.95
N LEU C 218 -17.97 -25.22 18.69
CA LEU C 218 -18.37 -26.11 17.61
C LEU C 218 -17.47 -27.32 17.53
N SER C 219 -16.17 -27.11 17.71
CA SER C 219 -15.16 -28.18 17.65
C SER C 219 -15.40 -29.25 18.72
N GLN C 220 -15.83 -28.83 19.90
CA GLN C 220 -16.19 -29.77 20.97
C GLN C 220 -17.38 -30.65 20.60
N GLY C 221 -18.34 -30.05 19.90
CA GLY C 221 -19.50 -30.78 19.38
C GLY C 221 -19.17 -31.71 18.22
N VAL C 222 -18.19 -31.32 17.42
CA VAL C 222 -17.66 -32.16 16.35
C VAL C 222 -17.07 -33.46 16.92
N ALA C 223 -16.35 -33.36 18.03
CA ALA C 223 -15.75 -34.52 18.69
C ALA C 223 -16.79 -35.48 19.27
N ASP C 224 -17.92 -34.93 19.71
CA ASP C 224 -19.00 -35.73 20.29
C ASP C 224 -19.84 -36.47 19.25
N GLY C 225 -20.27 -35.73 18.23
CA GLY C 225 -21.20 -36.24 17.22
C GLY C 225 -20.57 -37.09 16.13
N LYS C 226 -21.43 -37.79 15.39
CA LYS C 226 -21.01 -38.64 14.29
C LYS C 226 -21.66 -38.26 12.96
N PHE C 227 -22.46 -37.20 12.92
CA PHE C 227 -23.16 -36.79 11.70
C PHE C 227 -22.19 -36.43 10.57
N SER C 228 -22.54 -36.84 9.35
CA SER C 228 -21.75 -36.50 8.17
C SER C 228 -22.62 -36.53 6.90
N LEU C 229 -22.45 -35.52 6.06
CA LEU C 229 -23.13 -35.45 4.77
C LEU C 229 -22.44 -36.27 3.69
N LEU C 230 -21.26 -36.78 4.01
CA LEU C 230 -20.55 -37.67 3.12
C LEU C 230 -21.20 -39.06 3.11
N THR C 231 -22.33 -39.14 2.40
CA THR C 231 -23.12 -40.36 2.32
C THR C 231 -23.52 -40.65 0.89
N GLY C 232 -23.91 -41.90 0.65
CA GLY C 232 -24.39 -42.33 -0.67
C GLY C 232 -23.29 -42.23 -1.72
N GLU C 233 -23.39 -41.26 -2.62
CA GLU C 233 -22.40 -41.05 -3.66
C GLU C 233 -21.15 -40.36 -3.11
N PHE C 234 -21.28 -39.66 -1.99
CA PHE C 234 -20.18 -38.93 -1.36
C PHE C 234 -19.46 -39.70 -0.26
N LYS C 235 -19.80 -40.97 -0.07
CA LYS C 235 -19.10 -41.81 0.91
C LYS C 235 -17.64 -42.01 0.50
N PRO C 236 -16.71 -41.97 1.46
CA PRO C 236 -15.33 -42.34 1.16
C PRO C 236 -15.15 -43.86 1.02
N ARG D 13 -31.02 -14.45 -9.02
CA ARG D 13 -31.57 -13.06 -8.93
C ARG D 13 -33.08 -13.05 -8.68
N ARG D 14 -33.73 -14.20 -8.82
CA ARG D 14 -35.16 -14.29 -8.51
C ARG D 14 -35.57 -15.71 -8.14
N LEU D 15 -36.62 -15.84 -7.32
CA LEU D 15 -37.14 -17.15 -6.92
C LEU D 15 -37.91 -17.78 -8.07
N PRO D 16 -38.18 -19.10 -7.99
CA PRO D 16 -39.11 -19.69 -8.95
C PRO D 16 -40.55 -19.25 -8.67
N PHE D 17 -41.34 -19.10 -9.72
CA PHE D 17 -42.73 -18.66 -9.59
C PHE D 17 -43.54 -19.67 -8.74
N SER D 18 -43.22 -20.95 -8.89
CA SER D 18 -43.89 -22.01 -8.16
C SER D 18 -43.71 -21.85 -6.62
N PHE D 19 -42.49 -21.50 -6.22
CA PHE D 19 -42.16 -21.31 -4.81
C PHE D 19 -42.74 -20.01 -4.27
N ALA D 20 -42.63 -18.95 -5.06
CA ALA D 20 -43.14 -17.62 -4.66
C ALA D 20 -44.67 -17.61 -4.49
N ASN D 21 -45.37 -18.28 -5.40
CA ASN D 21 -46.83 -18.37 -5.38
C ASN D 21 -47.36 -19.19 -4.20
N ARG D 22 -46.60 -20.21 -3.82
CA ARG D 22 -47.02 -21.14 -2.76
C ARG D 22 -46.90 -20.51 -1.37
N PHE D 23 -45.70 -20.07 -1.03
CA PHE D 23 -45.39 -19.55 0.30
C PHE D 23 -45.62 -18.04 0.47
N LYS D 24 -46.03 -17.40 -0.62
CA LYS D 24 -46.32 -15.95 -0.62
C LYS D 24 -45.08 -15.14 -0.26
N MET D 25 -44.06 -15.23 -1.10
CA MET D 25 -42.80 -14.49 -0.91
C MET D 25 -42.20 -14.08 -2.25
N VAL D 26 -41.93 -12.79 -2.41
CA VAL D 26 -41.34 -12.26 -3.65
C VAL D 26 -40.07 -11.48 -3.37
N LEU D 27 -39.10 -11.60 -4.27
CA LEU D 27 -37.84 -10.90 -4.15
C LEU D 27 -37.72 -9.80 -5.23
N GLU D 28 -37.61 -8.55 -4.79
CA GLU D 28 -37.49 -7.41 -5.71
C GLU D 28 -36.55 -6.34 -5.19
N VAL D 29 -35.38 -6.18 -5.82
CA VAL D 29 -34.28 -5.39 -5.22
C VAL D 29 -34.36 -3.86 -5.35
N GLU D 30 -33.62 -3.18 -4.47
CA GLU D 30 -33.51 -1.71 -4.47
C GLU D 30 -33.08 -1.12 -5.81
N PRO D 35 -29.45 -3.28 -1.49
CA PRO D 35 -30.20 -3.98 -0.45
C PRO D 35 -31.37 -4.78 -1.00
N PRO D 36 -31.24 -6.12 -1.09
CA PRO D 36 -32.33 -6.95 -1.61
C PRO D 36 -33.51 -7.04 -0.63
N VAL D 37 -34.70 -6.73 -1.12
CA VAL D 37 -35.91 -6.73 -0.29
C VAL D 37 -36.72 -8.01 -0.54
N LEU D 38 -37.22 -8.59 0.54
CA LEU D 38 -38.03 -9.80 0.48
C LEU D 38 -39.42 -9.53 1.04
N TYR D 39 -40.38 -9.29 0.14
CA TYR D 39 -41.77 -9.04 0.54
C TYR D 39 -42.46 -10.35 0.89
N TYR D 40 -43.25 -10.34 1.96
CA TYR D 40 -43.97 -11.54 2.40
C TYR D 40 -45.34 -11.22 2.98
N VAL D 41 -46.18 -12.24 3.05
CA VAL D 41 -47.53 -12.14 3.61
C VAL D 41 -47.60 -12.97 4.89
N GLU D 42 -48.21 -12.41 5.92
CA GLU D 42 -48.31 -13.07 7.21
C GLU D 42 -49.35 -14.19 7.18
N PRO D 43 -49.18 -15.25 7.98
CA PRO D 43 -48.06 -15.49 8.89
C PRO D 43 -46.79 -15.96 8.16
N LEU D 44 -45.64 -15.46 8.60
CA LEU D 44 -44.36 -15.79 7.99
C LEU D 44 -43.96 -17.23 8.30
N ASN D 45 -43.48 -17.93 7.28
CA ASN D 45 -42.98 -19.31 7.44
C ASN D 45 -41.47 -19.28 7.63
N ALA D 46 -41.00 -19.79 8.76
CA ALA D 46 -39.58 -19.75 9.12
C ALA D 46 -38.74 -20.67 8.22
N GLN D 47 -39.29 -21.84 7.92
CA GLN D 47 -38.63 -22.81 7.08
C GLN D 47 -38.43 -22.24 5.66
N ALA D 48 -39.47 -21.59 5.13
CA ALA D 48 -39.40 -21.02 3.78
C ALA D 48 -38.50 -19.80 3.70
N LEU D 49 -38.43 -19.07 4.81
CA LEU D 49 -37.55 -17.90 4.92
C LEU D 49 -36.07 -18.31 4.81
N VAL D 50 -35.74 -19.43 5.45
CA VAL D 50 -34.38 -20.01 5.37
C VAL D 50 -34.08 -20.51 3.96
N GLU D 51 -35.10 -21.03 3.28
CA GLU D 51 -34.94 -21.57 1.94
C GLU D 51 -34.62 -20.46 0.93
N VAL D 52 -35.21 -19.29 1.12
CA VAL D 52 -34.90 -18.13 0.26
C VAL D 52 -33.45 -17.69 0.47
N ARG D 53 -33.02 -17.67 1.72
CA ARG D 53 -31.64 -17.32 2.09
C ARG D 53 -30.64 -18.28 1.48
N ARG D 54 -31.01 -19.54 1.39
CA ARG D 54 -30.13 -20.58 0.82
C ARG D 54 -29.89 -20.39 -0.68
N VAL D 55 -30.96 -20.05 -1.40
CA VAL D 55 -30.93 -19.95 -2.85
C VAL D 55 -30.21 -18.70 -3.33
N LEU D 56 -30.42 -17.58 -2.65
CA LEU D 56 -29.80 -16.30 -3.05
C LEU D 56 -28.32 -16.18 -2.71
N LYS D 57 -27.92 -16.80 -1.61
CA LYS D 57 -26.54 -16.72 -1.10
C LYS D 57 -26.19 -15.28 -0.73
N GLN D 58 -27.21 -14.54 -0.29
CA GLN D 58 -27.09 -13.13 0.08
C GLN D 58 -28.17 -12.79 1.10
N THR D 59 -27.84 -11.86 1.99
CA THR D 59 -28.80 -11.39 3.00
C THR D 59 -29.87 -10.53 2.33
N PHE D 60 -31.01 -10.42 2.99
CA PHE D 60 -32.13 -9.62 2.49
C PHE D 60 -32.84 -8.87 3.62
N VAL D 61 -33.78 -8.01 3.25
CA VAL D 61 -34.58 -7.24 4.20
C VAL D 61 -36.05 -7.65 4.11
N PRO D 62 -36.54 -8.44 5.08
CA PRO D 62 -37.94 -8.82 5.10
C PRO D 62 -38.88 -7.63 5.34
N GLN D 63 -39.95 -7.55 4.56
CA GLN D 63 -40.96 -6.52 4.71
C GLN D 63 -42.35 -7.14 4.59
N ALA D 64 -43.18 -6.95 5.62
CA ALA D 64 -44.54 -7.50 5.65
C ALA D 64 -45.48 -6.73 4.72
N ILE D 65 -46.41 -7.46 4.10
CA ILE D 65 -47.34 -6.89 3.11
C ILE D 65 -48.68 -7.63 3.13
N ALA D 66 -49.76 -6.90 2.86
CA ALA D 66 -51.12 -7.47 2.80
C ALA D 66 -51.32 -8.25 1.49
N ALA D 67 -52.27 -9.19 1.52
CA ALA D 67 -52.50 -10.13 0.40
C ALA D 67 -52.73 -9.45 -0.96
N GLU D 68 -53.48 -8.35 -0.96
CA GLU D 68 -53.85 -7.64 -2.19
C GLU D 68 -52.65 -7.00 -2.90
N ALA D 69 -51.84 -6.27 -2.12
CA ALA D 69 -50.67 -5.58 -2.67
C ALA D 69 -49.57 -6.55 -3.11
N PHE D 70 -49.57 -7.74 -2.51
CA PHE D 70 -48.61 -8.80 -2.84
C PHE D 70 -48.82 -9.35 -4.26
N GLU D 71 -50.07 -9.58 -4.62
CA GLU D 71 -50.41 -10.18 -5.92
C GLU D 71 -50.01 -9.30 -7.10
N LYS D 72 -50.12 -7.99 -6.91
CA LYS D 72 -49.70 -7.01 -7.92
C LYS D 72 -48.17 -7.03 -8.10
N LYS D 73 -47.47 -7.14 -6.98
CA LYS D 73 -46.01 -7.19 -6.97
C LYS D 73 -45.49 -8.48 -7.64
N LEU D 74 -46.25 -9.56 -7.47
CA LEU D 74 -45.92 -10.84 -8.07
C LEU D 74 -46.08 -10.83 -9.59
N THR D 75 -47.18 -10.24 -10.06
CA THR D 75 -47.50 -10.23 -11.50
C THR D 75 -46.53 -9.37 -12.31
N GLU D 76 -46.18 -8.21 -11.78
CA GLU D 76 -45.23 -7.31 -12.46
C GLU D 76 -43.78 -7.85 -12.44
N ALA D 77 -43.50 -8.73 -11.48
CA ALA D 77 -42.17 -9.30 -11.33
C ALA D 77 -41.92 -10.36 -12.39
N TYR D 78 -42.83 -11.33 -12.44
CA TYR D 78 -42.78 -12.37 -13.46
C TYR D 78 -43.13 -11.76 -14.83
N GLN D 79 -44.18 -10.92 -14.84
CA GLN D 79 -44.60 -10.13 -16.02
C GLN D 79 -45.66 -10.85 -16.82
N ASP D 97 -17.49 0.39 -41.73
CA ASP D 97 -16.21 0.70 -41.03
C ASP D 97 -16.01 2.21 -40.93
N PHE D 98 -15.92 2.71 -39.70
CA PHE D 98 -15.85 4.13 -39.41
C PHE D 98 -14.65 4.81 -40.07
N PHE D 99 -13.48 4.19 -39.96
CA PHE D 99 -12.23 4.80 -40.45
C PHE D 99 -12.19 4.88 -41.98
N SER D 100 -12.64 3.81 -42.62
CA SER D 100 -12.71 3.75 -44.09
C SER D 100 -13.78 4.69 -44.65
N LEU D 101 -14.86 4.87 -43.89
CA LEU D 101 -15.98 5.72 -44.31
C LEU D 101 -15.68 7.20 -44.18
N ALA D 102 -14.68 7.53 -43.35
CA ALA D 102 -14.27 8.92 -43.14
C ALA D 102 -13.48 9.48 -44.32
N GLU D 103 -12.66 8.63 -44.95
CA GLU D 103 -11.84 9.05 -46.09
C GLU D 103 -12.66 9.42 -47.32
N GLU D 104 -13.80 8.74 -47.50
CA GLU D 104 -14.65 8.98 -48.68
C GLU D 104 -15.40 10.30 -48.61
N ALA D 118 -28.09 11.17 -45.83
CA ALA D 118 -26.84 11.85 -46.13
C ALA D 118 -25.63 11.00 -45.69
N PRO D 119 -24.44 11.29 -46.24
CA PRO D 119 -23.19 10.62 -45.79
C PRO D 119 -22.84 10.86 -44.31
N ILE D 120 -23.28 11.99 -43.76
CA ILE D 120 -23.03 12.32 -42.34
C ILE D 120 -23.78 11.38 -41.41
N ILE D 121 -24.99 10.98 -41.80
CA ILE D 121 -25.81 10.09 -41.00
C ILE D 121 -25.09 8.74 -40.79
N LYS D 122 -24.48 8.23 -41.85
CA LYS D 122 -23.73 6.98 -41.78
C LYS D 122 -22.45 7.11 -40.96
N LEU D 123 -21.80 8.26 -41.06
CA LEU D 123 -20.53 8.52 -40.34
C LEU D 123 -20.74 8.53 -38.82
N ILE D 124 -21.79 9.21 -38.38
CA ILE D 124 -22.12 9.30 -36.96
C ILE D 124 -22.56 7.93 -36.41
N ASN D 125 -23.28 7.17 -37.22
CA ASN D 125 -23.72 5.82 -36.84
C ASN D 125 -22.55 4.85 -36.77
N ALA D 126 -21.62 4.98 -37.70
CA ALA D 126 -20.39 4.17 -37.72
C ALA D 126 -19.47 4.53 -36.55
N MET D 127 -19.42 5.82 -36.22
CA MET D 127 -18.63 6.33 -35.09
C MET D 127 -19.13 5.74 -33.77
N LEU D 128 -20.45 5.68 -33.61
CA LEU D 128 -21.06 5.09 -32.43
C LEU D 128 -20.78 3.59 -32.37
N GLY D 129 -20.82 2.93 -33.52
CA GLY D 129 -20.48 1.51 -33.61
C GLY D 129 -19.02 1.25 -33.29
N GLU D 130 -18.17 2.19 -33.71
CA GLU D 130 -16.74 2.13 -33.42
C GLU D 130 -16.47 2.40 -31.93
N ALA D 131 -17.30 3.25 -31.32
CA ALA D 131 -17.19 3.57 -29.89
C ALA D 131 -17.50 2.37 -29.03
N ILE D 132 -18.53 1.64 -29.41
CA ILE D 132 -18.95 0.43 -28.70
C ILE D 132 -17.94 -0.71 -28.93
N LYS D 133 -17.34 -0.76 -30.13
CA LYS D 133 -16.28 -1.72 -30.46
C LYS D 133 -15.12 -1.54 -29.51
N GLU D 134 -14.59 -0.32 -29.44
CA GLU D 134 -13.41 0.00 -28.62
C GLU D 134 -13.73 0.07 -27.13
N GLY D 135 -15.01 0.12 -26.79
CA GLY D 135 -15.45 0.10 -25.41
C GLY D 135 -15.39 1.47 -24.77
N ALA D 136 -15.82 2.47 -25.51
CA ALA D 136 -15.76 3.86 -25.07
C ALA D 136 -16.96 4.19 -24.18
N SER D 137 -16.72 5.00 -23.17
CA SER D 137 -17.77 5.52 -22.30
C SER D 137 -18.32 6.83 -22.85
N ASP D 138 -17.43 7.73 -23.27
CA ASP D 138 -17.82 9.05 -23.79
C ASP D 138 -17.19 9.32 -25.14
N ILE D 139 -17.98 9.89 -26.05
CA ILE D 139 -17.47 10.37 -27.36
C ILE D 139 -17.37 11.90 -27.33
N HIS D 140 -16.17 12.42 -27.52
CA HIS D 140 -15.90 13.88 -27.54
C HIS D 140 -15.70 14.40 -28.95
N ILE D 141 -16.58 15.30 -29.36
CA ILE D 141 -16.42 16.01 -30.65
C ILE D 141 -16.17 17.47 -30.33
N GLU D 142 -14.99 17.94 -30.72
CA GLU D 142 -14.51 19.26 -30.31
C GLU D 142 -13.98 20.04 -31.51
N THR D 143 -14.38 21.29 -31.59
CA THR D 143 -14.01 22.16 -32.70
C THR D 143 -13.03 23.23 -32.25
N PHE D 144 -11.88 23.28 -32.91
CA PHE D 144 -10.88 24.31 -32.66
C PHE D 144 -10.85 25.27 -33.85
N GLU D 145 -9.88 26.19 -33.88
CA GLU D 145 -9.81 27.18 -34.98
C GLU D 145 -9.52 26.50 -36.34
N LYS D 146 -8.42 25.77 -36.42
CA LYS D 146 -7.98 25.13 -37.66
C LYS D 146 -8.44 23.67 -37.82
N ILE D 147 -8.60 22.98 -36.70
CA ILE D 147 -8.81 21.53 -36.69
C ILE D 147 -10.10 21.12 -36.00
N LEU D 148 -10.80 20.16 -36.61
CA LEU D 148 -11.89 19.42 -35.97
C LEU D 148 -11.30 18.12 -35.44
N SER D 149 -11.63 17.81 -34.19
CA SER D 149 -11.07 16.62 -33.53
C SER D 149 -12.15 15.79 -32.84
N ILE D 150 -11.97 14.48 -32.85
CA ILE D 150 -12.86 13.55 -32.16
C ILE D 150 -12.02 12.66 -31.25
N ARG D 151 -12.54 12.39 -30.05
CA ARG D 151 -11.84 11.58 -29.06
C ARG D 151 -12.79 10.72 -28.26
N PHE D 152 -12.36 9.50 -27.95
CA PHE D 152 -13.06 8.61 -27.03
C PHE D 152 -12.34 8.58 -25.70
N ARG D 153 -13.10 8.42 -24.62
CA ARG D 153 -12.54 8.08 -23.31
C ARG D 153 -12.82 6.60 -23.00
N VAL D 154 -11.82 5.76 -23.22
CA VAL D 154 -11.94 4.32 -22.95
C VAL D 154 -11.35 3.98 -21.59
N ASP D 155 -12.21 3.59 -20.65
CA ASP D 155 -11.80 3.23 -19.29
C ASP D 155 -11.06 4.37 -18.57
N GLY D 156 -11.55 5.61 -18.77
CA GLY D 156 -10.99 6.80 -18.14
C GLY D 156 -9.91 7.50 -18.96
N VAL D 157 -9.26 6.77 -19.86
CA VAL D 157 -8.15 7.30 -20.65
C VAL D 157 -8.64 7.90 -21.98
N LEU D 158 -8.34 9.17 -22.22
CA LEU D 158 -8.71 9.82 -23.48
C LEU D 158 -7.83 9.33 -24.61
N ARG D 159 -8.31 9.45 -25.83
CA ARG D 159 -7.68 8.85 -27.00
C ARG D 159 -8.05 9.58 -28.29
N ASP D 160 -7.04 9.88 -29.12
CA ASP D 160 -7.30 10.43 -30.47
C ASP D 160 -7.73 9.35 -31.43
N VAL D 161 -8.90 9.53 -32.02
CA VAL D 161 -9.45 8.57 -32.99
C VAL D 161 -9.39 9.09 -34.43
N LEU D 162 -9.76 10.34 -34.62
CA LEU D 162 -9.83 10.95 -35.95
C LEU D 162 -9.85 12.47 -35.85
N SER D 163 -9.19 13.11 -36.82
CA SER D 163 -9.22 14.58 -36.94
C SER D 163 -9.62 14.95 -38.36
N PRO D 164 -10.94 14.93 -38.65
CA PRO D 164 -11.41 15.22 -40.00
C PRO D 164 -11.30 16.69 -40.36
N SER D 165 -11.78 17.03 -41.55
CA SER D 165 -11.75 18.40 -42.03
C SER D 165 -12.60 19.31 -41.14
N ARG D 166 -12.13 20.53 -40.92
CA ARG D 166 -12.81 21.48 -40.03
C ARG D 166 -14.17 21.90 -40.58
N LYS D 167 -14.29 21.92 -41.90
CA LYS D 167 -15.52 22.33 -42.59
C LYS D 167 -16.74 21.49 -42.18
N LEU D 168 -16.50 20.25 -41.75
CA LEU D 168 -17.57 19.33 -41.36
C LEU D 168 -18.16 19.63 -39.98
N ALA D 169 -17.51 20.50 -39.22
CA ALA D 169 -17.89 20.80 -37.84
C ALA D 169 -19.38 21.08 -37.60
N PRO D 170 -19.98 22.00 -38.39
CA PRO D 170 -21.39 22.32 -38.15
C PRO D 170 -22.35 21.19 -38.50
N LEU D 171 -21.95 20.35 -39.45
CA LEU D 171 -22.78 19.23 -39.93
C LEU D 171 -22.86 18.11 -38.89
N LEU D 172 -21.74 17.82 -38.23
CA LEU D 172 -21.70 16.82 -37.16
C LEU D 172 -22.50 17.27 -35.94
N VAL D 173 -22.44 18.56 -35.66
CA VAL D 173 -23.21 19.15 -34.55
C VAL D 173 -24.69 19.10 -34.87
N SER D 174 -25.04 19.35 -36.12
CA SER D 174 -26.44 19.35 -36.56
C SER D 174 -27.03 17.94 -36.53
N ARG D 175 -26.31 16.96 -37.04
CA ARG D 175 -26.78 15.58 -37.11
C ARG D 175 -27.00 15.00 -35.71
N VAL D 176 -26.06 15.25 -34.80
CA VAL D 176 -26.16 14.71 -33.45
C VAL D 176 -27.30 15.37 -32.67
N LYS D 177 -27.62 16.61 -33.01
CA LYS D 177 -28.74 17.33 -32.38
C LYS D 177 -30.11 16.77 -32.80
N VAL D 178 -30.28 16.49 -34.10
CA VAL D 178 -31.57 15.97 -34.61
C VAL D 178 -31.87 14.58 -34.09
N MET D 179 -30.83 13.78 -33.85
CA MET D 179 -30.98 12.44 -33.26
C MET D 179 -31.51 12.52 -31.83
N ALA D 180 -31.16 13.57 -31.11
CA ALA D 180 -31.54 13.76 -29.72
C ALA D 180 -32.67 14.76 -29.52
N LYS D 181 -33.36 15.11 -30.61
CA LYS D 181 -34.51 16.04 -30.58
C LYS D 181 -34.12 17.41 -30.03
N LEU D 182 -32.97 17.91 -30.44
CA LEU D 182 -32.46 19.21 -29.98
C LEU D 182 -32.60 20.28 -31.05
N ASP D 183 -32.48 21.53 -30.64
CA ASP D 183 -32.66 22.68 -31.52
C ASP D 183 -31.45 22.86 -32.45
N ILE D 184 -31.70 22.83 -33.75
CA ILE D 184 -30.65 22.89 -34.75
C ILE D 184 -30.14 24.33 -34.90
N ALA D 185 -31.07 25.28 -34.91
CA ALA D 185 -30.75 26.70 -35.16
C ALA D 185 -30.07 27.38 -33.95
N GLU D 186 -30.46 26.98 -32.75
CA GLU D 186 -29.89 27.56 -31.51
C GLU D 186 -28.46 27.05 -31.25
N LYS D 187 -27.51 27.97 -31.16
CA LYS D 187 -26.10 27.63 -30.91
C LYS D 187 -25.43 28.44 -29.79
N ARG D 188 -26.23 29.13 -28.99
CA ARG D 188 -25.72 30.04 -27.95
C ARG D 188 -25.92 29.53 -26.53
N VAL D 189 -26.67 28.44 -26.37
CA VAL D 189 -26.95 27.87 -25.05
C VAL D 189 -26.68 26.36 -25.01
N PRO D 190 -26.53 25.79 -23.81
CA PRO D 190 -26.37 24.35 -23.70
C PRO D 190 -27.68 23.61 -23.95
N GLN D 191 -27.60 22.51 -24.69
CA GLN D 191 -28.73 21.66 -24.96
C GLN D 191 -28.40 20.21 -24.60
N ASP D 192 -29.31 19.56 -23.87
CA ASP D 192 -29.13 18.17 -23.43
C ASP D 192 -30.29 17.31 -23.88
N GLY D 193 -29.98 16.12 -24.40
CA GLY D 193 -30.98 15.19 -24.95
C GLY D 193 -30.59 13.72 -24.76
N ARG D 194 -31.45 12.82 -25.23
CA ARG D 194 -31.21 11.38 -25.10
C ARG D 194 -31.59 10.63 -26.37
N ILE D 195 -30.99 9.46 -26.55
CA ILE D 195 -31.29 8.54 -27.65
C ILE D 195 -31.25 7.10 -27.17
N SER D 196 -32.06 6.25 -27.78
CA SER D 196 -31.98 4.81 -27.57
C SER D 196 -31.61 4.10 -28.87
N LEU D 197 -30.52 3.32 -28.83
CA LEU D 197 -30.04 2.57 -29.99
C LEU D 197 -29.80 1.11 -29.64
N ALA D 203 -28.32 -2.45 -27.18
CA ALA D 203 -29.25 -1.76 -26.28
C ALA D 203 -28.59 -0.57 -25.58
N VAL D 204 -28.14 0.39 -26.39
CA VAL D 204 -27.36 1.53 -25.91
C VAL D 204 -28.22 2.77 -25.68
N ASP D 205 -28.06 3.36 -24.50
CA ASP D 205 -28.74 4.62 -24.17
C ASP D 205 -27.69 5.73 -24.09
N VAL D 206 -27.66 6.57 -25.12
CA VAL D 206 -26.66 7.65 -25.19
C VAL D 206 -27.24 8.96 -24.62
N ARG D 207 -26.46 9.61 -23.76
CA ARG D 207 -26.80 10.96 -23.27
C ARG D 207 -25.90 11.94 -23.97
N VAL D 208 -26.50 12.91 -24.63
CA VAL D 208 -25.76 13.88 -25.43
C VAL D 208 -25.92 15.29 -24.88
N SER D 209 -24.82 16.02 -24.83
CA SER D 209 -24.78 17.39 -24.33
C SER D 209 -23.98 18.28 -25.25
N THR D 210 -24.63 19.32 -25.78
CA THR D 210 -23.94 20.36 -26.54
C THR D 210 -23.66 21.56 -25.65
N MET D 211 -22.66 22.34 -26.03
CA MET D 211 -22.28 23.55 -25.31
C MET D 211 -21.61 24.56 -26.23
N PRO D 212 -21.90 25.86 -26.06
CA PRO D 212 -21.27 26.87 -26.91
C PRO D 212 -19.79 27.05 -26.59
N SER D 213 -18.99 27.23 -27.63
CA SER D 213 -17.58 27.48 -27.48
C SER D 213 -17.15 28.56 -28.45
N SER D 214 -15.89 28.96 -28.35
CA SER D 214 -15.35 30.03 -29.18
C SER D 214 -15.34 29.71 -30.69
N HIS D 215 -15.23 28.43 -31.03
CA HIS D 215 -15.20 27.99 -32.43
C HIS D 215 -16.40 27.09 -32.79
N GLY D 216 -17.57 27.48 -32.35
CA GLY D 216 -18.77 26.66 -32.56
C GLY D 216 -18.93 25.70 -31.39
N GLU D 217 -19.94 24.85 -31.44
CA GLU D 217 -20.34 24.06 -30.27
C GLU D 217 -19.50 22.82 -30.07
N ARG D 218 -19.50 22.35 -28.83
CA ARG D 218 -18.74 21.16 -28.45
C ARG D 218 -19.71 20.06 -28.03
N VAL D 219 -19.58 18.88 -28.63
CA VAL D 219 -20.48 17.77 -28.38
C VAL D 219 -19.80 16.66 -27.57
N VAL D 220 -20.54 16.11 -26.63
CA VAL D 220 -20.16 14.90 -25.89
C VAL D 220 -21.32 13.91 -25.82
N MET D 221 -21.06 12.65 -26.15
CA MET D 221 -22.06 11.59 -26.09
C MET D 221 -21.66 10.54 -25.07
N ARG D 222 -22.33 10.54 -23.92
CA ARG D 222 -22.10 9.53 -22.89
C ARG D 222 -22.83 8.24 -23.22
N LEU D 223 -22.10 7.18 -23.51
CA LEU D 223 -22.68 5.87 -23.84
C LEU D 223 -22.91 5.02 -22.59
N LEU D 224 -24.17 4.71 -22.30
CA LEU D 224 -24.55 3.88 -21.16
C LEU D 224 -25.43 2.72 -21.59
N ASP D 225 -25.10 1.52 -21.11
CA ASP D 225 -25.90 0.32 -21.37
C ASP D 225 -27.07 0.24 -20.39
N LYS D 226 -28.28 0.04 -20.93
CA LYS D 226 -29.50 -0.05 -20.11
C LYS D 226 -29.54 -1.33 -19.29
N ASN D 227 -28.85 -2.38 -19.77
CA ASN D 227 -28.75 -3.65 -19.05
C ASN D 227 -28.03 -3.46 -17.71
N ALA D 228 -28.78 -3.63 -16.64
CA ALA D 228 -28.26 -3.45 -15.27
C ALA D 228 -27.32 -4.58 -14.82
N THR D 229 -27.33 -5.71 -15.52
CA THR D 229 -26.50 -6.87 -15.19
C THR D 229 -25.13 -6.85 -15.92
N ARG D 230 -24.82 -5.74 -16.57
CA ARG D 230 -23.56 -5.61 -17.33
C ARG D 230 -22.37 -5.48 -16.37
N LEU D 231 -21.40 -6.39 -16.51
CA LEU D 231 -20.15 -6.34 -15.76
C LEU D 231 -19.08 -5.61 -16.58
N ASP D 232 -18.70 -4.42 -16.15
CA ASP D 232 -17.60 -3.68 -16.78
C ASP D 232 -16.27 -4.25 -16.28
N LEU D 233 -15.46 -4.69 -17.24
CA LEU D 233 -14.20 -5.37 -16.95
C LEU D 233 -13.17 -4.46 -16.27
N HIS D 234 -13.21 -3.17 -16.60
CA HIS D 234 -12.36 -2.17 -15.97
C HIS D 234 -12.80 -1.88 -14.54
N SER D 235 -14.10 -1.80 -14.31
CA SER D 235 -14.64 -1.58 -12.97
C SER D 235 -14.34 -2.76 -12.04
N LEU D 236 -14.27 -3.97 -12.62
CA LEU D 236 -13.89 -5.16 -11.88
C LEU D 236 -12.43 -5.12 -11.42
N GLY D 237 -11.60 -4.40 -12.16
CA GLY D 237 -10.21 -4.13 -11.73
C GLY D 237 -9.14 -4.10 -12.81
N MET D 238 -9.44 -4.55 -14.02
CA MET D 238 -8.44 -4.54 -15.10
C MET D 238 -7.99 -3.13 -15.45
N THR D 239 -6.71 -3.00 -15.74
CA THR D 239 -6.15 -1.74 -16.21
C THR D 239 -6.53 -1.51 -17.67
N PRO D 240 -6.51 -0.25 -18.12
CA PRO D 240 -6.78 0.06 -19.53
C PRO D 240 -5.97 -0.76 -20.53
N VAL D 241 -4.70 -1.01 -20.20
CA VAL D 241 -3.80 -1.81 -21.06
C VAL D 241 -4.18 -3.30 -21.04
N ASN D 242 -4.41 -3.82 -19.85
CA ASN D 242 -4.89 -5.21 -19.69
C ASN D 242 -6.24 -5.47 -20.31
N HIS D 243 -7.15 -4.51 -20.19
CA HIS D 243 -8.49 -4.65 -20.76
C HIS D 243 -8.43 -4.63 -22.29
N ASP D 244 -7.70 -3.66 -22.86
CA ASP D 244 -7.50 -3.60 -24.30
C ASP D 244 -6.90 -4.89 -24.85
N ASN D 245 -5.83 -5.36 -24.22
CA ASN D 245 -5.18 -6.60 -24.65
C ASN D 245 -6.09 -7.81 -24.53
N PHE D 246 -6.90 -7.85 -23.48
CA PHE D 246 -7.89 -8.93 -23.31
C PHE D 246 -9.07 -8.73 -24.25
N ARG D 247 -9.45 -7.47 -24.51
CA ARG D 247 -10.52 -7.13 -25.45
C ARG D 247 -10.16 -7.59 -26.87
N HIS D 248 -8.90 -7.43 -27.24
CA HIS D 248 -8.40 -7.82 -28.56
C HIS D 248 -8.23 -9.34 -28.68
N LEU D 249 -7.94 -10.00 -27.57
CA LEU D 249 -7.69 -11.44 -27.54
C LEU D 249 -8.97 -12.24 -27.71
N ILE D 250 -10.02 -11.85 -26.97
CA ILE D 250 -11.34 -12.51 -27.06
C ILE D 250 -12.10 -12.16 -28.35
N SER D 251 -11.65 -11.10 -29.02
CA SER D 251 -12.22 -10.68 -30.30
C SER D 251 -11.65 -11.43 -31.51
N ARG D 252 -10.69 -12.30 -31.28
CA ARG D 252 -10.05 -13.06 -32.36
C ARG D 252 -11.01 -14.12 -32.92
N PRO D 253 -10.79 -14.57 -34.17
CA PRO D 253 -11.68 -15.57 -34.78
C PRO D 253 -11.58 -16.96 -34.14
N HIS D 254 -10.37 -17.38 -33.80
CA HIS D 254 -10.13 -18.70 -33.24
C HIS D 254 -8.94 -18.72 -32.31
N GLY D 255 -8.93 -19.70 -31.43
CA GLY D 255 -7.86 -19.88 -30.43
C GLY D 255 -8.42 -20.04 -29.02
N ILE D 256 -7.63 -20.63 -28.13
CA ILE D 256 -8.03 -20.85 -26.75
C ILE D 256 -7.55 -19.72 -25.87
N ILE D 257 -8.42 -19.28 -24.95
CA ILE D 257 -8.07 -18.31 -23.90
C ILE D 257 -8.44 -18.90 -22.55
N LEU D 258 -7.47 -18.94 -21.64
CA LEU D 258 -7.66 -19.50 -20.31
C LEU D 258 -7.51 -18.47 -19.20
N VAL D 259 -8.52 -18.39 -18.34
CA VAL D 259 -8.46 -17.56 -17.14
C VAL D 259 -8.16 -18.49 -16.00
N THR D 260 -7.00 -18.32 -15.36
CA THR D 260 -6.55 -19.23 -14.31
C THR D 260 -6.39 -18.55 -12.95
N GLY D 261 -6.37 -19.37 -11.92
CA GLY D 261 -6.28 -18.89 -10.52
C GLY D 261 -6.99 -19.82 -9.58
N PRO D 262 -6.75 -19.70 -8.26
CA PRO D 262 -7.36 -20.62 -7.29
C PRO D 262 -8.85 -20.34 -7.10
N THR D 263 -9.47 -21.09 -6.21
CA THR D 263 -10.87 -20.88 -5.86
C THR D 263 -11.11 -19.47 -5.31
N GLY D 264 -12.11 -18.82 -5.86
CA GLY D 264 -12.55 -17.49 -5.43
C GLY D 264 -11.69 -16.37 -5.99
N SER D 265 -11.10 -16.58 -7.16
CA SER D 265 -10.22 -15.60 -7.80
C SER D 265 -10.94 -14.72 -8.83
N GLY D 266 -12.22 -14.96 -9.03
CA GLY D 266 -13.04 -14.18 -9.95
C GLY D 266 -12.84 -14.57 -11.40
N LYS D 267 -12.64 -15.87 -11.67
CA LYS D 267 -12.42 -16.35 -13.03
C LYS D 267 -13.72 -16.38 -13.80
N SER D 268 -14.78 -16.85 -13.15
CA SER D 268 -16.11 -16.91 -13.78
C SER D 268 -16.64 -15.52 -14.09
N THR D 269 -16.50 -14.60 -13.13
CA THR D 269 -16.94 -13.22 -13.28
C THR D 269 -16.23 -12.53 -14.43
N THR D 270 -14.94 -12.83 -14.61
CA THR D 270 -14.16 -12.23 -15.69
C THR D 270 -14.58 -12.79 -17.06
N LEU D 271 -14.82 -14.10 -17.13
CA LEU D 271 -15.32 -14.73 -18.36
C LEU D 271 -16.70 -14.19 -18.78
N TYR D 272 -17.59 -14.09 -17.81
CA TYR D 272 -18.92 -13.55 -18.03
C TYR D 272 -18.88 -12.13 -18.59
N ALA D 273 -18.00 -11.30 -18.03
CA ALA D 273 -17.82 -9.93 -18.51
C ALA D 273 -17.25 -9.91 -19.93
N GLY D 274 -16.37 -10.86 -20.21
CA GLY D 274 -15.82 -11.02 -21.56
C GLY D 274 -16.85 -11.44 -22.59
N LEU D 275 -17.73 -12.35 -22.19
CA LEU D 275 -18.81 -12.83 -23.06
C LEU D 275 -19.85 -11.74 -23.32
N GLN D 276 -20.16 -10.96 -22.28
CA GLN D 276 -21.07 -9.83 -22.40
C GLN D 276 -20.54 -8.77 -23.36
N GLU D 277 -19.24 -8.59 -23.39
CA GLU D 277 -18.60 -7.59 -24.28
C GLU D 277 -18.68 -8.04 -25.73
N LEU D 278 -18.53 -9.34 -25.95
CA LEU D 278 -18.69 -9.95 -27.28
C LEU D 278 -20.15 -10.12 -27.68
N ASN D 279 -21.04 -10.20 -26.68
CA ASN D 279 -22.46 -10.46 -26.88
C ASN D 279 -23.08 -9.58 -27.98
N SER D 280 -23.08 -10.12 -29.20
CA SER D 280 -23.61 -9.42 -30.36
C SER D 280 -24.38 -10.39 -31.23
N ASN D 281 -25.25 -9.85 -32.08
CA ASN D 281 -26.03 -10.69 -33.00
C ASN D 281 -25.20 -11.23 -34.18
N GLU D 282 -24.03 -10.63 -34.41
CA GLU D 282 -23.11 -11.09 -35.45
C GLU D 282 -22.29 -12.32 -35.05
N ARG D 283 -22.31 -12.66 -33.77
CA ARG D 283 -21.66 -13.89 -33.28
C ARG D 283 -22.63 -14.84 -32.57
N ASN D 284 -22.40 -16.13 -32.69
CA ASN D 284 -23.17 -17.15 -31.99
C ASN D 284 -22.33 -17.66 -30.84
N ILE D 285 -22.70 -17.25 -29.64
CA ILE D 285 -21.95 -17.57 -28.43
C ILE D 285 -22.70 -18.61 -27.61
N LEU D 286 -22.02 -19.70 -27.28
CA LEU D 286 -22.62 -20.79 -26.51
C LEU D 286 -21.69 -21.25 -25.41
N THR D 287 -22.22 -21.93 -24.42
CA THR D 287 -21.40 -22.32 -23.27
C THR D 287 -21.90 -23.55 -22.51
N VAL D 288 -20.95 -24.31 -21.97
CA VAL D 288 -21.22 -25.45 -21.10
C VAL D 288 -20.73 -25.06 -19.71
N GLU D 289 -21.62 -25.18 -18.72
CA GLU D 289 -21.30 -24.77 -17.36
C GLU D 289 -21.75 -25.79 -16.33
N ASP D 290 -21.13 -25.73 -15.16
CA ASP D 290 -21.41 -26.67 -14.08
C ASP D 290 -21.25 -25.99 -12.72
N PRO D 291 -22.27 -25.26 -12.25
CA PRO D 291 -23.54 -24.94 -12.91
C PRO D 291 -23.47 -23.60 -13.65
N ILE D 292 -24.59 -23.17 -14.20
CA ILE D 292 -24.74 -21.84 -14.76
C ILE D 292 -24.82 -20.85 -13.60
N GLU D 293 -23.86 -19.94 -13.53
CA GLU D 293 -23.74 -18.99 -12.41
C GLU D 293 -24.89 -17.98 -12.45
N PHE D 294 -25.08 -17.33 -13.59
CA PHE D 294 -26.28 -16.52 -13.85
C PHE D 294 -26.55 -16.40 -15.35
N ASP D 295 -27.79 -16.05 -15.70
CA ASP D 295 -28.23 -16.00 -17.10
C ASP D 295 -27.88 -14.68 -17.80
N ILE D 296 -27.18 -14.78 -18.93
CA ILE D 296 -26.76 -13.59 -19.69
C ILE D 296 -27.78 -12.99 -20.64
N ASP D 297 -28.64 -13.81 -21.22
CA ASP D 297 -29.61 -13.33 -22.25
C ASP D 297 -28.92 -12.90 -23.56
N GLY D 298 -29.18 -13.67 -24.59
CA GLY D 298 -28.50 -13.54 -25.87
C GLY D 298 -27.48 -14.65 -26.08
N ILE D 299 -26.95 -15.16 -24.97
CA ILE D 299 -26.00 -16.27 -24.99
C ILE D 299 -26.69 -17.57 -24.54
N GLY D 300 -26.55 -18.60 -25.35
CA GLY D 300 -27.14 -19.90 -25.09
C GLY D 300 -26.31 -20.69 -24.12
N GLN D 301 -26.85 -20.94 -22.93
CA GLN D 301 -26.09 -21.55 -21.83
C GLN D 301 -26.63 -22.93 -21.47
N THR D 302 -25.83 -23.94 -21.71
CA THR D 302 -26.16 -25.32 -21.37
C THR D 302 -25.57 -25.65 -20.01
N GLN D 303 -26.32 -26.43 -19.22
CA GLN D 303 -25.85 -26.85 -17.89
C GLN D 303 -25.48 -28.33 -17.86
N VAL D 304 -24.38 -28.64 -17.19
CA VAL D 304 -23.92 -30.03 -17.02
C VAL D 304 -24.90 -30.78 -16.12
N ASN D 305 -25.31 -31.96 -16.56
CA ASN D 305 -26.35 -32.75 -15.90
C ASN D 305 -25.95 -34.22 -15.76
N PRO D 306 -25.70 -34.68 -14.53
CA PRO D 306 -25.29 -36.08 -14.34
C PRO D 306 -26.44 -37.10 -14.33
N LYS D 307 -27.69 -36.63 -14.34
CA LYS D 307 -28.86 -37.51 -14.38
C LYS D 307 -29.05 -38.16 -15.75
N VAL D 308 -28.53 -37.51 -16.80
CA VAL D 308 -28.55 -38.06 -18.16
C VAL D 308 -27.13 -38.22 -18.75
N ASP D 309 -26.15 -38.25 -17.85
CA ASP D 309 -24.73 -38.41 -18.20
C ASP D 309 -24.24 -37.34 -19.17
N MET D 310 -24.74 -36.12 -18.98
CA MET D 310 -24.36 -34.97 -19.78
C MET D 310 -23.14 -34.32 -19.13
N THR D 311 -21.96 -34.66 -19.62
CA THR D 311 -20.69 -34.16 -19.06
C THR D 311 -20.23 -32.90 -19.78
N PHE D 312 -19.13 -32.33 -19.33
CA PHE D 312 -18.47 -31.22 -20.03
C PHE D 312 -18.06 -31.61 -21.45
N ALA D 313 -17.44 -32.78 -21.58
CA ALA D 313 -16.97 -33.28 -22.88
C ALA D 313 -18.14 -33.54 -23.82
N ARG D 314 -19.14 -34.23 -23.32
CA ARG D 314 -20.32 -34.56 -24.11
C ARG D 314 -21.16 -33.32 -24.45
N GLY D 315 -21.21 -32.37 -23.53
CA GLY D 315 -21.86 -31.09 -23.74
C GLY D 315 -21.10 -30.20 -24.73
N LEU D 316 -19.78 -30.26 -24.68
CA LEU D 316 -18.93 -29.48 -25.59
C LEU D 316 -19.02 -29.97 -27.03
N ARG D 317 -19.10 -31.29 -27.22
CA ARG D 317 -19.28 -31.89 -28.54
C ARG D 317 -20.60 -31.46 -29.17
N ALA D 318 -21.65 -31.48 -28.35
CA ALA D 318 -22.98 -31.07 -28.80
C ALA D 318 -23.02 -29.58 -29.18
N ILE D 319 -22.29 -28.77 -28.43
CA ILE D 319 -22.18 -27.34 -28.71
C ILE D 319 -21.49 -27.08 -30.06
N LEU D 320 -20.50 -27.89 -30.40
CA LEU D 320 -19.74 -27.69 -31.63
C LEU D 320 -20.54 -28.05 -32.89
N ARG D 321 -21.61 -28.83 -32.72
CA ARG D 321 -22.52 -29.15 -33.82
C ARG D 321 -23.64 -28.10 -33.96
N GLN D 322 -23.62 -27.09 -33.12
CA GLN D 322 -24.57 -25.98 -33.21
C GLN D 322 -24.02 -24.79 -33.99
N ASP D 323 -22.91 -24.99 -34.71
CA ASP D 323 -22.29 -23.93 -35.50
C ASP D 323 -22.06 -22.65 -34.66
N PRO D 324 -21.22 -22.72 -33.62
CA PRO D 324 -20.90 -21.54 -32.84
C PRO D 324 -19.70 -20.77 -33.39
N ASP D 325 -19.54 -19.55 -32.90
CA ASP D 325 -18.36 -18.73 -33.18
C ASP D 325 -17.44 -18.73 -31.97
N VAL D 326 -18.02 -18.43 -30.82
CA VAL D 326 -17.32 -18.45 -29.54
C VAL D 326 -17.92 -19.53 -28.65
N VAL D 327 -17.03 -20.27 -27.97
CA VAL D 327 -17.43 -21.32 -27.05
C VAL D 327 -16.82 -21.06 -25.70
N MET D 328 -17.58 -21.31 -24.64
CA MET D 328 -17.05 -21.19 -23.27
C MET D 328 -17.32 -22.47 -22.48
N VAL D 329 -16.24 -23.11 -22.04
CA VAL D 329 -16.33 -24.32 -21.21
C VAL D 329 -15.99 -23.96 -19.78
N GLY D 330 -16.87 -24.32 -18.85
CA GLY D 330 -16.69 -23.98 -17.44
C GLY D 330 -15.27 -24.17 -16.97
N GLU D 331 -14.74 -25.37 -17.16
CA GLU D 331 -13.32 -25.65 -16.95
C GLU D 331 -12.89 -26.95 -17.64
N ILE D 332 -11.60 -27.06 -17.90
CA ILE D 332 -11.00 -28.24 -18.52
C ILE D 332 -10.35 -29.11 -17.46
N ARG D 333 -11.12 -30.02 -16.88
CA ARG D 333 -10.63 -30.88 -15.77
C ARG D 333 -9.80 -32.07 -16.26
N ASP D 334 -10.25 -32.69 -17.34
CA ASP D 334 -9.62 -33.90 -17.89
C ASP D 334 -9.08 -33.72 -19.30
N LEU D 335 -8.37 -34.73 -19.79
CA LEU D 335 -7.78 -34.70 -21.13
C LEU D 335 -8.83 -34.72 -22.24
N GLU D 336 -9.89 -35.51 -22.02
CA GLU D 336 -10.97 -35.66 -22.99
C GLU D 336 -11.57 -34.31 -23.37
N THR D 337 -11.84 -33.48 -22.38
CA THR D 337 -12.41 -32.15 -22.58
C THR D 337 -11.37 -31.19 -23.19
N ALA D 338 -10.11 -31.39 -22.82
CA ALA D 338 -9.01 -30.59 -23.35
C ALA D 338 -8.79 -30.84 -24.84
N GLN D 339 -8.81 -32.11 -25.23
CA GLN D 339 -8.64 -32.52 -26.63
C GLN D 339 -9.69 -31.88 -27.53
N ILE D 340 -10.93 -31.86 -27.07
CA ILE D 340 -12.05 -31.31 -27.84
C ILE D 340 -11.92 -29.80 -27.97
N ALA D 341 -11.50 -29.15 -26.89
CA ALA D 341 -11.31 -27.70 -26.88
C ALA D 341 -10.17 -27.27 -27.81
N VAL D 342 -9.12 -28.08 -27.88
CA VAL D 342 -7.98 -27.83 -28.76
C VAL D 342 -8.39 -28.02 -30.23
N GLN D 343 -9.15 -29.07 -30.49
CA GLN D 343 -9.64 -29.32 -31.86
C GLN D 343 -10.65 -28.27 -32.32
N ALA D 344 -11.37 -27.70 -31.36
CA ALA D 344 -12.31 -26.63 -31.66
C ALA D 344 -11.56 -25.37 -32.07
N SER D 345 -10.49 -25.05 -31.36
CA SER D 345 -9.66 -23.87 -31.65
C SER D 345 -8.95 -23.93 -32.99
N LEU D 346 -8.59 -25.13 -33.42
CA LEU D 346 -7.93 -25.34 -34.71
C LEU D 346 -8.93 -25.43 -35.87
N THR D 347 -10.22 -25.56 -35.56
CA THR D 347 -11.28 -25.67 -36.59
C THR D 347 -12.18 -24.42 -36.61
N GLY D 348 -11.59 -23.27 -36.29
CA GLY D 348 -12.28 -21.98 -36.44
C GLY D 348 -13.29 -21.66 -35.35
N HIS D 349 -12.91 -21.88 -34.10
CA HIS D 349 -13.74 -21.52 -32.94
C HIS D 349 -12.89 -20.87 -31.88
N LEU D 350 -13.37 -19.76 -31.33
CA LEU D 350 -12.74 -19.15 -30.17
C LEU D 350 -13.24 -19.88 -28.92
N VAL D 351 -12.31 -20.48 -28.18
CA VAL D 351 -12.64 -21.23 -26.98
C VAL D 351 -12.18 -20.47 -25.76
N MET D 352 -13.04 -20.40 -24.76
CA MET D 352 -12.72 -19.76 -23.49
C MET D 352 -12.99 -20.75 -22.37
N SER D 353 -12.03 -20.88 -21.47
CA SER D 353 -12.18 -21.77 -20.32
C SER D 353 -11.33 -21.33 -19.12
N THR D 354 -11.25 -22.19 -18.13
CA THR D 354 -10.46 -21.91 -16.91
C THR D 354 -9.67 -23.13 -16.44
N LEU D 355 -8.68 -22.83 -15.59
CA LEU D 355 -7.92 -23.83 -14.85
C LEU D 355 -7.68 -23.33 -13.44
N HIS D 356 -7.20 -24.21 -12.57
CA HIS D 356 -6.87 -23.85 -11.19
C HIS D 356 -5.38 -23.91 -10.94
N THR D 357 -4.61 -23.20 -11.75
CA THR D 357 -3.15 -23.11 -11.58
C THR D 357 -2.80 -21.78 -10.93
N ASN D 358 -1.71 -21.77 -10.18
CA ASN D 358 -1.30 -20.59 -9.42
C ASN D 358 -0.72 -19.48 -10.29
N THR D 359 -0.15 -19.86 -11.45
CA THR D 359 0.47 -18.89 -12.36
C THR D 359 -0.06 -19.04 -13.77
N ALA D 360 0.23 -18.04 -14.59
CA ALA D 360 -0.15 -18.04 -16.00
C ALA D 360 0.65 -19.07 -16.79
N VAL D 361 1.93 -19.22 -16.45
CA VAL D 361 2.78 -20.23 -17.07
C VAL D 361 2.39 -21.64 -16.65
N GLY D 362 1.88 -21.78 -15.42
CA GLY D 362 1.43 -23.07 -14.88
C GLY D 362 0.29 -23.69 -15.66
N ALA D 363 -0.50 -22.84 -16.30
CA ALA D 363 -1.59 -23.29 -17.17
C ALA D 363 -1.08 -24.03 -18.40
N ILE D 364 0.03 -23.55 -18.95
CA ILE D 364 0.68 -24.20 -20.09
C ILE D 364 1.28 -25.54 -19.67
N THR D 365 1.90 -25.56 -18.49
CA THR D 365 2.46 -26.77 -17.90
C THR D 365 1.35 -27.77 -17.56
N ARG D 366 0.19 -27.25 -17.16
CA ARG D 366 -0.96 -28.10 -16.82
C ARG D 366 -1.50 -28.82 -18.06
N LEU D 367 -1.59 -28.11 -19.18
CA LEU D 367 -1.99 -28.72 -20.45
C LEU D 367 -0.99 -29.78 -20.90
N ARG D 368 0.29 -29.48 -20.68
CA ARG D 368 1.38 -30.44 -20.91
C ARG D 368 1.18 -31.72 -20.10
N ASP D 369 0.88 -31.55 -18.82
CA ASP D 369 0.74 -32.68 -17.89
C ASP D 369 -0.51 -33.52 -18.13
N MET D 370 -1.60 -32.88 -18.56
CA MET D 370 -2.86 -33.59 -18.86
C MET D 370 -2.72 -34.54 -20.05
N GLY D 371 -1.86 -34.17 -21.01
CA GLY D 371 -1.55 -35.03 -22.16
C GLY D 371 -1.69 -34.39 -23.53
N ILE D 372 -1.89 -33.08 -23.59
CA ILE D 372 -1.99 -32.37 -24.87
C ILE D 372 -0.58 -32.16 -25.41
N GLU D 373 -0.41 -32.46 -26.69
CA GLU D 373 0.91 -32.37 -27.34
C GLU D 373 1.37 -30.93 -27.49
N PRO D 374 2.66 -30.66 -27.19
CA PRO D 374 3.24 -29.31 -27.24
C PRO D 374 2.93 -28.53 -28.51
N PHE D 375 3.01 -29.21 -29.65
CA PHE D 375 2.73 -28.60 -30.95
C PHE D 375 1.29 -28.05 -31.03
N LEU D 376 0.34 -28.81 -30.47
CA LEU D 376 -1.06 -28.41 -30.48
C LEU D 376 -1.34 -27.25 -29.52
N ILE D 377 -0.55 -27.13 -28.46
CA ILE D 377 -0.70 -26.04 -27.48
C ILE D 377 -0.21 -24.72 -28.07
N SER D 378 0.94 -24.77 -28.74
CA SER D 378 1.55 -23.59 -29.34
C SER D 378 0.68 -22.96 -30.43
N SER D 379 0.12 -23.81 -31.29
CA SER D 379 -0.75 -23.34 -32.39
C SER D 379 -2.13 -22.83 -31.92
N SER D 380 -2.64 -23.37 -30.82
CA SER D 380 -4.00 -23.06 -30.35
C SER D 380 -4.08 -21.90 -29.34
N LEU D 381 -3.16 -21.90 -28.38
CA LEU D 381 -3.24 -20.97 -27.24
C LEU D 381 -2.97 -19.53 -27.64
N LEU D 382 -3.92 -18.66 -27.33
CA LEU D 382 -3.77 -17.21 -27.58
C LEU D 382 -3.21 -16.48 -26.39
N GLY D 383 -3.62 -16.89 -25.20
CA GLY D 383 -3.14 -16.27 -23.97
C GLY D 383 -3.73 -16.84 -22.71
N VAL D 384 -3.11 -16.52 -21.58
CA VAL D 384 -3.56 -16.98 -20.27
C VAL D 384 -3.67 -15.78 -19.35
N LEU D 385 -4.81 -15.64 -18.70
CA LEU D 385 -5.05 -14.57 -17.74
C LEU D 385 -5.01 -15.10 -16.31
N ALA D 386 -3.87 -14.97 -15.65
CA ALA D 386 -3.77 -15.25 -14.21
C ALA D 386 -4.43 -14.13 -13.44
N GLN D 387 -5.23 -14.50 -12.44
CA GLN D 387 -6.07 -13.52 -11.72
C GLN D 387 -6.22 -13.82 -10.24
N ARG D 388 -6.25 -12.77 -9.45
CA ARG D 388 -6.52 -12.83 -7.99
C ARG D 388 -7.44 -11.68 -7.60
N LEU D 389 -8.16 -11.85 -6.49
CA LEU D 389 -8.98 -10.79 -5.92
C LEU D 389 -8.34 -10.27 -4.66
N VAL D 390 -8.33 -8.96 -4.51
CA VAL D 390 -7.78 -8.29 -3.34
C VAL D 390 -8.83 -7.34 -2.78
N ARG D 391 -9.00 -7.36 -1.46
CA ARG D 391 -10.01 -6.55 -0.81
C ARG D 391 -9.62 -5.09 -0.88
N THR D 392 -10.58 -4.25 -1.28
CA THR D 392 -10.34 -2.82 -1.39
C THR D 392 -10.44 -2.16 -0.02
N LEU D 393 -9.49 -1.28 0.28
CA LEU D 393 -9.45 -0.55 1.54
C LEU D 393 -10.66 0.35 1.69
N CYS D 394 -11.13 0.47 2.92
CA CYS D 394 -12.21 1.40 3.25
C CYS D 394 -11.67 2.82 3.12
N GLN D 395 -12.33 3.61 2.29
CA GLN D 395 -11.85 4.97 1.97
C GLN D 395 -11.94 5.93 3.16
N ASP D 396 -12.86 5.64 4.08
CA ASP D 396 -13.13 6.52 5.21
C ASP D 396 -12.11 6.41 6.32
N CYS D 397 -11.58 5.21 6.55
CA CYS D 397 -10.69 4.96 7.70
C CYS D 397 -9.29 4.47 7.35
N LYS D 398 -8.94 4.41 6.07
CA LYS D 398 -7.60 3.98 5.65
C LYS D 398 -6.53 4.98 6.13
N GLU D 399 -5.53 4.46 6.84
CA GLU D 399 -4.49 5.27 7.45
C GLU D 399 -3.23 5.28 6.58
N PRO D 400 -2.73 6.48 6.22
CA PRO D 400 -1.52 6.57 5.41
C PRO D 400 -0.25 6.38 6.23
N TYR D 401 0.77 5.83 5.60
CA TYR D 401 2.07 5.66 6.24
C TYR D 401 3.19 5.55 5.20
N GLU D 402 4.36 6.06 5.54
CA GLU D 402 5.52 6.00 4.65
C GLU D 402 6.20 4.64 4.72
N ALA D 403 6.56 4.11 3.57
CA ALA D 403 7.13 2.76 3.47
C ALA D 403 8.59 2.74 3.87
N ASP D 404 8.97 1.69 4.59
CA ASP D 404 10.37 1.52 5.00
C ASP D 404 11.22 0.94 3.86
N LYS D 405 12.51 0.74 4.13
CA LYS D 405 13.46 0.26 3.11
C LYS D 405 13.11 -1.14 2.56
N GLU D 406 12.68 -2.04 3.45
CA GLU D 406 12.27 -3.39 3.04
C GLU D 406 11.02 -3.38 2.15
N GLN D 407 10.10 -2.46 2.45
CA GLN D 407 8.88 -2.28 1.66
C GLN D 407 9.17 -1.56 0.32
N ARG D 408 10.09 -0.61 0.33
CA ARG D 408 10.46 0.14 -0.88
C ARG D 408 11.17 -0.72 -1.92
N LYS D 409 11.76 -1.84 -1.50
CA LYS D 409 12.42 -2.79 -2.41
C LYS D 409 11.43 -3.42 -3.41
N LEU D 410 10.19 -3.63 -2.98
CA LEU D 410 9.15 -4.22 -3.84
C LEU D 410 8.81 -3.30 -5.01
N PHE D 411 8.82 -1.99 -4.77
CA PHE D 411 8.51 -1.01 -5.79
C PHE D 411 9.79 -0.63 -6.54
N ASP D 417 12.59 10.08 -2.59
CA ASP D 417 11.27 10.68 -2.32
C ASP D 417 10.40 9.76 -1.45
N ALA D 418 9.45 10.37 -0.76
CA ALA D 418 8.65 9.66 0.26
C ALA D 418 7.50 8.90 -0.39
N LEU D 419 7.58 7.56 -0.34
CA LEU D 419 6.53 6.69 -0.91
C LEU D 419 5.44 6.45 0.11
N THR D 420 4.27 7.02 -0.14
CA THR D 420 3.14 6.90 0.78
C THR D 420 2.23 5.72 0.40
N LEU D 421 2.06 4.79 1.34
CA LEU D 421 1.13 3.66 1.20
C LEU D 421 0.03 3.75 2.25
N TYR D 422 -0.97 2.88 2.16
CA TYR D 422 -2.13 2.91 3.06
C TYR D 422 -2.33 1.59 3.81
N ARG D 423 -2.84 1.71 5.04
CA ARG D 423 -3.02 0.57 5.96
C ARG D 423 -4.52 0.36 6.22
N ALA D 424 -4.86 -0.76 6.85
CA ALA D 424 -6.26 -1.16 7.06
C ALA D 424 -6.99 -0.33 8.14
N LYS D 425 -6.56 -0.50 9.39
CA LYS D 425 -7.22 0.12 10.56
C LYS D 425 -8.66 -0.41 10.76
N GLY D 426 -9.66 0.38 10.41
CA GLY D 426 -11.06 -0.06 10.53
C GLY D 426 -11.98 0.97 11.17
N CYS D 427 -13.26 0.89 10.84
CA CYS D 427 -14.29 1.78 11.40
C CYS D 427 -15.69 1.19 11.24
N GLU D 428 -16.72 1.95 11.61
CA GLU D 428 -18.11 1.48 11.57
C GLU D 428 -18.68 1.35 10.15
N LYS D 429 -18.07 2.04 9.19
CA LYS D 429 -18.47 1.94 7.80
C LYS D 429 -18.12 0.56 7.23
N CYS D 430 -16.92 0.10 7.51
CA CYS D 430 -16.46 -1.25 7.12
C CYS D 430 -16.98 -2.33 8.09
N ASN D 431 -17.05 -2.00 9.37
CA ASN D 431 -17.74 -2.79 10.38
C ASN D 431 -17.21 -4.22 10.59
N HIS D 432 -16.08 -4.39 11.28
CA HIS D 432 -15.20 -3.30 11.69
C HIS D 432 -13.82 -3.60 11.11
N LYS D 433 -13.84 -4.07 9.86
CA LYS D 433 -12.65 -4.61 9.19
C LYS D 433 -11.91 -3.41 8.59
N GLY D 434 -10.83 -3.66 7.89
CA GLY D 434 -10.12 -2.54 7.25
C GLY D 434 -10.46 -2.40 5.76
N TYR D 435 -11.44 -3.17 5.31
CA TYR D 435 -11.79 -3.25 3.89
C TYR D 435 -13.30 -3.27 3.67
N ARG D 436 -13.69 -2.92 2.45
CA ARG D 436 -15.08 -3.02 2.03
C ARG D 436 -15.13 -3.26 0.53
N GLY D 437 -15.53 -4.45 0.13
CA GLY D 437 -15.58 -4.83 -1.28
C GLY D 437 -14.27 -5.45 -1.73
N ARG D 438 -14.20 -5.75 -3.02
CA ARG D 438 -13.02 -6.37 -3.60
C ARG D 438 -12.79 -5.89 -5.05
N THR D 439 -11.56 -6.11 -5.54
CA THR D 439 -11.19 -5.78 -6.92
C THR D 439 -10.13 -6.75 -7.42
N GLY D 440 -10.06 -6.89 -8.74
CA GLY D 440 -9.20 -7.89 -9.35
C GLY D 440 -7.84 -7.37 -9.73
N ILE D 441 -6.84 -8.24 -9.56
CA ILE D 441 -5.48 -7.97 -10.04
C ILE D 441 -5.12 -9.05 -11.03
N HIS D 442 -4.36 -8.68 -12.07
CA HIS D 442 -4.22 -9.55 -13.25
C HIS D 442 -2.79 -9.65 -13.79
N GLU D 443 -2.55 -10.76 -14.47
CA GLU D 443 -1.34 -10.99 -15.24
C GLU D 443 -1.72 -11.65 -16.56
N LEU D 444 -1.63 -10.91 -17.65
CA LEU D 444 -2.07 -11.41 -18.96
C LEU D 444 -0.90 -11.91 -19.81
N LEU D 445 -0.73 -13.23 -19.86
CA LEU D 445 0.27 -13.83 -20.73
C LEU D 445 -0.25 -13.80 -22.17
N MET D 446 0.50 -13.15 -23.06
CA MET D 446 0.13 -13.03 -24.47
C MET D 446 1.01 -13.96 -25.30
N VAL D 447 0.40 -14.93 -25.96
CA VAL D 447 1.14 -15.88 -26.78
C VAL D 447 1.52 -15.23 -28.11
N ASP D 448 2.79 -14.85 -28.23
CA ASP D 448 3.34 -14.26 -29.46
C ASP D 448 4.28 -15.24 -30.14
N ASP D 449 5.02 -14.78 -31.16
CA ASP D 449 5.89 -15.64 -31.96
C ASP D 449 6.91 -16.43 -31.14
N LYS D 450 7.53 -15.76 -30.17
CA LYS D 450 8.58 -16.38 -29.36
C LYS D 450 8.04 -17.35 -28.31
N VAL D 451 6.84 -17.09 -27.82
CA VAL D 451 6.17 -18.01 -26.87
C VAL D 451 5.79 -19.34 -27.57
N GLN D 452 5.34 -19.23 -28.82
CA GLN D 452 5.01 -20.42 -29.62
C GLN D 452 6.21 -21.35 -29.79
N GLU D 453 7.39 -20.76 -29.98
CA GLU D 453 8.63 -21.53 -30.12
C GLU D 453 9.01 -22.27 -28.83
N LEU D 454 8.88 -21.58 -27.70
CA LEU D 454 9.27 -22.13 -26.41
C LEU D 454 8.36 -23.28 -25.97
N ILE D 455 7.09 -23.22 -26.35
CA ILE D 455 6.15 -24.29 -26.06
C ILE D 455 6.49 -25.53 -26.89
N HIS D 456 6.80 -25.33 -28.17
CA HIS D 456 7.15 -26.41 -29.08
C HIS D 456 8.43 -27.13 -28.61
N ALA D 457 9.45 -26.34 -28.28
CA ALA D 457 10.75 -26.87 -27.85
C ALA D 457 10.77 -27.42 -26.41
N GLU D 458 9.70 -27.16 -25.66
CA GLU D 458 9.59 -27.60 -24.25
C GLU D 458 10.73 -27.00 -23.41
N ALA D 459 10.74 -25.69 -23.32
CA ALA D 459 11.83 -24.96 -22.64
C ALA D 459 11.73 -25.02 -21.12
N GLY D 460 10.55 -25.37 -20.60
CA GLY D 460 10.33 -25.47 -19.17
C GLY D 460 9.82 -24.16 -18.59
N GLU D 461 9.47 -24.18 -17.31
CA GLU D 461 8.90 -23.00 -16.65
C GLU D 461 9.94 -21.92 -16.36
N GLN D 462 11.15 -22.36 -16.05
CA GLN D 462 12.24 -21.44 -15.68
C GLN D 462 12.67 -20.53 -16.83
N ALA D 463 12.93 -21.14 -17.98
CA ALA D 463 13.35 -20.41 -19.18
C ALA D 463 12.20 -19.56 -19.76
N MET D 464 10.98 -20.06 -19.62
CA MET D 464 9.80 -19.37 -20.13
C MET D 464 9.41 -18.17 -19.26
N ASP D 465 9.64 -18.28 -17.95
CA ASP D 465 9.40 -17.16 -17.02
C ASP D 465 10.34 -15.98 -17.29
N LYS D 466 11.53 -16.28 -17.79
CA LYS D 466 12.51 -15.25 -18.14
C LYS D 466 11.99 -14.30 -19.21
N TYR D 467 11.54 -14.87 -20.32
CA TYR D 467 11.02 -14.10 -21.46
C TYR D 467 9.72 -13.37 -21.12
N ILE D 468 8.87 -14.02 -20.34
CA ILE D 468 7.55 -13.48 -19.98
C ILE D 468 7.67 -12.21 -19.13
N ARG D 469 8.71 -12.15 -18.30
CA ARG D 469 8.95 -10.96 -17.47
C ARG D 469 9.46 -9.75 -18.25
N GLU D 470 9.98 -9.99 -19.45
CA GLU D 470 10.47 -8.91 -20.32
C GLU D 470 9.34 -8.10 -20.96
N HIS D 471 8.23 -8.76 -21.27
CA HIS D 471 7.14 -8.17 -22.04
C HIS D 471 5.78 -8.05 -21.31
N THR D 472 5.54 -8.86 -20.27
CA THR D 472 4.30 -8.81 -19.49
C THR D 472 4.54 -8.54 -18.01
N PRO D 473 3.82 -7.56 -17.42
CA PRO D 473 3.90 -7.35 -15.96
C PRO D 473 3.36 -8.52 -15.16
N SER D 474 3.89 -8.68 -13.96
CA SER D 474 3.51 -9.78 -13.08
C SER D 474 2.18 -9.50 -12.41
N ILE D 475 1.66 -10.48 -11.66
CA ILE D 475 0.43 -10.31 -10.90
C ILE D 475 0.70 -9.37 -9.74
N ARG D 476 1.89 -9.52 -9.14
CA ARG D 476 2.30 -8.70 -8.01
C ARG D 476 2.49 -7.24 -8.43
N SER D 477 3.14 -7.01 -9.56
CA SER D 477 3.37 -5.67 -10.10
C SER D 477 2.05 -4.92 -10.35
N ASP D 478 1.05 -5.65 -10.87
CA ASP D 478 -0.29 -5.08 -11.08
C ASP D 478 -0.96 -4.78 -9.74
N GLY D 479 -0.75 -5.67 -8.78
CA GLY D 479 -1.24 -5.48 -7.42
C GLY D 479 -0.58 -4.30 -6.69
N LEU D 480 0.72 -4.16 -6.87
CA LEU D 480 1.49 -3.07 -6.26
C LEU D 480 1.07 -1.69 -6.79
N ASP D 481 0.69 -1.63 -8.06
CA ASP D 481 0.20 -0.37 -8.65
C ASP D 481 -1.06 0.11 -7.97
N LYS D 482 -1.89 -0.84 -7.54
CA LYS D 482 -3.12 -0.51 -6.80
C LYS D 482 -2.84 -0.08 -5.36
N VAL D 483 -1.72 -0.55 -4.82
CA VAL D 483 -1.27 -0.11 -3.49
C VAL D 483 -0.80 1.35 -3.55
N LEU D 484 -0.15 1.71 -4.66
CA LEU D 484 0.27 3.10 -4.89
C LEU D 484 -0.92 4.02 -5.08
N GLN D 485 -1.95 3.52 -5.76
CA GLN D 485 -3.19 4.28 -6.00
C GLN D 485 -4.02 4.44 -4.72
N GLY D 486 -3.79 3.57 -3.74
CA GLY D 486 -4.50 3.61 -2.48
C GLY D 486 -5.81 2.82 -2.51
N VAL D 487 -5.84 1.77 -3.32
CA VAL D 487 -7.04 0.96 -3.49
C VAL D 487 -7.03 -0.21 -2.50
N THR D 488 -5.88 -0.88 -2.43
CA THR D 488 -5.70 -2.00 -1.52
C THR D 488 -4.38 -1.88 -0.74
N SER D 489 -4.26 -2.65 0.33
CA SER D 489 -3.05 -2.67 1.13
C SER D 489 -1.97 -3.57 0.53
N LEU D 490 -0.75 -3.40 1.01
CA LEU D 490 0.37 -4.28 0.62
C LEU D 490 0.19 -5.67 1.25
N GLU D 491 -0.44 -5.72 2.42
CA GLU D 491 -0.70 -6.98 3.12
C GLU D 491 -1.63 -7.91 2.31
N GLU D 492 -2.56 -7.30 1.59
CA GLU D 492 -3.55 -8.05 0.80
C GLU D 492 -2.98 -8.57 -0.52
N VAL D 493 -2.06 -7.82 -1.09
CA VAL D 493 -1.33 -8.23 -2.30
C VAL D 493 -0.39 -9.39 -1.97
N MET D 494 0.32 -9.30 -0.86
CA MET D 494 1.28 -10.33 -0.45
C MET D 494 0.56 -11.60 0.04
N ARG D 495 -0.69 -11.45 0.48
CA ARG D 495 -1.51 -12.59 0.90
C ARG D 495 -1.83 -13.52 -0.27
N VAL D 496 -2.36 -12.94 -1.33
CA VAL D 496 -2.83 -13.70 -2.50
C VAL D 496 -1.73 -14.01 -3.51
N THR D 497 -0.60 -13.32 -3.41
CA THR D 497 0.55 -13.54 -4.31
C THR D 497 1.68 -14.30 -3.59
N LYS D 498 2.17 -15.37 -4.21
CA LYS D 498 3.27 -16.19 -3.62
C LYS D 498 4.47 -16.32 -4.58
N SER E 3 -17.97 71.31 -4.99
CA SER E 3 -16.84 72.27 -4.78
C SER E 3 -15.50 71.62 -5.14
N GLU E 4 -15.24 70.46 -4.56
CA GLU E 4 -14.03 69.67 -4.87
C GLU E 4 -14.42 68.28 -5.38
N PHE E 5 -13.62 67.75 -6.29
CA PHE E 5 -13.82 66.38 -6.78
C PHE E 5 -12.54 65.74 -7.27
N LEU E 6 -12.47 64.41 -7.17
CA LEU E 6 -11.32 63.65 -7.65
C LEU E 6 -11.56 63.16 -9.07
N THR E 7 -10.64 63.48 -9.97
CA THR E 7 -10.69 63.01 -11.35
C THR E 7 -9.62 61.93 -11.54
N VAL E 8 -10.02 60.79 -12.11
CA VAL E 8 -9.10 59.67 -12.30
C VAL E 8 -9.11 59.28 -13.77
N ARG E 9 -7.92 59.12 -14.34
CA ARG E 9 -7.75 58.78 -15.74
C ARG E 9 -7.33 57.33 -15.88
N LEU E 10 -8.21 56.50 -16.42
CA LEU E 10 -7.96 55.07 -16.61
C LEU E 10 -7.83 54.67 -18.08
N SER E 11 -7.35 53.46 -18.32
CA SER E 11 -7.26 52.91 -19.66
C SER E 11 -7.34 51.38 -19.62
N SER E 12 -7.34 50.75 -20.80
CA SER E 12 -7.43 49.30 -20.90
C SER E 12 -6.15 48.59 -20.41
N GLU E 13 -5.02 49.26 -20.58
CA GLU E 13 -3.71 48.75 -20.16
C GLU E 13 -3.58 48.80 -18.64
N GLN E 14 -3.66 47.64 -17.99
CA GLN E 14 -3.58 47.56 -16.52
C GLN E 14 -2.18 47.78 -15.97
N TYR E 15 -1.18 47.59 -16.83
CA TYR E 15 0.22 47.93 -16.51
C TYR E 15 0.55 49.43 -16.63
N SER E 16 -0.28 50.18 -17.34
CA SER E 16 -0.04 51.61 -17.52
C SER E 16 -0.42 52.45 -16.29
N PRO E 17 0.18 53.65 -16.17
CA PRO E 17 -0.12 54.57 -15.08
C PRO E 17 -1.54 55.10 -15.07
N ILE E 18 -2.01 55.52 -13.89
CA ILE E 18 -3.34 56.06 -13.68
C ILE E 18 -3.20 57.45 -13.09
N PRO E 19 -3.23 58.49 -13.94
CA PRO E 19 -3.15 59.86 -13.43
C PRO E 19 -4.42 60.27 -12.69
N TRP E 20 -4.26 60.97 -11.59
CA TRP E 20 -5.38 61.50 -10.82
C TRP E 20 -5.10 62.92 -10.35
N LEU E 21 -6.19 63.62 -10.04
CA LEU E 21 -6.09 65.02 -9.65
C LEU E 21 -7.33 65.47 -8.92
N VAL E 22 -7.11 66.13 -7.79
CA VAL E 22 -8.21 66.72 -7.01
C VAL E 22 -8.32 68.19 -7.36
N TRP E 23 -9.34 68.53 -8.15
CA TRP E 23 -9.57 69.91 -8.58
C TRP E 23 -10.62 70.58 -7.68
N SER E 24 -10.45 71.86 -7.45
CA SER E 24 -11.42 72.68 -6.70
C SER E 24 -12.01 73.76 -7.61
N SER E 25 -13.29 73.59 -7.95
CA SER E 25 -14.02 74.57 -8.76
C SER E 25 -14.32 75.85 -7.94
N SER E 26 -14.38 75.71 -6.61
CA SER E 26 -14.57 76.83 -5.69
C SER E 26 -13.37 77.80 -5.69
N GLN E 27 -12.17 77.23 -5.64
CA GLN E 27 -10.93 78.01 -5.60
C GLN E 27 -10.27 78.18 -6.96
N GLN E 28 -10.66 77.35 -7.92
CA GLN E 28 -10.02 77.31 -9.25
C GLN E 28 -8.54 76.98 -9.14
N GLU E 29 -8.25 75.93 -8.39
CA GLU E 29 -6.87 75.50 -8.14
C GLU E 29 -6.74 73.99 -8.03
N VAL E 30 -5.52 73.50 -8.22
CA VAL E 30 -5.20 72.09 -8.02
C VAL E 30 -4.87 71.86 -6.55
N ILE E 31 -5.73 71.13 -5.85
CA ILE E 31 -5.53 70.81 -4.46
C ILE E 31 -4.51 69.69 -4.26
N ALA E 32 -4.67 68.62 -5.02
CA ALA E 32 -3.80 67.45 -4.92
C ALA E 32 -3.62 66.82 -6.30
N SER E 33 -2.47 66.18 -6.47
CA SER E 33 -2.11 65.58 -7.74
C SER E 33 -1.14 64.43 -7.54
N GLY E 34 -1.28 63.41 -8.39
CA GLY E 34 -0.40 62.23 -8.34
C GLY E 34 -0.61 61.29 -9.50
N GLU E 35 -0.06 60.09 -9.39
CA GLU E 35 -0.16 59.09 -10.43
C GLU E 35 0.04 57.71 -9.84
N LEU E 36 -0.93 56.82 -10.02
CA LEU E 36 -0.74 55.43 -9.70
C LEU E 36 0.06 54.77 -10.82
N SER E 37 0.94 53.86 -10.47
CA SER E 37 1.58 52.96 -11.41
C SER E 37 0.76 51.66 -11.27
N ASP E 38 0.15 51.19 -12.34
CA ASP E 38 -0.71 50.02 -12.31
C ASP E 38 -2.07 50.24 -11.63
N TRP E 39 -2.95 49.29 -11.92
CA TRP E 39 -4.25 49.16 -11.28
C TRP E 39 -4.19 48.49 -9.92
N GLN E 40 -3.01 48.03 -9.53
CA GLN E 40 -2.79 47.42 -8.22
C GLN E 40 -2.88 48.43 -7.08
N GLN E 41 -2.75 49.72 -7.38
CA GLN E 41 -2.81 50.79 -6.37
C GLN E 41 -4.16 51.47 -6.23
N LEU E 42 -5.23 50.81 -6.61
CA LEU E 42 -6.57 51.41 -6.49
C LEU E 42 -6.98 51.70 -5.05
N ASP E 43 -6.39 50.96 -4.12
CA ASP E 43 -6.56 51.20 -2.68
C ASP E 43 -6.04 52.56 -2.22
N ASP E 44 -5.06 53.12 -2.94
CA ASP E 44 -4.47 54.42 -2.58
C ASP E 44 -5.39 55.61 -2.84
N LEU E 45 -6.39 55.42 -3.69
CA LEU E 45 -7.36 56.47 -4.02
C LEU E 45 -8.35 56.77 -2.89
N LYS E 46 -8.41 55.90 -1.88
CA LYS E 46 -9.27 56.10 -0.71
C LYS E 46 -8.97 57.43 0.00
N ASN E 47 -7.69 57.64 0.30
CA ASN E 47 -7.26 58.82 1.09
C ASN E 47 -7.34 60.15 0.32
N TYR E 48 -7.43 60.10 -1.00
CA TYR E 48 -7.65 61.32 -1.82
C TYR E 48 -9.12 61.55 -2.15
N ALA E 49 -9.96 60.54 -1.91
CA ALA E 49 -11.40 60.62 -2.21
C ALA E 49 -12.27 60.96 -1.02
N GLU E 50 -11.68 61.19 0.15
CA GLU E 50 -12.51 61.36 1.34
C GLU E 50 -13.59 62.39 1.03
N GLN E 51 -14.84 61.95 1.09
CA GLN E 51 -15.99 62.83 0.89
C GLN E 51 -15.93 63.71 -0.38
N ARG E 52 -15.54 63.12 -1.50
CA ARG E 52 -15.51 63.87 -2.74
C ARG E 52 -15.97 62.98 -3.90
N PRO E 53 -16.81 63.53 -4.79
CA PRO E 53 -17.24 62.78 -5.97
C PRO E 53 -16.08 62.35 -6.84
N ILE E 54 -16.14 61.11 -7.30
CA ILE E 54 -15.12 60.57 -8.19
C ILE E 54 -15.62 60.55 -9.63
N VAL E 55 -14.85 61.19 -10.51
CA VAL E 55 -15.14 61.17 -11.95
C VAL E 55 -14.06 60.40 -12.68
N VAL E 56 -14.48 59.35 -13.40
CA VAL E 56 -13.54 58.52 -14.13
C VAL E 56 -13.43 59.03 -15.58
N LEU E 57 -12.22 59.33 -16.00
CA LEU E 57 -11.91 59.66 -17.39
C LEU E 57 -11.35 58.42 -18.08
N VAL E 58 -12.20 57.70 -18.79
CA VAL E 58 -11.72 56.60 -19.64
C VAL E 58 -10.93 57.18 -20.82
N ALA E 59 -9.88 56.48 -21.20
CA ALA E 59 -9.07 56.88 -22.35
C ALA E 59 -9.89 56.78 -23.63
N ALA E 60 -9.80 57.81 -24.47
CA ALA E 60 -10.55 57.85 -25.73
C ALA E 60 -10.04 56.81 -26.72
N SER E 61 -8.83 56.30 -26.48
CA SER E 61 -8.28 55.19 -27.24
C SER E 61 -9.08 53.90 -26.99
N ASP E 62 -9.65 53.77 -25.80
CA ASP E 62 -10.47 52.59 -25.41
C ASP E 62 -11.96 52.84 -25.56
N VAL E 63 -12.31 53.70 -26.50
CA VAL E 63 -13.70 54.12 -26.71
C VAL E 63 -13.91 54.45 -28.20
N VAL E 64 -15.07 54.09 -28.73
CA VAL E 64 -15.44 54.47 -30.10
C VAL E 64 -16.37 55.68 -30.07
N LEU E 65 -15.86 56.80 -30.58
CA LEU E 65 -16.66 58.02 -30.71
C LEU E 65 -16.88 58.30 -32.18
N THR E 66 -18.12 58.18 -32.64
CA THR E 66 -18.45 58.27 -34.07
C THR E 66 -19.83 58.86 -34.32
N GLU E 67 -20.11 59.14 -35.58
CA GLU E 67 -21.39 59.74 -35.99
C GLU E 67 -22.16 58.79 -36.91
N VAL E 68 -23.47 58.71 -36.71
CA VAL E 68 -24.33 57.85 -37.53
C VAL E 68 -25.61 58.56 -37.95
N ASP E 69 -26.10 58.20 -39.13
CA ASP E 69 -27.32 58.77 -39.68
C ASP E 69 -28.53 58.10 -39.05
N ILE E 70 -29.46 58.92 -38.56
CA ILE E 70 -30.73 58.42 -38.04
C ILE E 70 -31.66 58.18 -39.22
N PRO E 71 -32.20 56.94 -39.36
CA PRO E 71 -33.18 56.69 -40.42
C PRO E 71 -34.44 57.56 -40.25
N PRO E 72 -34.93 58.16 -41.35
CA PRO E 72 -36.04 59.14 -41.28
C PRO E 72 -37.25 58.67 -40.47
N GLY E 73 -37.65 59.46 -39.48
CA GLY E 73 -38.81 59.18 -38.65
C GLY E 73 -38.65 58.02 -37.69
N ALA E 74 -37.41 57.67 -37.37
CA ALA E 74 -37.11 56.57 -36.44
C ALA E 74 -36.20 57.04 -35.30
N SER E 75 -36.52 58.20 -34.74
CA SER E 75 -35.74 58.81 -33.68
C SER E 75 -36.06 58.20 -32.32
N ARG E 76 -37.33 57.87 -32.09
CA ARG E 76 -37.79 57.28 -30.83
C ARG E 76 -37.28 55.84 -30.62
N GLN E 77 -37.04 55.13 -31.73
CA GLN E 77 -36.60 53.74 -31.70
C GLN E 77 -35.18 53.61 -32.30
N PHE E 78 -34.41 54.69 -32.21
CA PHE E 78 -33.06 54.75 -32.77
C PHE E 78 -32.04 53.93 -31.98
N GLU E 79 -32.10 54.05 -30.66
CA GLU E 79 -31.10 53.42 -29.79
C GLU E 79 -31.08 51.90 -29.87
N SER E 80 -32.23 51.30 -30.16
CA SER E 80 -32.33 49.85 -30.37
C SER E 80 -31.68 49.42 -31.70
N MET E 81 -31.72 50.31 -32.70
CA MET E 81 -31.13 50.03 -34.00
C MET E 81 -29.65 50.40 -34.08
N LEU E 82 -29.10 50.92 -33.00
CA LEU E 82 -27.75 51.51 -33.02
C LEU E 82 -26.64 50.48 -33.28
N PRO E 83 -26.65 49.33 -32.56
CA PRO E 83 -25.58 48.36 -32.75
C PRO E 83 -25.50 47.79 -34.14
N TYR E 84 -26.65 47.65 -34.79
CA TYR E 84 -26.72 47.05 -36.13
C TYR E 84 -26.21 48.03 -37.20
N LEU E 85 -26.44 49.32 -37.00
CA LEU E 85 -25.92 50.35 -37.90
C LEU E 85 -24.40 50.48 -37.88
N LEU E 86 -23.81 50.30 -36.70
CA LEU E 86 -22.36 50.38 -36.51
C LEU E 86 -21.64 49.03 -36.61
N GLU E 87 -22.38 47.97 -36.91
CA GLU E 87 -21.82 46.61 -36.88
C GLU E 87 -20.62 46.43 -37.80
N ASP E 88 -20.69 47.04 -38.99
CA ASP E 88 -19.61 46.96 -39.98
C ASP E 88 -18.41 47.83 -39.65
N GLU E 89 -18.64 48.87 -38.86
CA GLU E 89 -17.60 49.88 -38.58
C GLU E 89 -16.74 49.61 -37.34
N ILE E 90 -17.10 48.61 -36.54
CA ILE E 90 -16.28 48.23 -35.39
C ILE E 90 -15.60 46.90 -35.62
N ALA E 91 -14.52 46.68 -34.91
CA ALA E 91 -13.63 45.55 -35.12
C ALA E 91 -13.77 44.48 -34.03
N GLN E 92 -15.00 44.28 -33.59
CA GLN E 92 -15.36 43.15 -32.72
C GLN E 92 -16.87 42.93 -32.73
N ASP E 93 -17.35 41.99 -31.94
CA ASP E 93 -18.80 41.75 -31.83
C ASP E 93 -19.46 42.98 -31.19
N VAL E 94 -20.45 43.54 -31.85
CA VAL E 94 -21.09 44.77 -31.39
C VAL E 94 -21.97 44.56 -30.15
N ASP E 95 -22.33 43.32 -29.86
CA ASP E 95 -23.01 42.97 -28.60
C ASP E 95 -22.14 43.22 -27.36
N ASP E 96 -20.83 43.21 -27.54
CA ASP E 96 -19.88 43.42 -26.44
C ASP E 96 -19.87 44.88 -25.97
N LEU E 97 -20.24 45.79 -26.84
CA LEU E 97 -20.16 47.22 -26.55
C LEU E 97 -21.41 47.77 -25.89
N HIS E 98 -21.20 48.73 -24.99
CA HIS E 98 -22.27 49.50 -24.38
C HIS E 98 -22.29 50.89 -25.00
N PHE E 99 -23.40 51.25 -25.63
CA PHE E 99 -23.55 52.51 -26.35
C PHE E 99 -24.32 53.55 -25.56
N SER E 100 -23.88 54.81 -25.70
CA SER E 100 -24.53 55.95 -25.04
C SER E 100 -24.66 57.08 -26.03
N VAL E 101 -25.89 57.51 -26.28
CA VAL E 101 -26.13 58.62 -27.20
C VAL E 101 -25.82 59.94 -26.50
N LEU E 102 -24.82 60.64 -26.99
CA LEU E 102 -24.42 61.93 -26.42
C LEU E 102 -25.31 63.08 -26.92
N ALA E 103 -25.69 63.02 -28.19
CA ALA E 103 -26.51 64.08 -28.81
C ALA E 103 -27.29 63.64 -30.05
N LYS E 104 -28.43 64.28 -30.31
CA LYS E 104 -29.21 64.02 -31.52
C LYS E 104 -29.47 65.32 -32.25
N GLU E 105 -28.91 65.46 -33.45
CA GLU E 105 -29.00 66.68 -34.24
C GLU E 105 -29.41 66.34 -35.67
N ASN E 106 -30.41 67.06 -36.18
CA ASN E 106 -30.93 66.79 -37.52
C ASN E 106 -31.26 65.31 -37.66
N GLY E 107 -30.76 64.63 -38.69
CA GLY E 107 -30.95 63.20 -38.80
C GLY E 107 -29.78 62.41 -38.21
N LYS E 108 -28.80 63.11 -37.66
CA LYS E 108 -27.54 62.50 -37.23
C LYS E 108 -27.52 62.42 -35.71
N ALA E 109 -26.81 61.42 -35.19
CA ALA E 109 -26.70 61.19 -33.74
C ALA E 109 -25.25 60.97 -33.35
N GLN E 110 -24.86 61.54 -32.21
CA GLN E 110 -23.51 61.42 -31.68
C GLN E 110 -23.46 60.26 -30.69
N VAL E 111 -22.58 59.31 -30.97
CA VAL E 111 -22.55 58.06 -30.23
C VAL E 111 -21.21 57.86 -29.52
N CYS E 112 -21.27 57.23 -28.36
CA CYS E 112 -20.07 56.79 -27.65
C CYS E 112 -20.21 55.33 -27.24
N GLY E 113 -19.39 54.47 -27.82
CA GLY E 113 -19.35 53.08 -27.43
C GLY E 113 -18.16 52.73 -26.56
N VAL E 114 -18.35 51.81 -25.63
CA VAL E 114 -17.26 51.26 -24.80
C VAL E 114 -17.55 49.81 -24.47
N ASP E 115 -16.50 49.02 -24.28
CA ASP E 115 -16.66 47.61 -23.94
C ASP E 115 -17.42 47.49 -22.62
N ARG E 116 -18.52 46.73 -22.64
CA ARG E 116 -19.39 46.56 -21.49
C ARG E 116 -18.68 45.88 -20.31
N ARG E 117 -17.95 44.82 -20.62
CA ARG E 117 -17.26 44.05 -19.59
C ARG E 117 -16.16 44.86 -18.92
N TRP E 118 -15.49 45.71 -19.69
CA TRP E 118 -14.42 46.56 -19.15
C TRP E 118 -14.99 47.61 -18.20
N LEU E 119 -16.06 48.25 -18.65
CA LEU E 119 -16.73 49.27 -17.85
C LEU E 119 -17.30 48.70 -16.56
N GLN E 120 -17.91 47.52 -16.66
CA GLN E 120 -18.41 46.82 -15.50
C GLN E 120 -17.27 46.41 -14.58
N HIS E 121 -16.17 45.94 -15.15
CA HIS E 121 -15.01 45.51 -14.37
C HIS E 121 -14.34 46.68 -13.64
N MET E 122 -14.30 47.82 -14.30
CA MET E 122 -13.77 49.05 -13.71
C MET E 122 -14.63 49.49 -12.51
N LEU E 123 -15.94 49.45 -12.69
CA LEU E 123 -16.87 49.78 -11.60
C LEU E 123 -16.80 48.79 -10.44
N ASP E 124 -16.61 47.51 -10.75
CA ASP E 124 -16.42 46.47 -9.73
C ASP E 124 -15.10 46.65 -8.97
N ALA E 125 -14.08 47.14 -9.65
CA ALA E 125 -12.78 47.40 -9.03
C ALA E 125 -12.86 48.54 -8.02
N PHE E 126 -13.57 49.60 -8.38
CA PHE E 126 -13.78 50.74 -7.49
C PHE E 126 -14.75 50.40 -6.37
N ARG E 127 -15.74 49.54 -6.65
CA ARG E 127 -16.72 49.10 -5.61
C ARG E 127 -16.03 48.22 -4.55
N ALA E 128 -15.06 47.41 -4.96
CA ALA E 128 -14.31 46.57 -4.03
C ALA E 128 -13.45 47.40 -3.10
N GLN E 129 -13.17 48.63 -3.51
CA GLN E 129 -12.34 49.56 -2.74
C GLN E 129 -13.18 50.59 -1.98
N GLY E 130 -14.49 50.43 -2.01
CA GLY E 130 -15.42 51.35 -1.33
C GLY E 130 -15.54 52.70 -2.00
N LEU E 131 -15.14 52.80 -3.27
CA LEU E 131 -15.15 54.06 -4.00
C LEU E 131 -16.35 54.09 -4.93
N ASP E 132 -17.15 55.13 -4.83
CA ASP E 132 -18.36 55.26 -5.64
C ASP E 132 -18.11 56.20 -6.83
N VAL E 133 -18.12 55.64 -8.03
CA VAL E 133 -17.90 56.42 -9.24
C VAL E 133 -19.19 57.13 -9.61
N LYS E 134 -19.13 58.45 -9.71
CA LYS E 134 -20.32 59.27 -10.01
C LYS E 134 -20.55 59.43 -11.52
N ARG E 135 -19.46 59.59 -12.26
CA ARG E 135 -19.52 59.77 -13.71
C ARG E 135 -18.38 59.04 -14.42
N VAL E 136 -18.64 58.70 -15.68
CA VAL E 136 -17.63 58.13 -16.56
C VAL E 136 -17.76 58.79 -17.92
N LEU E 137 -16.68 59.39 -18.41
CA LEU E 137 -16.67 59.97 -19.75
C LEU E 137 -15.32 59.88 -20.42
N PRO E 138 -15.27 59.96 -21.77
CA PRO E 138 -13.98 59.95 -22.47
C PRO E 138 -13.11 61.16 -22.07
N ASP E 139 -11.82 60.92 -21.89
CA ASP E 139 -10.88 61.97 -21.47
C ASP E 139 -10.74 63.10 -22.48
N SER E 140 -10.84 62.76 -23.77
CA SER E 140 -10.69 63.74 -24.83
C SER E 140 -11.82 64.76 -24.83
N LEU E 141 -13.03 64.32 -24.48
CA LEU E 141 -14.20 65.21 -24.44
C LEU E 141 -14.18 66.19 -23.26
N ALA E 142 -13.25 66.02 -22.35
CA ALA E 142 -13.05 66.96 -21.24
C ALA E 142 -12.15 68.14 -21.62
N LEU E 143 -11.54 68.09 -22.81
CA LEU E 143 -10.73 69.21 -23.31
C LEU E 143 -11.65 70.35 -23.72
N PRO E 144 -11.14 71.59 -23.66
CA PRO E 144 -11.98 72.75 -24.02
C PRO E 144 -12.16 72.92 -25.54
N LEU E 145 -13.33 73.38 -25.96
CA LEU E 145 -13.56 73.70 -27.37
C LEU E 145 -12.89 75.02 -27.75
N ASP E 146 -12.24 75.03 -28.90
CA ASP E 146 -11.65 76.25 -29.46
C ASP E 146 -12.28 76.58 -30.81
N ASP E 147 -12.48 77.88 -31.06
CA ASP E 147 -13.14 78.34 -32.28
C ASP E 147 -12.25 78.29 -33.52
N GLU E 148 -10.94 78.22 -33.30
CA GLU E 148 -9.97 78.29 -34.39
C GLU E 148 -9.39 76.94 -34.84
N GLY E 149 -9.70 75.87 -34.13
CA GLY E 149 -9.26 74.54 -34.55
C GLY E 149 -9.59 73.41 -33.58
N ILE E 150 -9.05 72.24 -33.91
CA ILE E 150 -9.17 71.05 -33.06
C ILE E 150 -8.30 71.20 -31.81
N SER E 151 -8.92 71.04 -30.65
CA SER E 151 -8.23 71.14 -29.38
C SER E 151 -7.39 69.91 -29.10
N ALA E 152 -6.15 70.10 -28.67
CA ALA E 152 -5.24 68.99 -28.41
C ALA E 152 -4.44 69.17 -27.12
N ALA E 153 -4.02 68.05 -26.53
CA ALA E 153 -3.21 68.04 -25.30
C ALA E 153 -2.51 66.69 -25.14
N GLN E 154 -1.28 66.72 -24.65
CA GLN E 154 -0.48 65.51 -24.49
C GLN E 154 -0.57 64.98 -23.06
N LEU E 155 -0.99 63.73 -22.93
CA LEU E 155 -1.08 63.06 -21.63
C LEU E 155 -0.29 61.76 -21.67
N GLY E 156 0.82 61.72 -20.93
CA GLY E 156 1.71 60.56 -20.94
C GLY E 156 2.45 60.48 -22.25
N GLU E 157 2.22 59.40 -22.96
CA GLU E 157 2.79 59.19 -24.30
C GLU E 157 1.65 59.05 -25.31
N GLN E 158 0.67 59.95 -25.19
CA GLN E 158 -0.49 59.97 -26.05
C GLN E 158 -0.94 61.41 -26.29
N TRP E 159 -1.59 61.63 -27.43
CA TRP E 159 -2.14 62.93 -27.77
C TRP E 159 -3.66 62.89 -27.80
N LEU E 160 -4.28 63.58 -26.87
CA LEU E 160 -5.75 63.67 -26.83
C LEU E 160 -6.24 64.71 -27.82
N PHE E 161 -7.29 64.39 -28.57
CA PHE E 161 -7.87 65.29 -29.56
C PHE E 161 -9.39 65.38 -29.40
N ARG E 162 -9.91 66.59 -29.30
CA ARG E 162 -11.34 66.81 -29.30
C ARG E 162 -11.73 67.54 -30.59
N HIS E 163 -12.38 66.82 -31.50
CA HIS E 163 -12.71 67.32 -32.84
C HIS E 163 -13.91 68.27 -32.78
N SER E 164 -14.91 67.93 -31.99
CA SER E 164 -16.12 68.75 -31.81
C SER E 164 -16.74 68.50 -30.43
N ALA E 165 -17.97 68.95 -30.23
CA ALA E 165 -18.66 68.79 -28.93
C ALA E 165 -18.71 67.34 -28.45
N CYS E 166 -19.01 66.42 -29.37
CA CYS E 166 -19.20 65.00 -29.00
C CYS E 166 -18.14 64.08 -29.59
N GLN E 167 -17.37 64.58 -30.55
CA GLN E 167 -16.35 63.76 -31.23
C GLN E 167 -14.99 63.96 -30.59
N GLY E 168 -14.23 62.87 -30.48
CA GLY E 168 -12.89 62.91 -29.89
C GLY E 168 -12.06 61.68 -30.11
N SER E 169 -10.80 61.76 -29.73
CA SER E 169 -9.84 60.68 -29.98
C SER E 169 -8.59 60.80 -29.11
N ALA E 170 -7.89 59.67 -28.94
CA ALA E 170 -6.59 59.64 -28.28
C ALA E 170 -5.64 58.68 -29.00
N VAL E 171 -4.47 59.18 -29.38
CA VAL E 171 -3.53 58.42 -30.19
C VAL E 171 -2.11 58.49 -29.62
N ASP E 172 -1.33 57.46 -29.88
CA ASP E 172 0.04 57.38 -29.41
C ASP E 172 0.95 58.34 -30.18
N ASP E 173 2.05 58.76 -29.54
CA ASP E 173 3.02 59.68 -30.16
C ASP E 173 3.67 59.13 -31.42
N SER E 174 3.91 57.83 -31.44
CA SER E 174 4.64 57.17 -32.55
C SER E 174 3.93 57.29 -33.90
N TRP E 175 2.60 57.16 -33.90
CA TRP E 175 1.81 57.26 -35.13
C TRP E 175 0.80 58.44 -35.12
N MET E 176 1.05 59.43 -34.29
CA MET E 176 0.18 60.63 -34.22
C MET E 176 0.16 61.44 -35.51
N PRO E 177 1.33 61.63 -36.17
CA PRO E 177 1.35 62.41 -37.41
C PRO E 177 0.60 61.75 -38.57
N VAL E 178 0.70 60.44 -38.66
CA VAL E 178 0.03 59.65 -39.70
C VAL E 178 -1.49 59.66 -39.48
N TYR E 179 -1.91 59.68 -38.21
CA TYR E 179 -3.34 59.72 -37.86
C TYR E 179 -4.03 61.00 -38.32
N LEU E 180 -3.37 62.13 -38.16
CA LEU E 180 -3.97 63.43 -38.53
C LEU E 180 -4.27 63.59 -40.02
N ASN E 181 -3.56 62.83 -40.84
CA ASN E 181 -3.84 62.78 -42.28
C ASN E 181 -4.89 61.70 -42.63
N PRO E 188 -6.89 70.00 -45.01
CA PRO E 188 -6.01 70.90 -44.25
C PRO E 188 -6.70 71.48 -43.02
N LEU E 189 -6.25 71.10 -41.82
CA LEU E 189 -6.88 71.58 -40.57
C LEU E 189 -5.86 72.04 -39.54
N SER E 190 -6.29 72.91 -38.64
CA SER E 190 -5.45 73.45 -37.60
C SER E 190 -5.72 72.76 -36.26
N VAL E 191 -4.71 72.77 -35.40
CA VAL E 191 -4.76 72.16 -34.07
C VAL E 191 -4.39 73.14 -32.97
N ALA E 192 -5.38 73.55 -32.17
CA ALA E 192 -5.15 74.35 -30.98
C ALA E 192 -4.56 73.47 -29.86
N CYS E 193 -3.30 73.70 -29.50
CA CYS E 193 -2.57 72.85 -28.54
C CYS E 193 -2.45 73.53 -27.18
N PHE E 194 -2.84 72.82 -26.12
CA PHE E 194 -2.78 73.33 -24.73
C PHE E 194 -1.60 72.72 -23.95
N SER E 195 -0.57 72.29 -24.67
CA SER E 195 0.66 71.82 -24.07
C SER E 195 1.84 72.18 -24.98
N SER E 196 3.05 71.75 -24.61
CA SER E 196 4.23 72.03 -25.44
C SER E 196 4.09 71.32 -26.78
N LEU E 197 4.40 72.05 -27.87
CA LEU E 197 4.18 71.54 -29.22
C LEU E 197 5.17 70.43 -29.56
N PRO E 198 4.72 69.42 -30.31
CA PRO E 198 5.58 68.28 -30.64
C PRO E 198 6.53 68.57 -31.80
N GLU E 199 7.43 67.63 -32.11
CA GLU E 199 8.36 67.75 -33.22
C GLU E 199 7.91 66.96 -34.47
N GLN E 200 6.62 67.05 -34.80
CA GLN E 200 6.02 66.27 -35.88
C GLN E 200 4.75 66.92 -36.49
N GLN E 201 4.43 66.50 -37.71
CA GLN E 201 3.18 66.84 -38.43
C GLN E 201 3.39 66.63 -39.92
N ALA E 204 -2.44 70.48 -40.53
CA ALA E 204 -1.19 70.25 -39.83
C ALA E 204 -0.54 71.57 -39.35
N HIS E 205 -1.36 72.53 -38.95
CA HIS E 205 -0.88 73.80 -38.40
C HIS E 205 -1.25 73.87 -36.92
N TRP E 206 -0.24 74.04 -36.07
CA TRP E 206 -0.42 73.97 -34.62
C TRP E 206 -0.38 75.34 -33.94
N LEU E 207 -1.53 75.75 -33.41
CA LEU E 207 -1.67 77.04 -32.74
C LEU E 207 -1.36 76.84 -31.26
N SER E 208 -0.33 77.52 -30.75
CA SER E 208 0.06 77.40 -29.33
C SER E 208 -0.84 78.23 -28.42
N ARG E 209 -1.49 77.56 -27.48
CA ARG E 209 -2.33 78.20 -26.46
C ARG E 209 -1.58 78.19 -25.13
N PRO E 210 -2.08 78.95 -24.14
CA PRO E 210 -1.45 78.90 -22.81
C PRO E 210 -1.37 77.48 -22.24
N VAL E 211 -0.18 77.06 -21.85
CA VAL E 211 0.07 75.69 -21.40
C VAL E 211 -0.46 75.47 -19.99
N GLU E 212 -1.09 74.33 -19.79
CA GLU E 212 -1.55 73.89 -18.47
C GLU E 212 -1.22 72.42 -18.25
N MET E 213 -1.32 71.99 -17.01
CA MET E 213 -1.25 70.59 -16.65
C MET E 213 -2.51 69.91 -17.20
N THR E 214 -2.32 68.86 -18.01
CA THR E 214 -3.45 68.26 -18.76
C THR E 214 -4.58 67.73 -17.89
N MET E 215 -4.22 67.09 -16.79
CA MET E 215 -5.22 66.60 -15.84
C MET E 215 -5.98 67.73 -15.15
N ALA E 216 -5.29 68.84 -14.93
CA ALA E 216 -5.95 70.04 -14.40
C ALA E 216 -6.85 70.67 -15.45
N LEU E 217 -6.40 70.67 -16.70
CA LEU E 217 -7.20 71.17 -17.82
C LEU E 217 -8.45 70.31 -18.05
N LEU E 218 -8.27 69.00 -18.02
CA LEU E 218 -9.39 68.08 -18.15
C LEU E 218 -10.39 68.25 -17.00
N SER E 219 -9.89 68.43 -15.79
CA SER E 219 -10.74 68.58 -14.59
C SER E 219 -11.64 69.79 -14.68
N GLN E 220 -11.14 70.87 -15.27
CA GLN E 220 -11.95 72.07 -15.50
C GLN E 220 -13.11 71.80 -16.46
N GLY E 221 -12.83 70.98 -17.48
CA GLY E 221 -13.84 70.55 -18.45
C GLY E 221 -14.86 69.59 -17.85
N VAL E 222 -14.41 68.78 -16.90
CA VAL E 222 -15.29 67.88 -16.15
C VAL E 222 -16.33 68.67 -15.37
N ALA E 223 -15.91 69.78 -14.77
CA ALA E 223 -16.82 70.65 -14.00
C ALA E 223 -17.86 71.33 -14.89
N ASP E 224 -17.50 71.62 -16.13
CA ASP E 224 -18.40 72.28 -17.08
C ASP E 224 -19.44 71.31 -17.65
N GLY E 225 -18.97 70.19 -18.19
CA GLY E 225 -19.80 69.27 -18.94
C GLY E 225 -20.66 68.38 -18.07
N LYS E 226 -21.63 67.75 -18.72
CA LYS E 226 -22.57 66.82 -18.06
C LYS E 226 -22.53 65.42 -18.67
N PHE E 227 -21.66 65.18 -19.65
CA PHE E 227 -21.61 63.87 -20.34
C PHE E 227 -21.26 62.72 -19.36
N SER E 228 -21.91 61.58 -19.55
CA SER E 228 -21.62 60.38 -18.75
C SER E 228 -22.03 59.12 -19.49
N LEU E 229 -21.15 58.12 -19.49
CA LEU E 229 -21.43 56.81 -20.08
C LEU E 229 -22.26 55.91 -19.16
N LEU E 230 -22.49 56.35 -17.93
CA LEU E 230 -23.33 55.63 -16.99
C LEU E 230 -24.79 55.83 -17.37
N THR E 231 -25.21 55.09 -18.40
CA THR E 231 -26.57 55.18 -18.93
C THR E 231 -27.15 53.78 -19.15
N GLY E 232 -28.47 53.71 -19.26
CA GLY E 232 -29.16 52.45 -19.59
C GLY E 232 -28.99 51.42 -18.49
N GLU E 233 -28.16 50.42 -18.77
CA GLU E 233 -27.81 49.38 -17.78
C GLU E 233 -26.93 49.93 -16.65
N PHE E 234 -26.12 50.92 -16.97
CA PHE E 234 -25.13 51.44 -16.06
C PHE E 234 -25.58 52.69 -15.31
N LYS E 235 -26.86 53.04 -15.43
CA LYS E 235 -27.40 54.19 -14.68
C LYS E 235 -27.42 53.87 -13.18
N PRO E 236 -27.03 54.85 -12.33
CA PRO E 236 -27.09 54.61 -10.88
C PRO E 236 -28.53 54.67 -10.34
N ARG F 13 -4.87 38.98 -30.89
CA ARG F 13 -3.63 38.88 -31.72
C ARG F 13 -3.91 39.15 -33.20
N ARG F 14 -5.18 39.24 -33.61
CA ARG F 14 -5.51 39.59 -34.98
C ARG F 14 -6.89 40.23 -35.13
N LEU F 15 -7.09 41.01 -36.18
CA LEU F 15 -8.40 41.62 -36.47
C LEU F 15 -9.36 40.57 -37.03
N PRO F 16 -10.67 40.88 -37.08
CA PRO F 16 -11.61 40.04 -37.82
C PRO F 16 -11.40 40.19 -39.32
N PHE F 17 -11.61 39.11 -40.07
CA PHE F 17 -11.43 39.12 -41.52
C PHE F 17 -12.40 40.11 -42.19
N SER F 18 -13.60 40.22 -41.63
CA SER F 18 -14.62 41.13 -42.14
C SER F 18 -14.16 42.59 -42.10
N PHE F 19 -13.51 42.96 -40.99
CA PHE F 19 -13.02 44.32 -40.80
C PHE F 19 -11.78 44.60 -41.66
N ALA F 20 -10.87 43.63 -41.70
CA ALA F 20 -9.61 43.76 -42.44
C ALA F 20 -9.86 43.88 -43.95
N ASN F 21 -10.80 43.08 -44.45
CA ASN F 21 -11.17 43.08 -45.87
C ASN F 21 -11.86 44.38 -46.31
N ARG F 22 -12.63 44.97 -45.41
CA ARG F 22 -13.41 46.16 -45.73
C ARG F 22 -12.54 47.41 -45.81
N PHE F 23 -11.81 47.70 -44.72
CA PHE F 23 -11.03 48.94 -44.62
C PHE F 23 -9.59 48.81 -45.13
N LYS F 24 -9.22 47.61 -45.58
CA LYS F 24 -7.88 47.33 -46.11
C LYS F 24 -6.79 47.58 -45.06
N MET F 25 -6.84 46.80 -43.99
CA MET F 25 -5.87 46.88 -42.89
C MET F 25 -5.58 45.50 -42.30
N VAL F 26 -4.31 45.12 -42.26
CA VAL F 26 -3.92 43.81 -41.70
C VAL F 26 -2.87 43.99 -40.61
N LEU F 27 -2.96 43.16 -39.58
CA LEU F 27 -2.02 43.19 -38.46
C LEU F 27 -1.14 41.93 -38.46
N GLU F 28 0.16 42.15 -38.57
CA GLU F 28 1.15 41.06 -38.54
C GLU F 28 2.42 41.51 -37.80
N VAL F 29 2.88 40.71 -36.85
CA VAL F 29 4.08 41.04 -36.05
C VAL F 29 5.30 40.43 -36.72
N PRO F 35 7.36 44.64 -31.67
CA PRO F 35 6.74 45.78 -32.36
C PRO F 35 5.68 45.35 -33.38
N PRO F 36 4.39 45.54 -33.04
CA PRO F 36 3.31 45.13 -33.95
C PRO F 36 3.15 46.06 -35.15
N VAL F 37 3.12 45.48 -36.36
CA VAL F 37 3.04 46.26 -37.60
C VAL F 37 1.62 46.23 -38.14
N LEU F 38 1.14 47.39 -38.59
CA LEU F 38 -0.20 47.52 -39.15
C LEU F 38 -0.10 47.98 -40.62
N TYR F 39 -0.19 47.02 -41.53
CA TYR F 39 -0.13 47.31 -42.97
C TYR F 39 -1.47 47.88 -43.43
N TYR F 40 -1.43 48.90 -44.29
CA TYR F 40 -2.64 49.52 -44.80
C TYR F 40 -2.49 50.00 -46.25
N VAL F 41 -3.63 50.24 -46.89
CA VAL F 41 -3.69 50.75 -48.26
C VAL F 41 -4.26 52.15 -48.25
N GLU F 42 -3.64 53.04 -49.02
CA GLU F 42 -4.09 54.43 -49.09
C GLU F 42 -5.36 54.57 -49.92
N PRO F 43 -6.22 55.55 -49.61
CA PRO F 43 -6.08 56.53 -48.53
C PRO F 43 -6.43 55.92 -47.16
N LEU F 44 -5.67 56.30 -46.14
CA LEU F 44 -5.87 55.81 -44.78
C LEU F 44 -7.14 56.39 -44.16
N ASN F 45 -7.92 55.53 -43.51
CA ASN F 45 -9.09 55.97 -42.77
C ASN F 45 -8.74 56.21 -41.30
N ALA F 46 -8.95 57.43 -40.82
CA ALA F 46 -8.59 57.83 -39.44
C ALA F 46 -9.49 57.15 -38.40
N GLN F 47 -10.76 57.01 -38.73
CA GLN F 47 -11.75 56.37 -37.85
C GLN F 47 -11.41 54.88 -37.65
N ALA F 48 -11.08 54.21 -38.74
CA ALA F 48 -10.74 52.79 -38.69
C ALA F 48 -9.40 52.54 -38.00
N LEU F 49 -8.48 53.48 -38.14
CA LEU F 49 -7.17 53.40 -37.50
C LEU F 49 -7.30 53.41 -35.98
N VAL F 50 -8.21 54.25 -35.48
CA VAL F 50 -8.51 54.34 -34.05
C VAL F 50 -9.19 53.05 -33.57
N GLU F 51 -10.01 52.45 -34.42
CA GLU F 51 -10.72 51.23 -34.08
C GLU F 51 -9.78 50.05 -33.92
N VAL F 52 -8.71 50.01 -34.70
CA VAL F 52 -7.70 48.96 -34.55
C VAL F 52 -6.95 49.12 -33.21
N ARG F 53 -6.64 50.37 -32.87
CA ARG F 53 -5.97 50.70 -31.60
C ARG F 53 -6.82 50.31 -30.41
N ARG F 54 -8.13 50.45 -30.54
CA ARG F 54 -9.06 50.11 -29.47
C ARG F 54 -9.11 48.60 -29.19
N VAL F 55 -9.11 47.81 -30.24
CA VAL F 55 -9.25 46.35 -30.14
C VAL F 55 -7.98 45.68 -29.62
N LEU F 56 -6.82 46.14 -30.07
CA LEU F 56 -5.53 45.53 -29.67
C LEU F 56 -5.11 45.91 -28.25
N LYS F 57 -5.47 47.10 -27.82
CA LYS F 57 -5.06 47.64 -26.51
C LYS F 57 -3.53 47.79 -26.42
N GLN F 58 -2.92 48.08 -27.57
CA GLN F 58 -1.48 48.21 -27.70
C GLN F 58 -1.14 49.05 -28.92
N THR F 59 0.00 49.73 -28.84
CA THR F 59 0.47 50.57 -29.94
C THR F 59 0.97 49.72 -31.10
N PHE F 60 0.99 50.33 -32.29
CA PHE F 60 1.46 49.65 -33.50
C PHE F 60 2.26 50.59 -34.41
N VAL F 61 2.83 50.03 -35.47
CA VAL F 61 3.60 50.80 -36.46
C VAL F 61 2.90 50.75 -37.82
N PRO F 62 2.22 51.83 -38.22
CA PRO F 62 1.59 51.88 -39.55
C PRO F 62 2.60 51.88 -40.70
N GLN F 63 2.34 51.06 -41.71
CA GLN F 63 3.17 50.99 -42.92
C GLN F 63 2.30 50.93 -44.17
N ALA F 64 2.51 51.88 -45.08
CA ALA F 64 1.72 51.98 -46.30
C ALA F 64 2.12 50.89 -47.31
N ILE F 65 1.13 50.39 -48.05
CA ILE F 65 1.33 49.29 -49.00
C ILE F 65 0.37 49.41 -50.19
N ALA F 66 0.83 48.98 -51.36
CA ALA F 66 -0.01 48.98 -52.58
C ALA F 66 -1.03 47.83 -52.55
N ALA F 67 -2.10 48.00 -53.31
CA ALA F 67 -3.24 47.06 -53.30
C ALA F 67 -2.88 45.59 -53.57
N GLU F 68 -1.95 45.36 -54.49
CA GLU F 68 -1.57 43.99 -54.91
C GLU F 68 -0.82 43.21 -53.82
N ALA F 69 0.16 43.87 -53.19
CA ALA F 69 0.96 43.25 -52.13
C ALA F 69 0.14 43.03 -50.85
N PHE F 70 -0.90 43.84 -50.68
CA PHE F 70 -1.80 43.74 -49.52
C PHE F 70 -2.62 42.44 -49.52
N GLU F 71 -3.15 42.09 -50.69
CA GLU F 71 -4.04 40.92 -50.83
C GLU F 71 -3.32 39.60 -50.52
N LYS F 72 -2.05 39.52 -50.89
CA LYS F 72 -1.22 38.33 -50.59
C LYS F 72 -0.96 38.22 -49.08
N LYS F 73 -0.73 39.36 -48.44
CA LYS F 73 -0.51 39.43 -46.99
C LYS F 73 -1.77 39.03 -46.21
N LEU F 74 -2.93 39.38 -46.77
CA LEU F 74 -4.22 39.06 -46.17
C LEU F 74 -4.53 37.57 -46.23
N THR F 75 -4.26 36.95 -47.38
CA THR F 75 -4.60 35.54 -47.60
C THR F 75 -3.73 34.60 -46.77
N GLU F 76 -2.45 34.88 -46.67
CA GLU F 76 -1.53 34.06 -45.86
C GLU F 76 -1.76 34.23 -44.36
N ALA F 77 -2.35 35.35 -43.97
CA ALA F 77 -2.64 35.66 -42.57
C ALA F 77 -3.83 34.84 -42.07
N TYR F 78 -4.97 34.98 -42.76
CA TYR F 78 -6.19 34.24 -42.44
C TYR F 78 -6.21 32.83 -43.05
N GLN F 79 -6.06 32.77 -44.37
CA GLN F 79 -6.07 31.49 -45.10
C GLN F 79 -7.50 30.93 -45.18
N ASP F 97 6.85 5.10 -19.26
CA ASP F 97 7.56 5.78 -18.14
C ASP F 97 9.08 5.66 -18.32
N PHE F 98 9.73 6.82 -18.43
CA PHE F 98 11.17 6.89 -18.71
C PHE F 98 12.03 6.18 -17.66
N PHE F 99 11.73 6.41 -16.38
CA PHE F 99 12.55 5.86 -15.28
C PHE F 99 12.41 4.35 -15.18
N SER F 100 11.19 3.85 -15.33
CA SER F 100 10.92 2.40 -15.28
C SER F 100 11.49 1.67 -16.49
N LEU F 101 11.52 2.37 -17.63
CA LEU F 101 12.00 1.80 -18.90
C LEU F 101 13.53 1.73 -18.95
N ALA F 102 14.19 2.51 -18.12
CA ALA F 102 15.67 2.53 -18.05
C ALA F 102 16.24 1.31 -17.35
N GLU F 103 15.52 0.83 -16.32
CA GLU F 103 15.97 -0.34 -15.56
C GLU F 103 15.96 -1.63 -16.40
N GLU F 104 15.04 -1.72 -17.34
CA GLU F 104 14.95 -2.88 -18.23
C GLU F 104 16.02 -2.81 -19.32
N ALA F 118 14.15 -0.86 -31.80
CA ALA F 118 15.06 -1.25 -30.73
C ALA F 118 14.58 -0.66 -29.38
N PRO F 119 15.08 -1.22 -28.26
CA PRO F 119 14.80 -0.64 -26.93
C PRO F 119 15.31 0.80 -26.75
N ILE F 120 16.36 1.17 -27.46
CA ILE F 120 16.93 2.54 -27.39
C ILE F 120 15.96 3.57 -27.96
N ILE F 121 15.24 3.20 -29.00
CA ILE F 121 14.26 4.10 -29.64
C ILE F 121 13.19 4.53 -28.66
N LYS F 122 12.70 3.57 -27.87
CA LYS F 122 11.69 3.85 -26.85
C LYS F 122 12.24 4.69 -25.69
N LEU F 123 13.49 4.44 -25.32
CA LEU F 123 14.14 5.15 -24.21
C LEU F 123 14.31 6.65 -24.50
N ILE F 124 14.76 6.95 -25.71
CA ILE F 124 14.95 8.33 -26.14
C ILE F 124 13.61 9.06 -26.28
N ASN F 125 12.59 8.35 -26.76
CA ASN F 125 11.24 8.91 -26.88
C ASN F 125 10.60 9.16 -25.52
N ALA F 126 10.84 8.24 -24.59
CA ALA F 126 10.35 8.39 -23.22
C ALA F 126 11.06 9.53 -22.48
N MET F 127 12.36 9.66 -22.75
CA MET F 127 13.18 10.74 -22.18
C MET F 127 12.68 12.11 -22.62
N LEU F 128 12.32 12.23 -23.89
CA LEU F 128 11.75 13.46 -24.42
C LEU F 128 10.38 13.75 -23.80
N GLY F 129 9.58 12.72 -23.61
CA GLY F 129 8.29 12.85 -22.94
C GLY F 129 8.45 13.25 -21.48
N GLU F 130 9.50 12.74 -20.84
CA GLU F 130 9.83 13.09 -19.45
C GLU F 130 10.34 14.52 -19.36
N ALA F 131 11.01 14.98 -20.41
CA ALA F 131 11.55 16.34 -20.46
C ALA F 131 10.44 17.37 -20.53
N ILE F 132 9.41 17.07 -21.33
CA ILE F 132 8.22 17.94 -21.44
C ILE F 132 7.38 17.92 -20.16
N LYS F 133 7.32 16.76 -19.53
CA LYS F 133 6.64 16.60 -18.23
C LYS F 133 7.26 17.55 -17.20
N GLU F 134 8.56 17.44 -16.99
CA GLU F 134 9.28 18.25 -15.99
C GLU F 134 9.46 19.71 -16.41
N GLY F 135 9.25 19.99 -17.70
CA GLY F 135 9.32 21.35 -18.21
C GLY F 135 10.74 21.77 -18.53
N ALA F 136 11.48 20.87 -19.12
CA ALA F 136 12.89 21.08 -19.44
C ALA F 136 13.05 21.87 -20.73
N SER F 137 14.01 22.78 -20.74
CA SER F 137 14.38 23.53 -21.95
C SER F 137 15.43 22.76 -22.77
N ASP F 138 16.44 22.23 -22.09
CA ASP F 138 17.53 21.52 -22.75
C ASP F 138 17.74 20.15 -22.13
N ILE F 139 17.97 19.13 -22.97
CA ILE F 139 18.39 17.81 -22.50
C ILE F 139 19.89 17.60 -22.77
N HIS F 140 20.65 17.37 -21.71
CA HIS F 140 22.09 17.16 -21.81
C HIS F 140 22.44 15.68 -21.66
N ILE F 141 23.06 15.11 -22.70
CA ILE F 141 23.62 13.75 -22.62
C ILE F 141 25.13 13.88 -22.73
N GLU F 142 25.81 13.48 -21.67
CA GLU F 142 27.26 13.70 -21.55
C GLU F 142 27.97 12.42 -21.14
N THR F 143 29.08 12.15 -21.82
CA THR F 143 29.86 10.92 -21.58
C THR F 143 31.17 11.25 -20.90
N PHE F 144 31.40 10.64 -19.73
CA PHE F 144 32.66 10.78 -19.02
C PHE F 144 33.42 9.46 -19.10
N GLU F 145 34.54 9.33 -18.38
CA GLU F 145 35.37 8.13 -18.46
C GLU F 145 34.63 6.88 -17.94
N LYS F 146 34.17 6.95 -16.70
CA LYS F 146 33.49 5.82 -16.05
C LYS F 146 31.96 5.86 -16.14
N ILE F 147 31.39 7.05 -16.21
CA ILE F 147 29.95 7.26 -16.09
C ILE F 147 29.34 7.95 -17.31
N LEU F 148 28.18 7.45 -17.72
CA LEU F 148 27.29 8.16 -18.66
C LEU F 148 26.26 8.90 -17.84
N SER F 149 26.02 10.16 -18.17
CA SER F 149 25.13 11.01 -17.40
C SER F 149 24.16 11.77 -18.28
N ILE F 150 22.94 11.95 -17.79
CA ILE F 150 21.91 12.75 -18.49
C ILE F 150 21.38 13.80 -17.52
N ARG F 151 21.16 15.00 -18.03
CA ARG F 151 20.71 16.11 -17.21
C ARG F 151 19.75 17.00 -17.99
N PHE F 152 18.74 17.50 -17.30
CA PHE F 152 17.84 18.52 -17.84
C PHE F 152 18.17 19.86 -17.22
N ARG F 153 17.97 20.93 -17.98
CA ARG F 153 17.96 22.29 -17.46
C ARG F 153 16.52 22.80 -17.38
N VAL F 154 15.94 22.76 -16.20
CA VAL F 154 14.58 23.24 -15.95
C VAL F 154 14.60 24.65 -15.37
N ASP F 155 14.15 25.60 -16.17
CA ASP F 155 14.13 27.03 -15.76
C ASP F 155 15.52 27.57 -15.38
N GLY F 156 16.52 27.18 -16.15
CA GLY F 156 17.89 27.63 -15.92
C GLY F 156 18.71 26.75 -15.00
N VAL F 157 18.04 26.00 -14.11
CA VAL F 157 18.72 25.17 -13.12
C VAL F 157 18.97 23.77 -13.69
N LEU F 158 20.24 23.35 -13.68
CA LEU F 158 20.63 22.01 -14.16
C LEU F 158 20.24 20.97 -13.12
N ARG F 159 20.02 19.74 -13.55
CA ARG F 159 19.43 18.70 -12.70
C ARG F 159 19.85 17.30 -13.13
N ASP F 160 20.24 16.47 -12.18
CA ASP F 160 20.52 15.04 -12.46
C ASP F 160 19.25 14.22 -12.56
N VAL F 161 19.06 13.56 -13.70
CA VAL F 161 17.86 12.75 -13.93
C VAL F 161 18.16 11.26 -13.91
N LEU F 162 19.24 10.87 -14.56
CA LEU F 162 19.62 9.48 -14.67
C LEU F 162 21.10 9.35 -15.04
N SER F 163 21.74 8.31 -14.51
CA SER F 163 23.11 7.98 -14.83
C SER F 163 23.20 6.51 -15.23
N PRO F 164 22.83 6.18 -16.49
CA PRO F 164 22.83 4.80 -16.94
C PRO F 164 24.24 4.23 -17.15
N SER F 165 24.30 2.99 -17.61
CA SER F 165 25.58 2.32 -17.88
C SER F 165 26.36 3.04 -18.98
N ARG F 166 27.68 3.10 -18.83
CA ARG F 166 28.55 3.83 -19.76
C ARG F 166 28.59 3.17 -21.15
N LYS F 167 28.38 1.86 -21.17
CA LYS F 167 28.36 1.07 -22.41
C LYS F 167 27.31 1.55 -23.42
N LEU F 168 26.22 2.15 -22.94
CA LEU F 168 25.14 2.65 -23.79
C LEU F 168 25.47 3.95 -24.53
N ALA F 169 26.56 4.59 -24.14
CA ALA F 169 26.93 5.91 -24.68
C ALA F 169 26.86 6.05 -26.21
N PRO F 170 27.50 5.14 -26.97
CA PRO F 170 27.50 5.30 -28.43
C PRO F 170 26.14 5.06 -29.07
N LEU F 171 25.30 4.26 -28.42
CA LEU F 171 23.97 3.92 -28.93
C LEU F 171 23.01 5.10 -28.82
N LEU F 172 23.09 5.82 -27.70
CA LEU F 172 22.27 7.02 -27.49
C LEU F 172 22.67 8.13 -28.48
N VAL F 173 23.96 8.24 -28.74
CA VAL F 173 24.48 9.22 -29.69
C VAL F 173 24.03 8.87 -31.09
N SER F 174 24.02 7.58 -31.40
CA SER F 174 23.62 7.10 -32.73
C SER F 174 22.13 7.32 -32.99
N ARG F 175 21.30 6.99 -32.02
CA ARG F 175 19.85 7.11 -32.14
C ARG F 175 19.41 8.56 -32.31
N VAL F 176 19.98 9.45 -31.52
CA VAL F 176 19.62 10.86 -31.58
C VAL F 176 20.09 11.49 -32.89
N LYS F 177 21.17 10.96 -33.47
CA LYS F 177 21.67 11.45 -34.76
C LYS F 177 20.74 11.09 -35.92
N VAL F 178 20.27 9.84 -35.95
CA VAL F 178 19.40 9.37 -37.04
C VAL F 178 18.04 10.08 -37.05
N MET F 179 17.55 10.46 -35.86
CA MET F 179 16.31 11.24 -35.73
C MET F 179 16.45 12.62 -36.32
N ALA F 180 17.65 13.19 -36.26
CA ALA F 180 17.91 14.52 -36.78
C ALA F 180 18.62 14.55 -38.15
N LYS F 181 18.65 13.41 -38.83
CA LYS F 181 19.26 13.28 -40.16
C LYS F 181 20.74 13.63 -40.16
N LEU F 182 21.46 13.17 -39.14
CA LEU F 182 22.89 13.45 -38.99
C LEU F 182 23.74 12.23 -39.32
N ASP F 183 25.04 12.48 -39.52
CA ASP F 183 26.00 11.43 -39.89
C ASP F 183 26.34 10.53 -38.70
N ILE F 184 26.09 9.24 -38.85
CA ILE F 184 26.26 8.26 -37.77
C ILE F 184 27.75 7.94 -37.62
N ALA F 185 28.43 7.78 -38.73
CA ALA F 185 29.83 7.34 -38.76
C ALA F 185 30.81 8.45 -38.35
N GLU F 186 30.49 9.69 -38.69
CA GLU F 186 31.35 10.84 -38.36
C GLU F 186 31.23 11.20 -36.87
N LYS F 187 32.38 11.21 -36.18
CA LYS F 187 32.42 11.53 -34.74
C LYS F 187 33.49 12.56 -34.35
N ARG F 188 34.08 13.22 -35.34
CA ARG F 188 35.22 14.12 -35.11
C ARG F 188 34.88 15.59 -35.27
N VAL F 189 33.67 15.88 -35.73
CA VAL F 189 33.23 17.25 -35.96
C VAL F 189 31.85 17.51 -35.34
N PRO F 190 31.51 18.80 -35.13
CA PRO F 190 30.16 19.12 -34.68
C PRO F 190 29.10 18.92 -35.77
N GLN F 191 27.96 18.35 -35.36
CA GLN F 191 26.83 18.17 -36.27
C GLN F 191 25.56 18.73 -35.63
N ASP F 192 24.80 19.50 -36.42
CA ASP F 192 23.58 20.15 -35.95
C ASP F 192 22.39 19.82 -36.84
N GLY F 193 21.27 19.48 -36.21
CA GLY F 193 20.06 19.05 -36.92
C GLY F 193 18.78 19.46 -36.21
N ARG F 194 17.64 19.11 -36.79
CA ARG F 194 16.32 19.46 -36.23
C ARG F 194 15.33 18.30 -36.34
N ILE F 195 14.34 18.31 -35.46
CA ILE F 195 13.24 17.34 -35.47
C ILE F 195 11.94 18.02 -35.09
N SER F 196 10.83 17.53 -35.64
CA SER F 196 9.49 17.98 -35.23
C SER F 196 8.71 16.81 -34.63
N LEU F 197 8.24 17.00 -33.41
CA LEU F 197 7.49 15.97 -32.68
C LEU F 197 6.19 16.54 -32.09
N ALA F 203 3.47 19.68 -29.98
CA ALA F 203 4.05 20.37 -31.14
C ALA F 203 5.48 20.87 -30.86
N VAL F 204 6.37 19.93 -30.59
CA VAL F 204 7.72 20.25 -30.11
C VAL F 204 8.72 20.28 -31.27
N ASP F 205 9.51 21.35 -31.33
CA ASP F 205 10.59 21.47 -32.30
C ASP F 205 11.93 21.40 -31.55
N VAL F 206 12.60 20.26 -31.66
CA VAL F 206 13.86 20.05 -30.94
C VAL F 206 15.05 20.39 -31.84
N ARG F 207 15.98 21.18 -31.31
CA ARG F 207 17.25 21.46 -31.97
C ARG F 207 18.31 20.63 -31.29
N VAL F 208 19.00 19.82 -32.06
CA VAL F 208 20.00 18.91 -31.52
C VAL F 208 21.41 19.25 -32.05
N SER F 209 22.38 19.22 -31.15
CA SER F 209 23.78 19.54 -31.46
C SER F 209 24.69 18.52 -30.84
N THR F 210 25.45 17.83 -31.68
CA THR F 210 26.52 16.95 -31.20
C THR F 210 27.85 17.68 -31.26
N MET F 211 28.79 17.23 -30.43
CA MET F 211 30.15 17.77 -30.40
C MET F 211 31.17 16.73 -29.93
N PRO F 212 32.37 16.71 -30.53
CA PRO F 212 33.39 15.74 -30.09
C PRO F 212 33.94 16.09 -28.73
N SER F 213 34.17 15.06 -27.92
CA SER F 213 34.76 15.23 -26.61
C SER F 213 35.79 14.14 -26.38
N SER F 214 36.50 14.23 -25.26
CA SER F 214 37.55 13.29 -24.93
C SER F 214 37.04 11.83 -24.73
N HIS F 215 35.79 11.67 -24.30
CA HIS F 215 35.20 10.35 -24.08
C HIS F 215 33.99 10.10 -25.01
N GLY F 216 34.15 10.43 -26.27
CA GLY F 216 33.05 10.29 -27.23
C GLY F 216 32.21 11.55 -27.23
N GLU F 217 31.17 11.58 -28.05
CA GLU F 217 30.47 12.84 -28.34
C GLU F 217 29.50 13.23 -27.25
N ARG F 218 29.21 14.53 -27.22
CA ARG F 218 28.29 15.10 -26.23
C ARG F 218 27.06 15.63 -26.95
N VAL F 219 25.89 15.21 -26.49
CA VAL F 219 24.62 15.60 -27.12
C VAL F 219 23.83 16.58 -26.26
N VAL F 220 23.24 17.57 -26.91
CA VAL F 220 22.29 18.48 -26.29
C VAL F 220 21.07 18.64 -27.20
N MET F 221 19.89 18.51 -26.61
CA MET F 221 18.62 18.71 -27.34
C MET F 221 17.85 19.91 -26.78
N ARG F 222 17.86 21.02 -27.49
CA ARG F 222 17.10 22.20 -27.10
C ARG F 222 15.64 22.02 -27.49
N LEU F 223 14.75 21.94 -26.50
CA LEU F 223 13.31 21.79 -26.72
C LEU F 223 12.61 23.14 -26.83
N LEU F 224 12.06 23.42 -28.00
CA LEU F 224 11.34 24.67 -28.27
C LEU F 224 9.96 24.38 -28.82
N ASP F 225 8.97 25.05 -28.25
CA ASP F 225 7.59 24.94 -28.73
C ASP F 225 7.39 25.90 -29.90
N LYS F 226 6.83 25.37 -30.99
CA LYS F 226 6.57 26.17 -32.21
C LYS F 226 5.47 27.22 -31.99
N ASN F 227 4.59 26.96 -31.02
CA ASN F 227 3.56 27.93 -30.64
C ASN F 227 4.22 29.21 -30.09
N ALA F 228 4.09 30.29 -30.85
CA ALA F 228 4.72 31.57 -30.51
C ALA F 228 4.02 32.29 -29.35
N THR F 229 2.80 31.87 -29.01
CA THR F 229 2.04 32.49 -27.92
C THR F 229 2.16 31.71 -26.60
N ARG F 230 3.17 30.84 -26.51
CA ARG F 230 3.43 30.10 -25.27
C ARG F 230 4.00 31.01 -24.20
N LEU F 231 3.31 31.07 -23.05
CA LEU F 231 3.75 31.85 -21.91
C LEU F 231 4.55 30.97 -20.98
N ASP F 232 5.84 31.22 -20.90
CA ASP F 232 6.70 30.51 -19.95
C ASP F 232 6.51 31.13 -18.56
N LEU F 233 6.12 30.30 -17.61
CA LEU F 233 5.80 30.73 -16.25
C LEU F 233 7.02 31.26 -15.48
N HIS F 234 8.19 30.72 -15.79
CA HIS F 234 9.45 31.20 -15.20
C HIS F 234 9.87 32.55 -15.78
N SER F 235 9.68 32.72 -17.09
CA SER F 235 9.97 34.01 -17.75
C SER F 235 9.06 35.12 -17.25
N LEU F 236 7.84 34.77 -16.88
CA LEU F 236 6.88 35.72 -16.29
C LEU F 236 7.32 36.19 -14.90
N GLY F 237 8.08 35.36 -14.19
CA GLY F 237 8.72 35.78 -12.93
C GLY F 237 8.81 34.73 -11.82
N MET F 238 8.12 33.60 -11.96
CA MET F 238 8.17 32.55 -10.94
C MET F 238 9.56 31.97 -10.78
N THR F 239 9.93 31.68 -9.54
CA THR F 239 11.19 31.03 -9.25
C THR F 239 11.09 29.55 -9.59
N PRO F 240 12.26 28.88 -9.82
CA PRO F 240 12.27 27.44 -10.10
C PRO F 240 11.50 26.61 -9.08
N VAL F 241 11.61 27.00 -7.81
CA VAL F 241 10.92 26.29 -6.72
C VAL F 241 9.41 26.55 -6.76
N ASN F 242 9.04 27.81 -6.94
CA ASN F 242 7.61 28.19 -7.08
C ASN F 242 6.95 27.57 -8.29
N HIS F 243 7.68 27.52 -9.40
CA HIS F 243 7.16 26.94 -10.63
C HIS F 243 6.96 25.43 -10.48
N ASP F 244 7.96 24.73 -9.96
CA ASP F 244 7.85 23.29 -9.70
C ASP F 244 6.66 22.98 -8.79
N ASN F 245 6.53 23.72 -7.70
CA ASN F 245 5.43 23.51 -6.76
C ASN F 245 4.07 23.79 -7.38
N PHE F 246 4.00 24.82 -8.22
CA PHE F 246 2.79 25.14 -8.96
C PHE F 246 2.57 24.14 -10.09
N ARG F 247 3.65 23.68 -10.70
CA ARG F 247 3.59 22.66 -11.77
C ARG F 247 3.02 21.35 -11.21
N HIS F 248 3.39 21.02 -9.98
CA HIS F 248 2.94 19.79 -9.32
C HIS F 248 1.47 19.93 -8.86
N LEU F 249 1.07 21.14 -8.51
CA LEU F 249 -0.25 21.39 -7.96
C LEU F 249 -1.33 21.32 -9.03
N ILE F 250 -1.08 21.97 -10.17
CA ILE F 250 -2.00 21.94 -11.33
C ILE F 250 -2.04 20.58 -12.04
N SER F 251 -1.04 19.75 -11.79
CA SER F 251 -0.98 18.41 -12.40
C SER F 251 -1.74 17.36 -11.59
N ARG F 252 -2.31 17.75 -10.46
CA ARG F 252 -3.08 16.84 -9.61
C ARG F 252 -4.38 16.44 -10.28
N PRO F 253 -4.96 15.28 -9.91
CA PRO F 253 -6.21 14.81 -10.53
C PRO F 253 -7.43 15.67 -10.18
N HIS F 254 -7.53 16.09 -8.92
CA HIS F 254 -8.67 16.87 -8.45
C HIS F 254 -8.28 17.85 -7.34
N GLY F 255 -9.10 18.90 -7.18
CA GLY F 255 -8.89 19.94 -6.17
C GLY F 255 -8.95 21.34 -6.77
N ILE F 256 -9.20 22.33 -5.93
CA ILE F 256 -9.27 23.72 -6.38
C ILE F 256 -7.92 24.41 -6.21
N ILE F 257 -7.56 25.22 -7.20
CA ILE F 257 -6.38 26.10 -7.13
C ILE F 257 -6.82 27.52 -7.44
N LEU F 258 -6.51 28.46 -6.55
CA LEU F 258 -6.91 29.86 -6.71
C LEU F 258 -5.70 30.77 -6.86
N VAL F 259 -5.71 31.59 -7.90
CA VAL F 259 -4.72 32.65 -8.07
C VAL F 259 -5.40 33.94 -7.64
N THR F 260 -4.89 34.56 -6.60
CA THR F 260 -5.48 35.76 -6.04
C THR F 260 -4.56 37.00 -6.10
N GLY F 261 -5.18 38.16 -5.97
CA GLY F 261 -4.49 39.45 -6.04
C GLY F 261 -5.40 40.52 -6.60
N PRO F 262 -5.01 41.81 -6.51
CA PRO F 262 -5.88 42.90 -6.96
C PRO F 262 -5.91 43.00 -8.46
N THR F 263 -6.63 44.00 -8.95
CA THR F 263 -6.66 44.27 -10.37
C THR F 263 -5.27 44.58 -10.93
N GLY F 264 -4.93 43.89 -12.00
CA GLY F 264 -3.67 44.09 -12.71
C GLY F 264 -2.50 43.40 -12.07
N SER F 265 -2.75 42.29 -11.41
CA SER F 265 -1.71 41.52 -10.73
C SER F 265 -1.18 40.33 -11.57
N GLY F 266 -1.73 40.14 -12.76
CA GLY F 266 -1.30 39.07 -13.65
C GLY F 266 -1.85 37.70 -13.31
N LYS F 267 -3.09 37.66 -12.81
CA LYS F 267 -3.75 36.40 -12.43
C LYS F 267 -4.17 35.60 -13.65
N SER F 268 -4.78 36.30 -14.62
CA SER F 268 -5.22 35.65 -15.85
C SER F 268 -4.04 35.11 -16.64
N THR F 269 -2.98 35.92 -16.76
CA THR F 269 -1.78 35.53 -17.48
C THR F 269 -1.13 34.29 -16.86
N THR F 270 -1.17 34.18 -15.53
CA THR F 270 -0.60 33.03 -14.83
C THR F 270 -1.42 31.77 -15.05
N LEU F 271 -2.74 31.90 -15.01
CA LEU F 271 -3.65 30.78 -15.29
C LEU F 271 -3.49 30.25 -16.71
N TYR F 272 -3.46 31.18 -17.66
CA TYR F 272 -3.25 30.82 -19.06
C TYR F 272 -1.95 30.05 -19.30
N ALA F 273 -0.88 30.49 -18.64
CA ALA F 273 0.40 29.79 -18.71
C ALA F 273 0.34 28.40 -18.07
N GLY F 274 -0.45 28.29 -17.01
CA GLY F 274 -0.69 27.00 -16.34
C GLY F 274 -1.49 26.03 -17.20
N LEU F 275 -2.49 26.55 -17.89
CA LEU F 275 -3.32 25.72 -18.79
C LEU F 275 -2.53 25.26 -20.01
N GLN F 276 -1.68 26.15 -20.53
CA GLN F 276 -0.81 25.83 -21.66
C GLN F 276 0.19 24.73 -21.33
N GLU F 277 0.63 24.68 -20.08
CA GLU F 277 1.57 23.66 -19.62
C GLU F 277 0.90 22.30 -19.53
N LEU F 278 -0.35 22.30 -19.08
CA LEU F 278 -1.18 21.07 -19.01
C LEU F 278 -1.72 20.66 -20.36
N ASN F 279 -1.82 21.62 -21.28
CA ASN F 279 -2.42 21.41 -22.61
C ASN F 279 -1.88 20.17 -23.32
N SER F 280 -2.59 19.06 -23.12
CA SER F 280 -2.19 17.76 -23.69
C SER F 280 -3.42 17.03 -24.18
N ASN F 281 -3.21 16.08 -25.09
CA ASN F 281 -4.31 15.28 -25.62
C ASN F 281 -4.84 14.23 -24.63
N GLU F 282 -4.06 13.94 -23.59
CA GLU F 282 -4.48 13.02 -22.54
C GLU F 282 -5.47 13.65 -21.54
N ARG F 283 -5.56 14.98 -21.53
CA ARG F 283 -6.52 15.69 -20.68
C ARG F 283 -7.54 16.49 -21.49
N ASN F 284 -8.77 16.58 -20.98
CA ASN F 284 -9.82 17.44 -21.55
C ASN F 284 -9.97 18.71 -20.71
N ILE F 285 -9.45 19.81 -21.23
CA ILE F 285 -9.40 21.08 -20.51
C ILE F 285 -10.42 22.03 -21.12
N LEU F 286 -11.28 22.58 -20.25
CA LEU F 286 -12.35 23.52 -20.65
C LEU F 286 -12.41 24.71 -19.71
N THR F 287 -12.95 25.83 -20.17
CA THR F 287 -12.94 27.07 -19.37
C THR F 287 -14.17 27.93 -19.60
N VAL F 288 -14.63 28.61 -18.55
CA VAL F 288 -15.66 29.64 -18.64
C VAL F 288 -15.00 30.97 -18.29
N GLU F 289 -15.16 31.95 -19.18
CA GLU F 289 -14.46 33.23 -19.05
C GLU F 289 -15.37 34.40 -19.37
N ASP F 290 -15.00 35.56 -18.85
CA ASP F 290 -15.81 36.79 -19.01
C ASP F 290 -14.91 38.03 -19.07
N PRO F 291 -14.33 38.34 -20.23
CA PRO F 291 -14.39 37.59 -21.50
C PRO F 291 -13.22 36.64 -21.66
N ILE F 292 -13.14 35.99 -22.80
CA ILE F 292 -11.96 35.22 -23.18
C ILE F 292 -10.84 36.21 -23.54
N GLU F 293 -9.75 36.16 -22.79
CA GLU F 293 -8.66 37.12 -22.94
C GLU F 293 -7.95 36.88 -24.28
N PHE F 294 -7.53 35.64 -24.52
CA PHE F 294 -7.04 35.23 -25.85
C PHE F 294 -7.20 33.73 -26.05
N ASP F 295 -7.17 33.30 -27.31
CA ASP F 295 -7.46 31.90 -27.66
C ASP F 295 -6.25 30.98 -27.52
N ILE F 296 -6.40 29.94 -26.71
CA ILE F 296 -5.41 28.89 -26.58
C ILE F 296 -5.91 27.73 -27.45
N ASP F 297 -5.09 27.29 -28.39
CA ASP F 297 -5.47 26.21 -29.31
C ASP F 297 -5.36 24.88 -28.59
N GLY F 298 -6.43 24.10 -28.64
CA GLY F 298 -6.48 22.81 -27.95
C GLY F 298 -7.37 22.79 -26.71
N ILE F 299 -7.55 23.98 -26.12
CA ILE F 299 -8.44 24.16 -24.99
C ILE F 299 -9.76 24.79 -25.41
N GLY F 300 -10.84 24.16 -25.00
CA GLY F 300 -12.19 24.62 -25.30
C GLY F 300 -12.60 25.75 -24.37
N GLN F 301 -12.76 26.95 -24.92
CA GLN F 301 -13.02 28.15 -24.13
C GLN F 301 -14.41 28.72 -24.41
N THR F 302 -15.27 28.66 -23.40
CA THR F 302 -16.63 29.20 -23.47
C THR F 302 -16.62 30.61 -22.90
N GLN F 303 -17.39 31.50 -23.52
CA GLN F 303 -17.50 32.88 -23.04
C GLN F 303 -18.84 33.13 -22.35
N VAL F 304 -18.82 33.87 -21.25
CA VAL F 304 -20.04 34.30 -20.53
C VAL F 304 -20.82 35.27 -21.41
N ASN F 305 -22.11 34.99 -21.57
CA ASN F 305 -22.98 35.73 -22.49
C ASN F 305 -24.28 36.12 -21.80
N PRO F 306 -24.48 37.43 -21.55
CA PRO F 306 -25.72 37.87 -20.90
C PRO F 306 -26.94 38.00 -21.84
N LYS F 307 -26.73 37.88 -23.15
CA LYS F 307 -27.82 37.95 -24.13
C LYS F 307 -28.71 36.70 -24.08
N VAL F 308 -28.16 35.58 -23.62
CA VAL F 308 -28.91 34.33 -23.43
C VAL F 308 -28.89 33.85 -21.97
N ASP F 309 -28.57 34.76 -21.07
CA ASP F 309 -28.48 34.49 -19.64
C ASP F 309 -27.49 33.36 -19.29
N MET F 310 -26.38 33.33 -20.04
CA MET F 310 -25.31 32.36 -19.83
C MET F 310 -24.34 32.94 -18.82
N THR F 311 -24.49 32.57 -17.57
CA THR F 311 -23.65 33.07 -16.47
C THR F 311 -22.45 32.17 -16.22
N PHE F 312 -21.59 32.58 -15.29
CA PHE F 312 -20.48 31.72 -14.83
C PHE F 312 -21.00 30.41 -14.26
N ALA F 313 -22.02 30.48 -13.42
CA ALA F 313 -22.59 29.29 -12.78
C ALA F 313 -23.25 28.37 -13.79
N ARG F 314 -24.05 28.95 -14.67
CA ARG F 314 -24.75 28.19 -15.70
C ARG F 314 -23.77 27.62 -16.74
N GLY F 315 -22.72 28.38 -17.04
CA GLY F 315 -21.65 27.93 -17.92
C GLY F 315 -20.79 26.85 -17.31
N LEU F 316 -20.58 26.93 -16.00
CA LEU F 316 -19.78 25.94 -15.29
C LEU F 316 -20.51 24.60 -15.20
N ARG F 317 -21.82 24.64 -14.99
CA ARG F 317 -22.63 23.42 -14.96
C ARG F 317 -22.60 22.69 -16.29
N ALA F 318 -22.70 23.46 -17.37
CA ALA F 318 -22.67 22.90 -18.73
C ALA F 318 -21.31 22.27 -19.05
N ILE F 319 -20.25 22.90 -18.55
CA ILE F 319 -18.89 22.40 -18.72
C ILE F 319 -18.70 21.06 -18.02
N LEU F 320 -19.32 20.89 -16.86
CA LEU F 320 -19.17 19.67 -16.06
C LEU F 320 -19.89 18.47 -16.69
N ARG F 321 -20.84 18.73 -17.59
CA ARG F 321 -21.50 17.66 -18.36
C ARG F 321 -20.75 17.32 -19.66
N GLN F 322 -19.63 18.00 -19.91
CA GLN F 322 -18.78 17.70 -21.05
C GLN F 322 -17.63 16.74 -20.70
N ASP F 323 -17.70 16.12 -19.51
CA ASP F 323 -16.68 15.16 -19.05
C ASP F 323 -15.27 15.76 -19.14
N PRO F 324 -15.01 16.83 -18.37
CA PRO F 324 -13.69 17.42 -18.37
C PRO F 324 -12.77 16.79 -17.32
N ASP F 325 -11.48 17.07 -17.44
CA ASP F 325 -10.49 16.69 -16.44
C ASP F 325 -10.11 17.92 -15.63
N VAL F 326 -9.77 18.99 -16.34
CA VAL F 326 -9.43 20.27 -15.74
C VAL F 326 -10.48 21.32 -16.17
N VAL F 327 -10.87 22.13 -15.21
CA VAL F 327 -11.82 23.21 -15.44
C VAL F 327 -11.22 24.53 -14.98
N MET F 328 -11.47 25.60 -15.73
CA MET F 328 -11.03 26.93 -15.34
C MET F 328 -12.18 27.91 -15.37
N VAL F 329 -12.49 28.49 -14.22
CA VAL F 329 -13.55 29.49 -14.10
C VAL F 329 -12.90 30.85 -13.97
N GLY F 330 -13.30 31.79 -14.81
CA GLY F 330 -12.72 33.14 -14.76
C GLY F 330 -12.50 33.66 -13.36
N GLU F 331 -13.57 33.69 -12.59
CA GLU F 331 -13.50 34.00 -11.17
C GLU F 331 -14.77 33.56 -10.47
N ILE F 332 -14.65 33.36 -9.16
CA ILE F 332 -15.80 32.91 -8.36
C ILE F 332 -16.32 34.07 -7.50
N ARG F 333 -17.25 34.83 -8.09
CA ARG F 333 -17.76 36.06 -7.52
C ARG F 333 -18.79 35.79 -6.43
N ASP F 334 -19.69 34.85 -6.68
CA ASP F 334 -20.82 34.56 -5.78
C ASP F 334 -20.75 33.16 -5.19
N LEU F 335 -21.65 32.88 -4.26
CA LEU F 335 -21.71 31.56 -3.60
C LEU F 335 -22.14 30.44 -4.55
N GLU F 336 -23.10 30.75 -5.43
CA GLU F 336 -23.61 29.78 -6.40
C GLU F 336 -22.50 29.15 -7.26
N THR F 337 -21.61 29.99 -7.76
CA THR F 337 -20.49 29.55 -8.56
C THR F 337 -19.44 28.82 -7.71
N ALA F 338 -19.29 29.27 -6.46
CA ALA F 338 -18.34 28.64 -5.53
C ALA F 338 -18.77 27.24 -5.15
N GLN F 339 -20.06 27.06 -4.89
CA GLN F 339 -20.62 25.75 -4.54
C GLN F 339 -20.38 24.72 -5.63
N ILE F 340 -20.57 25.13 -6.89
CA ILE F 340 -20.41 24.24 -8.04
C ILE F 340 -18.94 23.88 -8.24
N ALA F 341 -18.06 24.85 -8.03
CA ALA F 341 -16.62 24.62 -8.13
C ALA F 341 -16.08 23.68 -7.06
N VAL F 342 -16.66 23.77 -5.87
CA VAL F 342 -16.31 22.89 -4.76
C VAL F 342 -16.81 21.47 -5.00
N GLN F 343 -18.02 21.35 -5.52
CA GLN F 343 -18.58 20.03 -5.84
C GLN F 343 -17.85 19.38 -7.01
N ALA F 344 -17.32 20.21 -7.91
CA ALA F 344 -16.54 19.72 -9.03
C ALA F 344 -15.22 19.12 -8.55
N SER F 345 -14.57 19.81 -7.61
CA SER F 345 -13.31 19.34 -7.04
C SER F 345 -13.42 18.04 -6.23
N LEU F 346 -14.56 17.84 -5.60
CA LEU F 346 -14.82 16.61 -4.83
C LEU F 346 -15.32 15.45 -5.69
N THR F 347 -15.68 15.74 -6.95
CA THR F 347 -16.15 14.72 -7.89
C THR F 347 -15.16 14.46 -9.04
N GLY F 348 -13.88 14.58 -8.73
CA GLY F 348 -12.80 14.21 -9.66
C GLY F 348 -12.55 15.22 -10.77
N HIS F 349 -12.49 16.49 -10.43
CA HIS F 349 -12.14 17.55 -11.41
C HIS F 349 -11.14 18.51 -10.77
N LEU F 350 -10.08 18.85 -11.51
CA LEU F 350 -9.19 19.92 -11.08
C LEU F 350 -9.78 21.26 -11.52
N VAL F 351 -10.06 22.12 -10.54
CA VAL F 351 -10.68 23.41 -10.78
C VAL F 351 -9.66 24.51 -10.56
N MET F 352 -9.63 25.48 -11.47
CA MET F 352 -8.74 26.63 -11.37
C MET F 352 -9.57 27.91 -11.51
N SER F 353 -9.34 28.86 -10.61
CA SER F 353 -10.08 30.10 -10.64
C SER F 353 -9.30 31.22 -9.99
N THR F 354 -9.95 32.36 -9.77
CA THR F 354 -9.32 33.53 -9.13
C THR F 354 -10.22 34.23 -8.13
N LEU F 355 -9.61 35.05 -7.29
CA LEU F 355 -10.30 35.95 -6.40
C LEU F 355 -9.53 37.27 -6.33
N HIS F 356 -10.15 38.28 -5.73
CA HIS F 356 -9.51 39.58 -5.57
C HIS F 356 -9.21 39.90 -4.11
N THR F 357 -8.48 39.00 -3.46
CA THR F 357 -8.07 39.19 -2.06
C THR F 357 -6.61 39.63 -2.05
N ASN F 358 -6.24 40.40 -1.02
CA ASN F 358 -4.90 40.96 -0.92
C ASN F 358 -3.84 39.95 -0.54
N THR F 359 -4.26 38.89 0.14
CA THR F 359 -3.33 37.85 0.60
C THR F 359 -3.80 36.46 0.20
N ALA F 360 -2.90 35.49 0.30
CA ALA F 360 -3.22 34.09 0.03
C ALA F 360 -4.17 33.52 1.07
N VAL F 361 -4.00 33.94 2.31
CA VAL F 361 -4.86 33.49 3.42
C VAL F 361 -6.25 34.14 3.33
N GLY F 362 -6.30 35.35 2.79
CA GLY F 362 -7.55 36.07 2.59
C GLY F 362 -8.52 35.35 1.66
N ALA F 363 -7.97 34.58 0.73
CA ALA F 363 -8.77 33.77 -0.20
C ALA F 363 -9.56 32.69 0.54
N ILE F 364 -8.95 32.11 1.58
CA ILE F 364 -9.61 31.10 2.41
C ILE F 364 -10.70 31.76 3.23
N THR F 365 -10.40 32.94 3.76
CA THR F 365 -11.37 33.74 4.52
C THR F 365 -12.51 34.21 3.63
N ARG F 366 -12.20 34.48 2.37
CA ARG F 366 -13.21 34.93 1.40
C ARG F 366 -14.21 33.82 1.10
N LEU F 367 -13.73 32.59 0.93
CA LEU F 367 -14.59 31.42 0.76
C LEU F 367 -15.48 31.20 1.98
N ARG F 368 -14.88 31.39 3.15
CA ARG F 368 -15.61 31.35 4.42
C ARG F 368 -16.75 32.36 4.45
N ASP F 369 -16.45 33.59 4.03
CA ASP F 369 -17.41 34.70 4.06
C ASP F 369 -18.54 34.56 3.03
N MET F 370 -18.22 34.00 1.87
CA MET F 370 -19.23 33.78 0.83
C MET F 370 -20.29 32.76 1.25
N GLY F 371 -19.90 31.79 2.06
CA GLY F 371 -20.82 30.80 2.61
C GLY F 371 -20.46 29.34 2.43
N ILE F 372 -19.24 29.06 1.97
CA ILE F 372 -18.79 27.68 1.81
C ILE F 372 -18.37 27.13 3.17
N GLU F 373 -18.81 25.92 3.48
CA GLU F 373 -18.56 25.29 4.77
C GLU F 373 -17.08 24.94 4.92
N PRO F 374 -16.50 25.24 6.09
CA PRO F 374 -15.08 24.97 6.38
C PRO F 374 -14.60 23.58 6.00
N PHE F 375 -15.41 22.56 6.31
CA PHE F 375 -15.09 21.17 5.98
C PHE F 375 -14.87 20.98 4.47
N LEU F 376 -15.71 21.63 3.67
CA LEU F 376 -15.63 21.52 2.22
C LEU F 376 -14.42 22.25 1.63
N ILE F 377 -13.98 23.31 2.32
CA ILE F 377 -12.81 24.08 1.89
C ILE F 377 -11.53 23.29 2.13
N SER F 378 -11.42 22.66 3.29
CA SER F 378 -10.23 21.90 3.69
C SER F 378 -9.99 20.71 2.77
N SER F 379 -11.06 20.00 2.45
CA SER F 379 -10.96 18.81 1.60
C SER F 379 -10.70 19.14 0.11
N SER F 380 -11.17 20.30 -0.33
CA SER F 380 -11.10 20.67 -1.77
C SER F 380 -9.84 21.47 -2.13
N LEU F 381 -9.49 22.44 -1.31
CA LEU F 381 -8.43 23.40 -1.64
C LEU F 381 -7.05 22.76 -1.65
N LEU F 382 -6.35 22.90 -2.78
CA LEU F 382 -4.96 22.42 -2.93
C LEU F 382 -3.95 23.49 -2.61
N GLY F 383 -4.24 24.72 -3.01
CA GLY F 383 -3.36 25.85 -2.73
C GLY F 383 -3.85 27.18 -3.29
N VAL F 384 -3.25 28.26 -2.80
CA VAL F 384 -3.58 29.62 -3.23
C VAL F 384 -2.30 30.32 -3.64
N LEU F 385 -2.31 30.91 -4.83
CA LEU F 385 -1.18 31.67 -5.34
C LEU F 385 -1.47 33.17 -5.28
N ALA F 386 -0.98 33.83 -4.24
CA ALA F 386 -1.02 35.29 -4.18
C ALA F 386 0.05 35.84 -5.12
N GLN F 387 -0.33 36.86 -5.89
CA GLN F 387 0.56 37.39 -6.92
C GLN F 387 0.47 38.89 -7.07
N ARG F 388 1.61 39.52 -7.36
CA ARG F 388 1.73 40.95 -7.70
C ARG F 388 2.70 41.13 -8.85
N LEU F 389 2.55 42.23 -9.57
CA LEU F 389 3.50 42.59 -10.64
C LEU F 389 4.34 43.78 -10.19
N VAL F 390 5.64 43.72 -10.47
CA VAL F 390 6.58 44.78 -10.15
C VAL F 390 7.35 45.18 -11.41
N ARG F 391 7.49 46.47 -11.63
CA ARG F 391 8.17 46.97 -12.82
C ARG F 391 9.65 46.69 -12.74
N THR F 392 10.20 46.15 -13.82
CA THR F 392 11.61 45.80 -13.87
C THR F 392 12.45 47.05 -14.19
N LEU F 393 13.54 47.20 -13.46
CA LEU F 393 14.44 48.34 -13.62
C LEU F 393 15.08 48.30 -15.02
N CYS F 394 15.29 49.49 -15.57
CA CYS F 394 16.04 49.65 -16.81
C CYS F 394 17.51 49.32 -16.55
N GLN F 395 18.02 48.34 -17.30
CA GLN F 395 19.39 47.83 -17.09
C GLN F 395 20.49 48.83 -17.45
N ASP F 396 20.16 49.78 -18.33
CA ASP F 396 21.14 50.75 -18.83
C ASP F 396 21.40 51.89 -17.85
N CYS F 397 20.37 52.33 -17.12
CA CYS F 397 20.49 53.51 -16.26
C CYS F 397 20.24 53.28 -14.77
N LYS F 398 20.07 52.04 -14.36
CA LYS F 398 19.85 51.73 -12.94
C LYS F 398 21.10 52.08 -12.12
N GLU F 399 20.91 52.88 -11.08
CA GLU F 399 22.00 53.39 -10.25
C GLU F 399 22.13 52.56 -8.97
N PRO F 400 23.34 52.02 -8.71
CA PRO F 400 23.56 51.24 -7.48
C PRO F 400 23.74 52.12 -6.27
N TYR F 401 23.31 51.62 -5.11
CA TYR F 401 23.51 52.32 -3.86
C TYR F 401 23.47 51.34 -2.69
N GLU F 402 24.26 51.64 -1.65
CA GLU F 402 24.31 50.78 -0.46
C GLU F 402 23.15 51.11 0.46
N ALA F 403 22.52 50.06 0.99
CA ALA F 403 21.31 50.20 1.80
C ALA F 403 21.64 50.66 3.21
N ASP F 404 20.82 51.56 3.74
CA ASP F 404 20.96 52.05 5.11
C ASP F 404 20.40 51.06 6.14
N LYS F 405 20.47 51.42 7.42
CA LYS F 405 20.05 50.55 8.52
C LYS F 405 18.55 50.20 8.46
N GLU F 406 17.72 51.19 8.14
CA GLU F 406 16.26 50.97 8.02
C GLU F 406 15.93 50.02 6.86
N GLN F 407 16.69 50.13 5.77
CA GLN F 407 16.52 49.27 4.60
C GLN F 407 17.08 47.86 4.83
N ARG F 408 18.18 47.77 5.57
CA ARG F 408 18.81 46.47 5.85
C ARG F 408 17.96 45.59 6.79
N LYS F 409 17.05 46.22 7.55
CA LYS F 409 16.12 45.48 8.42
C LYS F 409 15.17 44.56 7.66
N LEU F 410 14.80 44.95 6.44
CA LEU F 410 13.89 44.16 5.59
C LEU F 410 14.52 42.84 5.16
N PHE F 411 15.83 42.87 4.89
CA PHE F 411 16.56 41.69 4.46
C PHE F 411 17.08 40.94 5.70
N ASP F 417 28.42 42.90 5.90
CA ASP F 417 28.72 43.09 4.49
C ASP F 417 27.96 44.28 3.90
N ALA F 418 28.46 44.81 2.79
CA ALA F 418 27.83 45.94 2.10
C ALA F 418 26.74 45.43 1.15
N LEU F 419 25.49 45.67 1.52
CA LEU F 419 24.34 45.21 0.73
C LEU F 419 24.04 46.24 -0.36
N THR F 420 24.31 45.86 -1.61
CA THR F 420 24.11 46.74 -2.75
C THR F 420 22.73 46.53 -3.39
N LEU F 421 21.93 47.60 -3.42
CA LEU F 421 20.62 47.60 -4.10
C LEU F 421 20.67 48.58 -5.26
N TYR F 422 19.58 48.62 -6.05
CA TYR F 422 19.52 49.48 -7.24
C TYR F 422 18.33 50.44 -7.22
N ARG F 423 18.53 51.61 -7.79
CA ARG F 423 17.53 52.68 -7.81
C ARG F 423 17.06 52.94 -9.24
N ALA F 424 16.01 53.74 -9.39
CA ALA F 424 15.37 53.97 -10.69
C ALA F 424 16.18 54.90 -11.62
N LYS F 425 16.29 56.16 -11.23
CA LYS F 425 16.94 57.20 -12.06
C LYS F 425 16.16 57.45 -13.38
N GLY F 426 16.67 56.95 -14.50
CA GLY F 426 15.99 57.10 -15.79
C GLY F 426 16.89 57.56 -16.93
N CYS F 427 16.52 57.21 -18.14
CA CYS F 427 17.25 57.61 -19.36
C CYS F 427 16.35 57.52 -20.59
N GLU F 428 16.93 57.75 -21.78
CA GLU F 428 16.17 57.74 -23.04
C GLU F 428 15.72 56.34 -23.48
N LYS F 429 16.38 55.31 -22.97
CA LYS F 429 15.99 53.93 -23.27
C LYS F 429 14.64 53.59 -22.61
N CYS F 430 14.48 53.98 -21.35
CA CYS F 430 13.21 53.81 -20.62
C CYS F 430 12.22 54.92 -20.97
N ASN F 431 12.72 56.14 -21.17
CA ASN F 431 11.95 57.26 -21.75
C ASN F 431 10.72 57.69 -20.97
N HIS F 432 10.88 58.43 -19.87
CA HIS F 432 12.18 58.69 -19.24
C HIS F 432 12.08 58.20 -17.80
N LYS F 433 11.42 57.04 -17.65
CA LYS F 433 11.06 56.50 -16.34
C LYS F 433 12.28 55.73 -15.82
N GLY F 434 12.17 55.10 -14.67
CA GLY F 434 13.28 54.28 -14.19
C GLY F 434 13.12 52.79 -14.49
N TYR F 435 12.09 52.46 -15.26
CA TYR F 435 11.71 51.06 -15.51
C TYR F 435 11.33 50.81 -16.95
N ARG F 436 11.40 49.54 -17.33
CA ARG F 436 10.97 49.10 -18.66
C ARG F 436 10.50 47.66 -18.58
N GLY F 437 9.20 47.46 -18.72
CA GLY F 437 8.59 46.14 -18.59
C GLY F 437 8.19 45.83 -17.16
N ARG F 438 7.70 44.61 -16.94
CA ARG F 438 7.26 44.16 -15.62
C ARG F 438 7.55 42.65 -15.41
N THR F 439 7.52 42.23 -14.16
CA THR F 439 7.69 40.81 -13.80
C THR F 439 6.89 40.46 -12.55
N GLY F 440 6.57 39.19 -12.37
CA GLY F 440 5.70 38.76 -11.29
C GLY F 440 6.44 38.31 -10.03
N ILE F 441 5.84 38.64 -8.89
CA ILE F 441 6.32 38.17 -7.57
C ILE F 441 5.20 37.38 -6.94
N HIS F 442 5.55 36.32 -6.23
CA HIS F 442 4.56 35.29 -5.85
C HIS F 442 4.69 34.80 -4.42
N GLU F 443 3.56 34.30 -3.91
CA GLU F 443 3.48 33.62 -2.62
C GLU F 443 2.56 32.44 -2.79
N LEU F 444 3.11 31.24 -2.78
CA LEU F 444 2.32 30.03 -3.03
C LEU F 444 1.95 29.30 -1.73
N LEU F 445 0.71 29.48 -1.30
CA LEU F 445 0.19 28.77 -0.13
C LEU F 445 -0.12 27.34 -0.53
N MET F 446 0.52 26.38 0.14
CA MET F 446 0.34 24.97 -0.16
C MET F 446 -0.48 24.32 0.94
N VAL F 447 -1.65 23.80 0.58
CA VAL F 447 -2.54 23.16 1.55
C VAL F 447 -2.02 21.75 1.88
N ASP F 448 -1.38 21.62 3.03
CA ASP F 448 -0.87 20.33 3.52
C ASP F 448 -1.74 19.84 4.69
N ASP F 449 -1.30 18.78 5.37
CA ASP F 449 -2.08 18.13 6.45
C ASP F 449 -2.48 19.10 7.55
N LYS F 450 -1.56 19.97 7.96
CA LYS F 450 -1.84 20.90 9.07
C LYS F 450 -2.73 22.08 8.68
N VAL F 451 -2.65 22.50 7.42
CA VAL F 451 -3.52 23.56 6.90
C VAL F 451 -4.97 23.08 6.86
N GLN F 452 -5.17 21.82 6.47
CA GLN F 452 -6.51 21.21 6.44
C GLN F 452 -7.17 21.22 7.81
N GLU F 453 -6.37 20.97 8.84
CA GLU F 453 -6.85 20.97 10.23
C GLU F 453 -7.27 22.36 10.69
N LEU F 454 -6.47 23.36 10.34
CA LEU F 454 -6.73 24.75 10.75
C LEU F 454 -7.98 25.35 10.08
N ILE F 455 -8.25 24.94 8.85
CA ILE F 455 -9.45 25.38 8.13
C ILE F 455 -10.70 24.77 8.76
N HIS F 456 -10.63 23.49 9.09
CA HIS F 456 -11.75 22.77 9.73
C HIS F 456 -12.10 23.38 11.10
N ALA F 457 -11.07 23.60 11.91
CA ALA F 457 -11.24 24.14 13.27
C ALA F 457 -11.55 25.64 13.32
N GLU F 458 -11.42 26.31 12.18
CA GLU F 458 -11.64 27.77 12.09
C GLU F 458 -10.70 28.52 13.04
N ALA F 459 -9.41 28.40 12.78
CA ALA F 459 -8.37 28.98 13.63
C ALA F 459 -8.23 30.50 13.46
N GLY F 460 -8.74 31.03 12.36
CA GLY F 460 -8.67 32.47 12.08
C GLY F 460 -7.43 32.82 11.28
N GLU F 461 -7.34 34.07 10.85
CA GLU F 461 -6.23 34.53 10.00
C GLU F 461 -4.92 34.65 10.79
N GLN F 462 -5.03 35.07 12.04
CA GLN F 462 -3.87 35.32 12.90
C GLN F 462 -3.08 34.04 13.19
N ALA F 463 -3.78 33.02 13.64
CA ALA F 463 -3.15 31.73 13.96
C ALA F 463 -2.66 30.99 12.70
N MET F 464 -3.39 31.19 11.60
CA MET F 464 -3.05 30.54 10.34
C MET F 464 -1.86 31.21 9.65
N ASP F 465 -1.72 32.52 9.82
CA ASP F 465 -0.55 33.29 9.33
C ASP F 465 0.76 32.84 10.02
N LYS F 466 0.65 32.40 11.27
CA LYS F 466 1.80 31.92 12.03
C LYS F 466 2.45 30.70 11.39
N TYR F 467 1.64 29.67 11.13
CA TYR F 467 2.12 28.42 10.53
C TYR F 467 2.59 28.59 9.08
N ILE F 468 1.88 29.42 8.34
CA ILE F 468 2.18 29.67 6.91
C ILE F 468 3.56 30.31 6.73
N ARG F 469 3.96 31.16 7.67
CA ARG F 469 5.26 31.82 7.62
C ARG F 469 6.44 30.89 7.92
N GLU F 470 6.16 29.77 8.58
CA GLU F 470 7.20 28.79 8.90
C GLU F 470 7.65 28.00 7.68
N HIS F 471 6.74 27.78 6.74
CA HIS F 471 6.98 26.91 5.59
C HIS F 471 7.07 27.67 4.25
N THR F 472 6.14 28.60 4.04
CA THR F 472 6.03 29.28 2.73
C THR F 472 6.59 30.70 2.84
N PRO F 473 7.49 31.10 1.90
CA PRO F 473 7.95 32.48 1.85
C PRO F 473 6.83 33.46 1.51
N SER F 474 6.98 34.70 1.98
CA SER F 474 5.99 35.74 1.77
C SER F 474 6.08 36.31 0.36
N ILE F 475 5.15 37.18 0.02
CA ILE F 475 5.18 37.87 -1.27
C ILE F 475 6.32 38.86 -1.27
N ARG F 476 6.54 39.51 -0.11
CA ARG F 476 7.58 40.51 0.05
C ARG F 476 8.96 39.85 -0.07
N SER F 477 9.13 38.70 0.59
CA SER F 477 10.38 37.94 0.57
C SER F 477 10.79 37.56 -0.85
N ASP F 478 9.82 37.15 -1.64
CA ASP F 478 10.06 36.81 -3.06
C ASP F 478 10.40 38.07 -3.85
N GLY F 479 9.74 39.16 -3.51
CA GLY F 479 10.04 40.47 -4.12
C GLY F 479 11.42 41.00 -3.75
N LEU F 480 11.80 40.83 -2.49
CA LEU F 480 13.10 41.29 -1.98
C LEU F 480 14.27 40.54 -2.62
N ASP F 481 14.07 39.28 -2.95
CA ASP F 481 15.09 38.48 -3.63
C ASP F 481 15.39 39.06 -5.00
N LYS F 482 14.37 39.60 -5.67
CA LYS F 482 14.53 40.24 -6.97
C LYS F 482 15.21 41.59 -6.87
N VAL F 483 15.09 42.23 -5.71
CA VAL F 483 15.80 43.50 -5.44
C VAL F 483 17.30 43.23 -5.25
N LEU F 484 17.63 42.11 -4.62
CA LEU F 484 19.01 41.67 -4.47
C LEU F 484 19.63 41.29 -5.81
N GLN F 485 18.84 40.66 -6.67
CA GLN F 485 19.27 40.27 -8.03
C GLN F 485 19.44 41.49 -8.94
N GLY F 486 18.78 42.58 -8.61
CA GLY F 486 18.87 43.82 -9.40
C GLY F 486 17.84 43.88 -10.51
N VAL F 487 16.70 43.25 -10.29
CA VAL F 487 15.62 43.19 -11.29
C VAL F 487 14.64 44.35 -11.10
N THR F 488 14.24 44.55 -9.85
CA THR F 488 13.34 45.63 -9.47
C THR F 488 13.85 46.40 -8.25
N SER F 489 13.29 47.59 -8.05
CA SER F 489 13.65 48.43 -6.91
C SER F 489 12.90 48.00 -5.64
N LEU F 490 13.38 48.48 -4.51
CA LEU F 490 12.70 48.28 -3.22
C LEU F 490 11.42 49.12 -3.14
N GLU F 491 11.43 50.26 -3.81
CA GLU F 491 10.27 51.15 -3.86
C GLU F 491 9.08 50.46 -4.52
N GLU F 492 9.36 49.63 -5.53
CA GLU F 492 8.31 48.95 -6.30
C GLU F 492 7.74 47.75 -5.56
N VAL F 493 8.57 47.10 -4.75
CA VAL F 493 8.13 45.99 -3.91
C VAL F 493 7.25 46.51 -2.78
N MET F 494 7.66 47.62 -2.18
CA MET F 494 6.91 48.19 -1.05
C MET F 494 5.60 48.86 -1.45
N ARG F 495 5.47 49.28 -2.71
CA ARG F 495 4.16 49.82 -3.14
C ARG F 495 3.08 48.77 -3.36
N VAL F 496 3.45 47.64 -3.95
CA VAL F 496 2.48 46.58 -4.22
C VAL F 496 2.28 45.64 -3.04
N THR F 497 3.19 45.66 -2.09
CA THR F 497 3.09 44.84 -0.87
C THR F 497 2.69 45.68 0.35
N LYS F 498 1.68 45.24 1.07
CA LYS F 498 1.22 45.90 2.31
C LYS F 498 1.21 44.88 3.47
#